data_7UII
# 
_entry.id   7UII 
# 
_audit_conform.dict_name       mmcif_pdbx.dic 
_audit_conform.dict_version    5.403 
_audit_conform.dict_location   http://mmcif.pdb.org/dictionaries/ascii/mmcif_pdbx.dic 
# 
loop_
_database_2.database_id 
_database_2.database_code 
_database_2.pdbx_database_accession 
_database_2.pdbx_DOI 
PDB   7UII         pdb_00007uii 10.2210/pdb7uii/pdb 
WWPDB D_1000264247 ?            ?                   
EMDB  EMD-26546    ?            ?                   
# 
loop_
_pdbx_audit_revision_history.ordinal 
_pdbx_audit_revision_history.data_content_type 
_pdbx_audit_revision_history.major_revision 
_pdbx_audit_revision_history.minor_revision 
_pdbx_audit_revision_history.revision_date 
_pdbx_audit_revision_history.part_number 
1  'Structure model' 1 0 2023-04-12 ? 
2  'EM metadata'     1 0 2023-04-12 ? 
3  'Half map'        1 0 2023-04-12 1 
4  'Half map'        1 0 2023-04-12 2 
5  Image             1 0 2023-04-12 ? 
6  'Primary map'     1 0 2023-04-12 ? 
7  'Structure model' 1 1 2024-06-12 ? 
8  'Half map'        1 0 2023-04-12 1 
9  'Half map'        1 0 2023-04-12 2 
10 Image             1 0 2023-04-12 ? 
11 'Primary map'     1 0 2023-04-12 ? 
12 'Structure model' 1 2 2025-06-04 ? 
13 'EM metadata'     1 1 2025-06-04 ? 
# 
loop_
_pdbx_audit_revision_details.ordinal 
_pdbx_audit_revision_details.revision_ordinal 
_pdbx_audit_revision_details.data_content_type 
_pdbx_audit_revision_details.provider 
_pdbx_audit_revision_details.type 
_pdbx_audit_revision_details.description 
_pdbx_audit_revision_details.details 
1  1  'Structure model' repository 'Initial release' ? ? 
2  2  'EM metadata'     repository 'Initial release' ? ? 
3  3  'Half map'        repository 'Initial release' ? ? 
4  4  'Half map'        repository 'Initial release' ? ? 
5  5  Image             repository 'Initial release' ? ? 
6  6  'Primary map'     repository 'Initial release' ? ? 
7  8  'Half map'        repository 'Initial release' ? ? 
8  9  'Half map'        repository 'Initial release' ? ? 
9  10 Image             repository 'Initial release' ? ? 
10 11 'Primary map'     repository 'Initial release' ? ? 
# 
loop_
_pdbx_audit_revision_group.ordinal 
_pdbx_audit_revision_group.revision_ordinal 
_pdbx_audit_revision_group.data_content_type 
_pdbx_audit_revision_group.group 
1 7  'Structure model' 'Data collection'      
2 12 'Structure model' 'Data collection'      
3 12 'Structure model' 'Structure summary'    
4 13 'EM metadata'     'Data processing'      
5 13 'EM metadata'     'Experimental summary' 
# 
loop_
_pdbx_audit_revision_category.ordinal 
_pdbx_audit_revision_category.revision_ordinal 
_pdbx_audit_revision_category.data_content_type 
_pdbx_audit_revision_category.category 
1 7  'Structure model' chem_comp_atom     
2 7  'Structure model' chem_comp_bond     
3 12 'Structure model' em_admin           
4 12 'Structure model' em_software        
5 12 'Structure model' pdbx_entry_details 
6 13 'EM metadata'     em_admin           
7 13 'EM metadata'     em_software        
# 
loop_
_pdbx_audit_revision_item.ordinal 
_pdbx_audit_revision_item.revision_ordinal 
_pdbx_audit_revision_item.data_content_type 
_pdbx_audit_revision_item.item 
1 12 'Structure model' '_em_admin.last_update'                        
2 12 'Structure model' '_em_software.name'                            
3 12 'Structure model' '_pdbx_entry_details.has_protein_modification' 
4 13 'EM metadata'     '_em_admin.last_update'                        
5 13 'EM metadata'     '_em_software.name'                            
# 
_pdbx_database_status.status_code                     REL 
_pdbx_database_status.status_code_sf                  ? 
_pdbx_database_status.status_code_mr                  ? 
_pdbx_database_status.entry_id                        7UII 
_pdbx_database_status.recvd_initial_deposition_date   2022-03-29 
_pdbx_database_status.SG_entry                        N 
_pdbx_database_status.deposit_site                    RCSB 
_pdbx_database_status.process_site                    RCSB 
_pdbx_database_status.status_code_cs                  ? 
_pdbx_database_status.status_code_nmr_data            ? 
_pdbx_database_status.methods_development_category    ? 
_pdbx_database_status.pdb_format_compatible           Y 
# 
_pdbx_database_related.db_name        EMDB 
_pdbx_database_related.details        'Cryo-EM of self-assembled cannula CanA' 
_pdbx_database_related.db_id          EMD-26546 
_pdbx_database_related.content_type   'associated EM volume' 
# 
_pdbx_contact_author.id                 2 
_pdbx_contact_author.email              egelman@virginia.edu 
_pdbx_contact_author.name_first         Edward 
_pdbx_contact_author.name_last          Egelman 
_pdbx_contact_author.name_mi            ? 
_pdbx_contact_author.role               'principal investigator/group leader' 
_pdbx_contact_author.identifier_ORCID   0000-0003-4844-5212 
# 
loop_
_audit_author.name 
_audit_author.pdbx_ordinal 
_audit_author.identifier_ORCID 
'Wang, F.'         1 ? 
'Miller, J.G.'     2 ? 
'Egelman, E.H.'    3 ? 
'Conticello, V.P.' 4 ? 
# 
_citation.abstract                  ? 
_citation.abstract_id_CAS           ? 
_citation.book_id_ISBN              ? 
_citation.book_publisher            ? 
_citation.book_publisher_city       ? 
_citation.book_title                ? 
_citation.coordinate_linkage        ? 
_citation.country                   ? 
_citation.database_id_Medline       ? 
_citation.details                   ? 
_citation.id                        primary 
_citation.journal_abbrev            'To Be Published' 
_citation.journal_id_ASTM           ? 
_citation.journal_id_CSD            0353 
_citation.journal_id_ISSN           ? 
_citation.journal_full              ? 
_citation.journal_issue             ? 
_citation.journal_volume            ? 
_citation.language                  ? 
_citation.page_first                ? 
_citation.page_last                 ? 
_citation.title                     'Cryo-EM of self-assembled cannula CanA' 
_citation.year                      ? 
_citation.database_id_CSD           ? 
_citation.pdbx_database_id_DOI      ? 
_citation.pdbx_database_id_PubMed   ? 
_citation.pdbx_database_id_patent   ? 
_citation.unpublished_flag          ? 
# 
loop_
_citation_author.citation_id 
_citation_author.name 
_citation_author.ordinal 
_citation_author.identifier_ORCID 
primary 'Wang, F.'         1 ? 
primary 'Miller, J.G.'     2 ? 
primary 'Egelman, E.H.'    3 ? 
primary 'Conticello, V.P.' 4 ? 
# 
loop_
_entity.id 
_entity.type 
_entity.src_method 
_entity.pdbx_description 
_entity.formula_weight 
_entity.pdbx_number_of_molecules 
_entity.pdbx_ec 
_entity.pdbx_mutation 
_entity.pdbx_fragment 
_entity.details 
1 polymer     man CanA          19989.492 1 ? ? ? ? 
2 non-polymer syn 'CALCIUM ION' 40.078    2 ? ? ? ? 
3 water       nat water         18.015    2 ? ? ? ? 
# 
_entity_poly.entity_id                      1 
_entity_poly.type                           'polypeptide(L)' 
_entity_poly.nstd_linkage                   no 
_entity_poly.nstd_monomer                   no 
_entity_poly.pdbx_seq_one_letter_code       
;MTTQSPLNSFYATGTAQAVSEPIDVESHLGSITPAAGAQGSDDIGYAIVWIKDQVNDVKLKVTLANAEQLKPYFKYLQIQ
ITSGYETNSTALGNFSETKAVISLDNPSAVIVLDKEDIAVLYPDKTGYTNTSIWVPGEPDKIIVYNETKPVAILNFKAFY
EAKEGMLFDSLPVIFNFQVLQVG
;
_entity_poly.pdbx_seq_one_letter_code_can   
;MTTQSPLNSFYATGTAQAVSEPIDVESHLGSITPAAGAQGSDDIGYAIVWIKDQVNDVKLKVTLANAEQLKPYFKYLQIQ
ITSGYETNSTALGNFSETKAVISLDNPSAVIVLDKEDIAVLYPDKTGYTNTSIWVPGEPDKIIVYNETKPVAILNFKAFY
EAKEGMLFDSLPVIFNFQVLQVG
;
_entity_poly.pdbx_strand_id                 a 
_entity_poly.pdbx_target_identifier         ? 
# 
loop_
_pdbx_entity_nonpoly.entity_id 
_pdbx_entity_nonpoly.name 
_pdbx_entity_nonpoly.comp_id 
2 'CALCIUM ION' CA  
3 water         HOH 
# 
loop_
_entity_poly_seq.entity_id 
_entity_poly_seq.num 
_entity_poly_seq.mon_id 
_entity_poly_seq.hetero 
1 1   MET n 
1 2   THR n 
1 3   THR n 
1 4   GLN n 
1 5   SER n 
1 6   PRO n 
1 7   LEU n 
1 8   ASN n 
1 9   SER n 
1 10  PHE n 
1 11  TYR n 
1 12  ALA n 
1 13  THR n 
1 14  GLY n 
1 15  THR n 
1 16  ALA n 
1 17  GLN n 
1 18  ALA n 
1 19  VAL n 
1 20  SER n 
1 21  GLU n 
1 22  PRO n 
1 23  ILE n 
1 24  ASP n 
1 25  VAL n 
1 26  GLU n 
1 27  SER n 
1 28  HIS n 
1 29  LEU n 
1 30  GLY n 
1 31  SER n 
1 32  ILE n 
1 33  THR n 
1 34  PRO n 
1 35  ALA n 
1 36  ALA n 
1 37  GLY n 
1 38  ALA n 
1 39  GLN n 
1 40  GLY n 
1 41  SER n 
1 42  ASP n 
1 43  ASP n 
1 44  ILE n 
1 45  GLY n 
1 46  TYR n 
1 47  ALA n 
1 48  ILE n 
1 49  VAL n 
1 50  TRP n 
1 51  ILE n 
1 52  LYS n 
1 53  ASP n 
1 54  GLN n 
1 55  VAL n 
1 56  ASN n 
1 57  ASP n 
1 58  VAL n 
1 59  LYS n 
1 60  LEU n 
1 61  LYS n 
1 62  VAL n 
1 63  THR n 
1 64  LEU n 
1 65  ALA n 
1 66  ASN n 
1 67  ALA n 
1 68  GLU n 
1 69  GLN n 
1 70  LEU n 
1 71  LYS n 
1 72  PRO n 
1 73  TYR n 
1 74  PHE n 
1 75  LYS n 
1 76  TYR n 
1 77  LEU n 
1 78  GLN n 
1 79  ILE n 
1 80  GLN n 
1 81  ILE n 
1 82  THR n 
1 83  SER n 
1 84  GLY n 
1 85  TYR n 
1 86  GLU n 
1 87  THR n 
1 88  ASN n 
1 89  SER n 
1 90  THR n 
1 91  ALA n 
1 92  LEU n 
1 93  GLY n 
1 94  ASN n 
1 95  PHE n 
1 96  SER n 
1 97  GLU n 
1 98  THR n 
1 99  LYS n 
1 100 ALA n 
1 101 VAL n 
1 102 ILE n 
1 103 SER n 
1 104 LEU n 
1 105 ASP n 
1 106 ASN n 
1 107 PRO n 
1 108 SER n 
1 109 ALA n 
1 110 VAL n 
1 111 ILE n 
1 112 VAL n 
1 113 LEU n 
1 114 ASP n 
1 115 LYS n 
1 116 GLU n 
1 117 ASP n 
1 118 ILE n 
1 119 ALA n 
1 120 VAL n 
1 121 LEU n 
1 122 TYR n 
1 123 PRO n 
1 124 ASP n 
1 125 LYS n 
1 126 THR n 
1 127 GLY n 
1 128 TYR n 
1 129 THR n 
1 130 ASN n 
1 131 THR n 
1 132 SER n 
1 133 ILE n 
1 134 TRP n 
1 135 VAL n 
1 136 PRO n 
1 137 GLY n 
1 138 GLU n 
1 139 PRO n 
1 140 ASP n 
1 141 LYS n 
1 142 ILE n 
1 143 ILE n 
1 144 VAL n 
1 145 TYR n 
1 146 ASN n 
1 147 GLU n 
1 148 THR n 
1 149 LYS n 
1 150 PRO n 
1 151 VAL n 
1 152 ALA n 
1 153 ILE n 
1 154 LEU n 
1 155 ASN n 
1 156 PHE n 
1 157 LYS n 
1 158 ALA n 
1 159 PHE n 
1 160 TYR n 
1 161 GLU n 
1 162 ALA n 
1 163 LYS n 
1 164 GLU n 
1 165 GLY n 
1 166 MET n 
1 167 LEU n 
1 168 PHE n 
1 169 ASP n 
1 170 SER n 
1 171 LEU n 
1 172 PRO n 
1 173 VAL n 
1 174 ILE n 
1 175 PHE n 
1 176 ASN n 
1 177 PHE n 
1 178 GLN n 
1 179 VAL n 
1 180 LEU n 
1 181 GLN n 
1 182 VAL n 
1 183 GLY n 
# 
_entity_src_gen.entity_id                          1 
_entity_src_gen.pdbx_src_id                        1 
_entity_src_gen.pdbx_alt_source_flag               sample 
_entity_src_gen.pdbx_seq_type                      'Biological sequence' 
_entity_src_gen.pdbx_beg_seq_num                   1 
_entity_src_gen.pdbx_end_seq_num                   183 
_entity_src_gen.gene_src_common_name               ? 
_entity_src_gen.gene_src_genus                     ? 
_entity_src_gen.pdbx_gene_src_gene                 ? 
_entity_src_gen.gene_src_species                   ? 
_entity_src_gen.gene_src_strain                    ? 
_entity_src_gen.gene_src_tissue                    ? 
_entity_src_gen.gene_src_tissue_fraction           ? 
_entity_src_gen.gene_src_details                   ? 
_entity_src_gen.pdbx_gene_src_fragment             ? 
_entity_src_gen.pdbx_gene_src_scientific_name      'Pyrodictium abyssi' 
_entity_src_gen.pdbx_gene_src_ncbi_taxonomy_id     54256 
_entity_src_gen.pdbx_gene_src_variant              ? 
_entity_src_gen.pdbx_gene_src_cell_line            ? 
_entity_src_gen.pdbx_gene_src_atcc                 ? 
_entity_src_gen.pdbx_gene_src_organ                ? 
_entity_src_gen.pdbx_gene_src_organelle            ? 
_entity_src_gen.pdbx_gene_src_cell                 ? 
_entity_src_gen.pdbx_gene_src_cellular_location    ? 
_entity_src_gen.host_org_common_name               ? 
_entity_src_gen.pdbx_host_org_scientific_name      'Escherichia coli' 
_entity_src_gen.pdbx_host_org_ncbi_taxonomy_id     562 
_entity_src_gen.host_org_genus                     ? 
_entity_src_gen.pdbx_host_org_gene                 ? 
_entity_src_gen.pdbx_host_org_organ                ? 
_entity_src_gen.host_org_species                   ? 
_entity_src_gen.pdbx_host_org_tissue               ? 
_entity_src_gen.pdbx_host_org_tissue_fraction      ? 
_entity_src_gen.pdbx_host_org_strain               ? 
_entity_src_gen.pdbx_host_org_variant              ? 
_entity_src_gen.pdbx_host_org_cell_line            ? 
_entity_src_gen.pdbx_host_org_atcc                 ? 
_entity_src_gen.pdbx_host_org_culture_collection   ? 
_entity_src_gen.pdbx_host_org_cell                 ? 
_entity_src_gen.pdbx_host_org_organelle            ? 
_entity_src_gen.pdbx_host_org_cellular_location    ? 
_entity_src_gen.pdbx_host_org_vector_type          ? 
_entity_src_gen.pdbx_host_org_vector               ? 
_entity_src_gen.host_org_details                   ? 
_entity_src_gen.expression_system_id               ? 
_entity_src_gen.plasmid_name                       ? 
_entity_src_gen.plasmid_details                    ? 
_entity_src_gen.pdbx_description                   ? 
# 
loop_
_chem_comp.id 
_chem_comp.type 
_chem_comp.mon_nstd_flag 
_chem_comp.name 
_chem_comp.pdbx_synonyms 
_chem_comp.formula 
_chem_comp.formula_weight 
ALA 'L-peptide linking' y ALANINE         ? 'C3 H7 N O2'     89.093  
ASN 'L-peptide linking' y ASPARAGINE      ? 'C4 H8 N2 O3'    132.118 
ASP 'L-peptide linking' y 'ASPARTIC ACID' ? 'C4 H7 N O4'     133.103 
CA  non-polymer         . 'CALCIUM ION'   ? 'Ca 2'           40.078  
GLN 'L-peptide linking' y GLUTAMINE       ? 'C5 H10 N2 O3'   146.144 
GLU 'L-peptide linking' y 'GLUTAMIC ACID' ? 'C5 H9 N O4'     147.129 
GLY 'peptide linking'   y GLYCINE         ? 'C2 H5 N O2'     75.067  
HIS 'L-peptide linking' y HISTIDINE       ? 'C6 H10 N3 O2 1' 156.162 
HOH non-polymer         . WATER           ? 'H2 O'           18.015  
ILE 'L-peptide linking' y ISOLEUCINE      ? 'C6 H13 N O2'    131.173 
LEU 'L-peptide linking' y LEUCINE         ? 'C6 H13 N O2'    131.173 
LYS 'L-peptide linking' y LYSINE          ? 'C6 H15 N2 O2 1' 147.195 
MET 'L-peptide linking' y METHIONINE      ? 'C5 H11 N O2 S'  149.211 
PHE 'L-peptide linking' y PHENYLALANINE   ? 'C9 H11 N O2'    165.189 
PRO 'L-peptide linking' y PROLINE         ? 'C5 H9 N O2'     115.130 
SER 'L-peptide linking' y SERINE          ? 'C3 H7 N O3'     105.093 
THR 'L-peptide linking' y THREONINE       ? 'C4 H9 N O3'     119.119 
TRP 'L-peptide linking' y TRYPTOPHAN      ? 'C11 H12 N2 O2'  204.225 
TYR 'L-peptide linking' y TYROSINE        ? 'C9 H11 N O3'    181.189 
VAL 'L-peptide linking' y VALINE          ? 'C5 H11 N O2'    117.146 
# 
loop_
_pdbx_poly_seq_scheme.asym_id 
_pdbx_poly_seq_scheme.entity_id 
_pdbx_poly_seq_scheme.seq_id 
_pdbx_poly_seq_scheme.mon_id 
_pdbx_poly_seq_scheme.ndb_seq_num 
_pdbx_poly_seq_scheme.pdb_seq_num 
_pdbx_poly_seq_scheme.auth_seq_num 
_pdbx_poly_seq_scheme.pdb_mon_id 
_pdbx_poly_seq_scheme.auth_mon_id 
_pdbx_poly_seq_scheme.pdb_strand_id 
_pdbx_poly_seq_scheme.pdb_ins_code 
_pdbx_poly_seq_scheme.hetero 
A 1 1   MET 1   1   ?   ?   ?   a . n 
A 1 2   THR 2   2   2   THR THR a . n 
A 1 3   THR 3   3   3   THR THR a . n 
A 1 4   GLN 4   4   4   GLN GLN a . n 
A 1 5   SER 5   5   5   SER SER a . n 
A 1 6   PRO 6   6   6   PRO PRO a . n 
A 1 7   LEU 7   7   7   LEU LEU a . n 
A 1 8   ASN 8   8   8   ASN ASN a . n 
A 1 9   SER 9   9   9   SER SER a . n 
A 1 10  PHE 10  10  10  PHE PHE a . n 
A 1 11  TYR 11  11  11  TYR TYR a . n 
A 1 12  ALA 12  12  12  ALA ALA a . n 
A 1 13  THR 13  13  13  THR THR a . n 
A 1 14  GLY 14  14  14  GLY GLY a . n 
A 1 15  THR 15  15  15  THR THR a . n 
A 1 16  ALA 16  16  16  ALA ALA a . n 
A 1 17  GLN 17  17  17  GLN GLN a . n 
A 1 18  ALA 18  18  18  ALA ALA a . n 
A 1 19  VAL 19  19  19  VAL VAL a . n 
A 1 20  SER 20  20  20  SER SER a . n 
A 1 21  GLU 21  21  21  GLU GLU a . n 
A 1 22  PRO 22  22  22  PRO PRO a . n 
A 1 23  ILE 23  23  23  ILE ILE a . n 
A 1 24  ASP 24  24  24  ASP ASP a . n 
A 1 25  VAL 25  25  25  VAL VAL a . n 
A 1 26  GLU 26  26  26  GLU GLU a . n 
A 1 27  SER 27  27  27  SER SER a . n 
A 1 28  HIS 28  28  28  HIS HIS a . n 
A 1 29  LEU 29  29  29  LEU LEU a . n 
A 1 30  GLY 30  30  30  GLY GLY a . n 
A 1 31  SER 31  31  31  SER SER a . n 
A 1 32  ILE 32  32  32  ILE ILE a . n 
A 1 33  THR 33  33  33  THR THR a . n 
A 1 34  PRO 34  34  34  PRO PRO a . n 
A 1 35  ALA 35  35  35  ALA ALA a . n 
A 1 36  ALA 36  36  36  ALA ALA a . n 
A 1 37  GLY 37  37  37  GLY GLY a . n 
A 1 38  ALA 38  38  38  ALA ALA a . n 
A 1 39  GLN 39  39  39  GLN GLN a . n 
A 1 40  GLY 40  40  40  GLY GLY a . n 
A 1 41  SER 41  41  41  SER SER a . n 
A 1 42  ASP 42  42  42  ASP ASP a . n 
A 1 43  ASP 43  43  43  ASP ASP a . n 
A 1 44  ILE 44  44  44  ILE ILE a . n 
A 1 45  GLY 45  45  45  GLY GLY a . n 
A 1 46  TYR 46  46  46  TYR TYR a . n 
A 1 47  ALA 47  47  47  ALA ALA a . n 
A 1 48  ILE 48  48  48  ILE ILE a . n 
A 1 49  VAL 49  49  49  VAL VAL a . n 
A 1 50  TRP 50  50  50  TRP TRP a . n 
A 1 51  ILE 51  51  51  ILE ILE a . n 
A 1 52  LYS 52  52  52  LYS LYS a . n 
A 1 53  ASP 53  53  53  ASP ASP a . n 
A 1 54  GLN 54  54  54  GLN GLN a . n 
A 1 55  VAL 55  55  55  VAL VAL a . n 
A 1 56  ASN 56  56  56  ASN ASN a . n 
A 1 57  ASP 57  57  57  ASP ASP a . n 
A 1 58  VAL 58  58  58  VAL VAL a . n 
A 1 59  LYS 59  59  59  LYS LYS a . n 
A 1 60  LEU 60  60  60  LEU LEU a . n 
A 1 61  LYS 61  61  61  LYS LYS a . n 
A 1 62  VAL 62  62  62  VAL VAL a . n 
A 1 63  THR 63  63  63  THR THR a . n 
A 1 64  LEU 64  64  64  LEU LEU a . n 
A 1 65  ALA 65  65  65  ALA ALA a . n 
A 1 66  ASN 66  66  66  ASN ASN a . n 
A 1 67  ALA 67  67  67  ALA ALA a . n 
A 1 68  GLU 68  68  68  GLU GLU a . n 
A 1 69  GLN 69  69  69  GLN GLN a . n 
A 1 70  LEU 70  70  70  LEU LEU a . n 
A 1 71  LYS 71  71  71  LYS LYS a . n 
A 1 72  PRO 72  72  72  PRO PRO a . n 
A 1 73  TYR 73  73  73  TYR TYR a . n 
A 1 74  PHE 74  74  74  PHE PHE a . n 
A 1 75  LYS 75  75  75  LYS LYS a . n 
A 1 76  TYR 76  76  76  TYR TYR a . n 
A 1 77  LEU 77  77  77  LEU LEU a . n 
A 1 78  GLN 78  78  78  GLN GLN a . n 
A 1 79  ILE 79  79  79  ILE ILE a . n 
A 1 80  GLN 80  80  80  GLN GLN a . n 
A 1 81  ILE 81  81  81  ILE ILE a . n 
A 1 82  THR 82  82  82  THR THR a . n 
A 1 83  SER 83  83  83  SER SER a . n 
A 1 84  GLY 84  84  84  GLY GLY a . n 
A 1 85  TYR 85  85  85  TYR TYR a . n 
A 1 86  GLU 86  86  86  GLU GLU a . n 
A 1 87  THR 87  87  87  THR THR a . n 
A 1 88  ASN 88  88  88  ASN ASN a . n 
A 1 89  SER 89  89  89  SER SER a . n 
A 1 90  THR 90  90  90  THR THR a . n 
A 1 91  ALA 91  91  91  ALA ALA a . n 
A 1 92  LEU 92  92  92  LEU LEU a . n 
A 1 93  GLY 93  93  93  GLY GLY a . n 
A 1 94  ASN 94  94  94  ASN ASN a . n 
A 1 95  PHE 95  95  95  PHE PHE a . n 
A 1 96  SER 96  96  96  SER SER a . n 
A 1 97  GLU 97  97  97  GLU GLU a . n 
A 1 98  THR 98  98  98  THR THR a . n 
A 1 99  LYS 99  99  99  LYS LYS a . n 
A 1 100 ALA 100 100 100 ALA ALA a . n 
A 1 101 VAL 101 101 101 VAL VAL a . n 
A 1 102 ILE 102 102 102 ILE ILE a . n 
A 1 103 SER 103 103 103 SER SER a . n 
A 1 104 LEU 104 104 104 LEU LEU a . n 
A 1 105 ASP 105 105 105 ASP ASP a . n 
A 1 106 ASN 106 106 106 ASN ASN a . n 
A 1 107 PRO 107 107 107 PRO PRO a . n 
A 1 108 SER 108 108 108 SER SER a . n 
A 1 109 ALA 109 109 109 ALA ALA a . n 
A 1 110 VAL 110 110 110 VAL VAL a . n 
A 1 111 ILE 111 111 111 ILE ILE a . n 
A 1 112 VAL 112 112 112 VAL VAL a . n 
A 1 113 LEU 113 113 113 LEU LEU a . n 
A 1 114 ASP 114 114 114 ASP ASP a . n 
A 1 115 LYS 115 115 115 LYS LYS a . n 
A 1 116 GLU 116 116 116 GLU GLU a . n 
A 1 117 ASP 117 117 117 ASP ASP a . n 
A 1 118 ILE 118 118 118 ILE ILE a . n 
A 1 119 ALA 119 119 119 ALA ALA a . n 
A 1 120 VAL 120 120 120 VAL VAL a . n 
A 1 121 LEU 121 121 121 LEU LEU a . n 
A 1 122 TYR 122 122 122 TYR TYR a . n 
A 1 123 PRO 123 123 123 PRO PRO a . n 
A 1 124 ASP 124 124 124 ASP ASP a . n 
A 1 125 LYS 125 125 125 LYS LYS a . n 
A 1 126 THR 126 126 126 THR THR a . n 
A 1 127 GLY 127 127 127 GLY GLY a . n 
A 1 128 TYR 128 128 128 TYR TYR a . n 
A 1 129 THR 129 129 129 THR THR a . n 
A 1 130 ASN 130 130 130 ASN ASN a . n 
A 1 131 THR 131 131 131 THR THR a . n 
A 1 132 SER 132 132 132 SER SER a . n 
A 1 133 ILE 133 133 133 ILE ILE a . n 
A 1 134 TRP 134 134 134 TRP TRP a . n 
A 1 135 VAL 135 135 135 VAL VAL a . n 
A 1 136 PRO 136 136 136 PRO PRO a . n 
A 1 137 GLY 137 137 137 GLY GLY a . n 
A 1 138 GLU 138 138 138 GLU GLU a . n 
A 1 139 PRO 139 139 139 PRO PRO a . n 
A 1 140 ASP 140 140 140 ASP ASP a . n 
A 1 141 LYS 141 141 141 LYS LYS a . n 
A 1 142 ILE 142 142 142 ILE ILE a . n 
A 1 143 ILE 143 143 143 ILE ILE a . n 
A 1 144 VAL 144 144 144 VAL VAL a . n 
A 1 145 TYR 145 145 145 TYR TYR a . n 
A 1 146 ASN 146 146 146 ASN ASN a . n 
A 1 147 GLU 147 147 147 GLU GLU a . n 
A 1 148 THR 148 148 148 THR THR a . n 
A 1 149 LYS 149 149 149 LYS LYS a . n 
A 1 150 PRO 150 150 150 PRO PRO a . n 
A 1 151 VAL 151 151 151 VAL VAL a . n 
A 1 152 ALA 152 152 152 ALA ALA a . n 
A 1 153 ILE 153 153 153 ILE ILE a . n 
A 1 154 LEU 154 154 154 LEU LEU a . n 
A 1 155 ASN 155 155 155 ASN ASN a . n 
A 1 156 PHE 156 156 156 PHE PHE a . n 
A 1 157 LYS 157 157 157 LYS LYS a . n 
A 1 158 ALA 158 158 158 ALA ALA a . n 
A 1 159 PHE 159 159 159 PHE PHE a . n 
A 1 160 TYR 160 160 160 TYR TYR a . n 
A 1 161 GLU 161 161 161 GLU GLU a . n 
A 1 162 ALA 162 162 162 ALA ALA a . n 
A 1 163 LYS 163 163 163 LYS LYS a . n 
A 1 164 GLU 164 164 164 GLU GLU a . n 
A 1 165 GLY 165 165 165 GLY GLY a . n 
A 1 166 MET 166 166 166 MET MET a . n 
A 1 167 LEU 167 167 167 LEU LEU a . n 
A 1 168 PHE 168 168 168 PHE PHE a . n 
A 1 169 ASP 169 169 169 ASP ASP a . n 
A 1 170 SER 170 170 170 SER SER a . n 
A 1 171 LEU 171 171 171 LEU LEU a . n 
A 1 172 PRO 172 172 172 PRO PRO a . n 
A 1 173 VAL 173 173 173 VAL VAL a . n 
A 1 174 ILE 174 174 174 ILE ILE a . n 
A 1 175 PHE 175 175 175 PHE PHE a . n 
A 1 176 ASN 176 176 176 ASN ASN a . n 
A 1 177 PHE 177 177 177 PHE PHE a . n 
A 1 178 GLN 178 178 178 GLN GLN a . n 
A 1 179 VAL 179 179 179 VAL VAL a . n 
A 1 180 LEU 180 180 180 LEU LEU a . n 
A 1 181 GLN 181 181 181 GLN GLN a . n 
A 1 182 VAL 182 182 182 VAL VAL a . n 
A 1 183 GLY 183 183 183 GLY GLY a . n 
# 
_pdbx_entity_instance_feature.ordinal        1 
_pdbx_entity_instance_feature.comp_id        CA 
_pdbx_entity_instance_feature.asym_id        ? 
_pdbx_entity_instance_feature.seq_num        ? 
_pdbx_entity_instance_feature.auth_comp_id   CA 
_pdbx_entity_instance_feature.auth_asym_id   ? 
_pdbx_entity_instance_feature.auth_seq_num   ? 
_pdbx_entity_instance_feature.feature_type   'SUBJECT OF INVESTIGATION' 
_pdbx_entity_instance_feature.details        ? 
# 
loop_
_pdbx_nonpoly_scheme.asym_id 
_pdbx_nonpoly_scheme.entity_id 
_pdbx_nonpoly_scheme.mon_id 
_pdbx_nonpoly_scheme.ndb_seq_num 
_pdbx_nonpoly_scheme.pdb_seq_num 
_pdbx_nonpoly_scheme.auth_seq_num 
_pdbx_nonpoly_scheme.pdb_mon_id 
_pdbx_nonpoly_scheme.auth_mon_id 
_pdbx_nonpoly_scheme.pdb_strand_id 
_pdbx_nonpoly_scheme.pdb_ins_code 
B 2 CA  1 201 201 CA  CA  a . 
C 2 CA  1 202 202 CA  CA  a . 
D 3 HOH 1 301 301 HOH HOH a . 
D 3 HOH 2 302 302 HOH HOH a . 
# 
_software.citation_id            ? 
_software.classification         refinement 
_software.compiler_name          ? 
_software.compiler_version       ? 
_software.contact_author         ? 
_software.contact_author_email   ? 
_software.date                   ? 
_software.description            ? 
_software.dependencies           ? 
_software.hardware               ? 
_software.language               ? 
_software.location               ? 
_software.mods                   ? 
_software.name                   PHENIX 
_software.os                     ? 
_software.os_version             ? 
_software.type                   ? 
_software.version                1.19.2_4158: 
_software.pdbx_ordinal           1 
# 
_cell.angle_alpha                  90.00 
_cell.angle_alpha_esd              ? 
_cell.angle_beta                   90.00 
_cell.angle_beta_esd               ? 
_cell.angle_gamma                  90.00 
_cell.angle_gamma_esd              ? 
_cell.entry_id                     7UII 
_cell.details                      ? 
_cell.formula_units_Z              ? 
_cell.length_a                     1.00 
_cell.length_a_esd                 ? 
_cell.length_b                     1.00 
_cell.length_b_esd                 ? 
_cell.length_c                     1.00 
_cell.length_c_esd                 ? 
_cell.volume                       ? 
_cell.volume_esd                   ? 
_cell.Z_PDB                        ? 
_cell.reciprocal_angle_alpha       ? 
_cell.reciprocal_angle_beta        ? 
_cell.reciprocal_angle_gamma       ? 
_cell.reciprocal_angle_alpha_esd   ? 
_cell.reciprocal_angle_beta_esd    ? 
_cell.reciprocal_angle_gamma_esd   ? 
_cell.reciprocal_length_a          ? 
_cell.reciprocal_length_b          ? 
_cell.reciprocal_length_c          ? 
_cell.reciprocal_length_a_esd      ? 
_cell.reciprocal_length_b_esd      ? 
_cell.reciprocal_length_c_esd      ? 
_cell.pdbx_unique_axis             ? 
# 
_symmetry.entry_id                         7UII 
_symmetry.cell_setting                     ? 
_symmetry.Int_Tables_number                1 
_symmetry.space_group_name_Hall            ? 
_symmetry.space_group_name_H-M             'P 1' 
_symmetry.pdbx_full_space_group_name_H-M   ? 
# 
_exptl.absorpt_coefficient_mu     ? 
_exptl.absorpt_correction_T_max   ? 
_exptl.absorpt_correction_T_min   ? 
_exptl.absorpt_correction_type    ? 
_exptl.absorpt_process_details    ? 
_exptl.entry_id                   7UII 
_exptl.crystals_number            ? 
_exptl.details                    ? 
_exptl.method                     'ELECTRON MICROSCOPY' 
_exptl.method_details             ? 
# 
_refine.pdbx_refine_id                           'ELECTRON MICROSCOPY' 
_refine.entry_id                                 7UII 
_refine.pdbx_diffrn_id                           ? 
_refine.pdbx_TLS_residual_ADP_flag               ? 
_refine.ls_number_reflns_obs                     ? 
_refine.ls_number_reflns_all                     ? 
_refine.pdbx_ls_sigma_I                          ? 
_refine.pdbx_ls_sigma_F                          ? 
_refine.pdbx_data_cutoff_high_absF               ? 
_refine.pdbx_data_cutoff_low_absF                ? 
_refine.pdbx_data_cutoff_high_rms_absF           ? 
_refine.ls_d_res_low                             ? 
_refine.ls_d_res_high                            . 
_refine.ls_percent_reflns_obs                    ? 
_refine.ls_R_factor_obs                          ? 
_refine.ls_R_factor_all                          ? 
_refine.ls_R_factor_R_work                       ? 
_refine.ls_R_factor_R_free                       ? 
_refine.ls_R_factor_R_free_error                 ? 
_refine.ls_R_factor_R_free_error_details         ? 
_refine.ls_percent_reflns_R_free                 ? 
_refine.ls_number_reflns_R_free                  ? 
_refine.ls_number_parameters                     ? 
_refine.ls_number_restraints                     ? 
_refine.occupancy_min                            ? 
_refine.occupancy_max                            ? 
_refine.correlation_coeff_Fo_to_Fc               ? 
_refine.correlation_coeff_Fo_to_Fc_free          ? 
_refine.B_iso_mean                               ? 
_refine.aniso_B[1][1]                            ? 
_refine.aniso_B[2][2]                            ? 
_refine.aniso_B[3][3]                            ? 
_refine.aniso_B[1][2]                            ? 
_refine.aniso_B[1][3]                            ? 
_refine.aniso_B[2][3]                            ? 
_refine.solvent_model_details                    ? 
_refine.solvent_model_param_ksol                 ? 
_refine.solvent_model_param_bsol                 ? 
_refine.pdbx_solvent_vdw_probe_radii             ? 
_refine.pdbx_solvent_ion_probe_radii             ? 
_refine.pdbx_solvent_shrinkage_radii             ? 
_refine.pdbx_ls_cross_valid_method               ? 
_refine.details                                  ? 
_refine.pdbx_starting_model                      ? 
_refine.pdbx_method_to_determine_struct          ? 
_refine.pdbx_isotropic_thermal_model             ? 
_refine.pdbx_stereochemistry_target_values       ? 
_refine.pdbx_stereochem_target_val_spec_case     ? 
_refine.pdbx_R_Free_selection_details            ? 
_refine.pdbx_overall_ESU_R                       ? 
_refine.pdbx_overall_ESU_R_Free                  ? 
_refine.overall_SU_ML                            ? 
_refine.pdbx_overall_phase_error                 ? 
_refine.overall_SU_B                             ? 
_refine.overall_SU_R_Cruickshank_DPI             ? 
_refine.pdbx_overall_SU_R_free_Cruickshank_DPI   ? 
_refine.pdbx_overall_SU_R_Blow_DPI               ? 
_refine.pdbx_overall_SU_R_free_Blow_DPI          ? 
# 
loop_
_refine_ls_restr.pdbx_refine_id 
_refine_ls_restr.criterion 
_refine_ls_restr.dev_ideal 
_refine_ls_restr.dev_ideal_target 
_refine_ls_restr.number 
_refine_ls_restr.rejects 
_refine_ls_restr.type 
_refine_ls_restr.weight 
_refine_ls_restr.pdbx_restraint_function 
'ELECTRON MICROSCOPY' ? 0.002 ? 80360  ? f_bond_d           ? ? 
'ELECTRON MICROSCOPY' ? 0.590 ? 109816 ? f_angle_d          ? ? 
'ELECTRON MICROSCOPY' ? 5.793 ? 10696  ? f_dihedral_angle_d ? ? 
'ELECTRON MICROSCOPY' ? 0.051 ? 12880  ? f_chiral_restr     ? ? 
'ELECTRON MICROSCOPY' ? 0.004 ? 14112  ? f_plane_restr      ? ? 
# 
_struct.entry_id                     7UII 
_struct.title                        'Cryo-EM of self-assembled cannula CanA' 
_struct.pdbx_model_details           ? 
_struct.pdbx_formula_weight          ? 
_struct.pdbx_formula_weight_method   ? 
_struct.pdbx_model_type_details      ? 
_struct.pdbx_CASP_flag               N 
# 
_struct_keywords.entry_id        7UII 
_struct_keywords.text            'self-assemble, cannula, helical tube, donor strand, PROTEIN FIBRIL' 
_struct_keywords.pdbx_keywords   'PROTEIN FIBRIL' 
# 
loop_
_struct_asym.id 
_struct_asym.pdbx_blank_PDB_chainid_flag 
_struct_asym.pdbx_modified 
_struct_asym.entity_id 
_struct_asym.details 
A N N 1 ? 
B N N 2 ? 
C N N 2 ? 
D N N 3 ? 
# 
_struct_ref.id                         1 
_struct_ref.db_name                    PDB 
_struct_ref.db_code                    7UII 
_struct_ref.pdbx_db_accession          7UII 
_struct_ref.pdbx_db_isoform            ? 
_struct_ref.entity_id                  1 
_struct_ref.pdbx_seq_one_letter_code   ? 
_struct_ref.pdbx_align_begin           1 
# 
_struct_ref_seq.align_id                      1 
_struct_ref_seq.ref_id                        1 
_struct_ref_seq.pdbx_PDB_id_code              7UII 
_struct_ref_seq.pdbx_strand_id                a 
_struct_ref_seq.seq_align_beg                 1 
_struct_ref_seq.pdbx_seq_align_beg_ins_code   ? 
_struct_ref_seq.seq_align_end                 183 
_struct_ref_seq.pdbx_seq_align_end_ins_code   ? 
_struct_ref_seq.pdbx_db_accession             7UII 
_struct_ref_seq.db_align_beg                  1 
_struct_ref_seq.pdbx_db_align_beg_ins_code    ? 
_struct_ref_seq.db_align_end                  183 
_struct_ref_seq.pdbx_db_align_end_ins_code    ? 
_struct_ref_seq.pdbx_auth_seq_align_beg       1 
_struct_ref_seq.pdbx_auth_seq_align_end       183 
# 
loop_
_pdbx_struct_assembly.id 
_pdbx_struct_assembly.details 
_pdbx_struct_assembly.method_details 
_pdbx_struct_assembly.oligomeric_details 
_pdbx_struct_assembly.oligomeric_count 
1 'representative helical assembly'            ? 93-meric  93 
2 'helical asymmetric unit'                    ? monomeric 1  
3 'helical asymmetric unit, std helical frame' ? monomeric 1  
# 
loop_
_pdbx_struct_assembly_gen.assembly_id 
_pdbx_struct_assembly_gen.oper_expression 
_pdbx_struct_assembly_gen.asym_id_list 
1 '(1-93)' A,B,C,D 
2 47       A,B,C,D 
3 H        A,B,C,D 
# 
_pdbx_struct_assembly_auth_evidence.id                     1 
_pdbx_struct_assembly_auth_evidence.assembly_id            1 
_pdbx_struct_assembly_auth_evidence.experimental_support   microscopy 
_pdbx_struct_assembly_auth_evidence.details                ? 
# 
loop_
_pdbx_struct_oper_list.id 
_pdbx_struct_oper_list.type 
_pdbx_struct_oper_list.name 
_pdbx_struct_oper_list.symmetry_operation 
_pdbx_struct_oper_list.matrix[1][1] 
_pdbx_struct_oper_list.matrix[1][2] 
_pdbx_struct_oper_list.matrix[1][3] 
_pdbx_struct_oper_list.vector[1] 
_pdbx_struct_oper_list.matrix[2][1] 
_pdbx_struct_oper_list.matrix[2][2] 
_pdbx_struct_oper_list.matrix[2][3] 
_pdbx_struct_oper_list.vector[2] 
_pdbx_struct_oper_list.matrix[3][1] 
_pdbx_struct_oper_list.matrix[3][2] 
_pdbx_struct_oper_list.matrix[3][3] 
_pdbx_struct_oper_list.vector[3] 
H  'identity operation'         1_555 x,y,z 1.00000000 0.00000000  0.00000000  0.00000    0.00000000  1.00000000  0.00000000  0.00000   0.00000000  0.00000000  1.00000000  0.00000    
1  'helical symmetry operation' ?     ?     0.66268281 0.31193070  -0.68084560 -141.14511 -0.73763459 0.42896355  -0.52142639 -0.99011  0.12940904  0.84775557  0.51435764  -50.54258  
2  'helical symmetry operation' ?     ?     0.42050933 -0.90550094 -0.05692055 -17.65814  0.17416722  0.01899367  0.98453290  181.94996 -0.89041433 -0.42391896 0.16569560  -33.56643  
3  'helical symmetry operation' ?     ?     0.55933307 0.27039507  -0.78360259 -148.31925 -0.82652929 0.25400516  -0.50232531 7.48525   0.06321281  0.92863765  0.36556293  -72.21909  
4  'helical symmetry operation' ?     ?     0.52551090 -0.84997365 0.03718985  -7.48352   0.25115491  0.19674840  0.94774009  168.70303 -0.81287115 -0.48870734 0.31686848  -15.84168  
5  'helical symmetry operation' ?     ?     0.45392905 0.20153682  -0.86794662 -152.26292 -0.89069390 0.07556914  -0.44827858 19.95480  -0.02475466 0.97656143  0.21381065  -92.76486  
6  'helical symmetry operation' ?     ?     0.63006318 -0.76860376 0.11076390  -0.70735   0.30173297  0.37374253  0.87708251  151.76790 -0.71552610 -0.51919627 0.46739451  0.29697    
7  'helical symmetry operation' ?     ?     0.35147254 0.10862349  -0.92987525 -152.68059 -0.92708360 -0.09787711 -0.36185088 35.76267  -0.13031901 0.98925275  0.06630195  -111.28803 
8  'helical symmetry operation' ?     ?     0.72920482 -0.66525255 0.16031026  2.45721    0.32350132  0.54157711  0.77591309  131.88405 -0.60299853 -0.51393898 0.61013072  14.00058   
9  'helical symmetry operation' ?     ?     0.25682544 -0.00393585 -0.96644979 -149.44402 -0.93397159 -0.25810299 -0.24714353 54.09457  -0.24847086 0.96610939  -0.06996339 -126.99270 
10 'helical symmetry operation' ?     ?     0.81823121 -0.54482437 0.18347779  1.96840    0.31542698  0.69228782  0.64903266  109.93087 -0.48062825 -0.47318493 0.73830381  24.53577   
11 'helical symmetry operation' ?     ?     0.17447907 -0.13079992 -0.97593465 -142.59841 -0.91103099 -0.39750526 -0.10959974 74.01646  -0.37360352 0.90822957  -0.18851913 -139.21674 
12 'helical symmetry operation' ?     ?     0.89291775 -0.41303394 0.17916711  -2.04219   0.27789309  0.81872294  0.50246211  86.88599  -0.35422213 -0.39886803 0.84583153  31.31952   
13 'helical symmetry operation' ?     ?     0.10834103 -0.26594858 -0.95787973 -132.36019 -0.85935042 -0.50946881 0.04425357  94.51881  -0.49977902 0.81835987  -0.28373939 -147.46317 
14 'helical symmetry operation' ?     ?     0.94972032 -0.27613516 0.14758278  -9.27583   0.21268077  0.91488270  0.34315671  63.77879  -0.22977857 -0.29451488 0.92761134  33.94682   
15 'helical symmetry operation' ?     ?     0.06154980 -0.40296856 -0.91314180 -119.10681 -0.78138230 -0.58868060 0.20711554  114.56457 -0.62100992 0.70076492  -0.35110567 -151.42376 
16 'helical symmetry operation' ?     ?     0.98594346 -0.14062433 0.09022359  -19.28088  0.12288457  0.97620401  0.17867602  41.64164  -0.11320283 -0.16507737 0.97976251  32.20989   
17 'helical symmetry operation' ?     ?     0.03632577 -0.53535783 -0.84384384 -103.35878 -0.68082647 -0.63138178 0.37125783  133.13836 -0.73154341 0.56102500  -0.38742121 -150.99367 
18 'helical symmetry operation' ?     ?     0.99986824 -0.01293188 0.00981141  -31.47414  0.01276560  0.99977695  0.01682520  21.46088  -0.01002680 -0.01669774 0.99981031  26.10808   
19 'helical symmetry operation' ?     ?     0.03386592 -0.65683407 -0.75327425 -85.75500  -0.56245463 -0.63554600 0.52889135  149.29463 -0.82613430 0.40577120  -0.39096271 -146.27641 
20 'helical symmetry operation' ?     ?     0.99083390 0.10088275  -0.08983793 -45.16861  -0.11245063 0.98448292  -0.13471538 4.13000   0.07485345  0.14358290  0.98680338  15.84782   
21 'helical symmetry operation' ?     ?     0.05428696 -0.76163283 -0.64573086 -67.02241  -0.43188394 -0.60097569 0.67253585  162.20257 -0.90029394 0.24237086  -0.36156213 -137.57892 
22 'helical symmetry operation' ?     ?     0.95926914 0.19541867  -0.20399573 -59.60604  -0.24682217 0.93104767  -0.26875462 -9.59275  0.13741008  0.30815869  0.94135896  1.83290    
23 'helical symmetry operation' ?     ?     0.09661985 -0.84478107 -0.52631697 -47.94155  -0.29531039 -0.52931132 0.79537495  171.18550 -0.95050323 0.07857786  -0.30061461 -125.39702 
24 'helical symmetry operation' ?     ?     0.90667182 0.26618984  -0.32724483 -73.99293  -0.38397266 0.84200688  -0.37893192 -19.12032 0.17467458  0.46921997  0.86563354  -15.35471  
25 'helical symmetry operation' ?     ?     0.15885576 -0.90233310 -0.40069917 -29.30946  -0.15921486 -0.42395359 0.89157949  175.75301 -0.97437953 -0.07783528 -0.21101231 -110.39189 
26 'helical symmetry operation' ?     ?     0.83553785 0.30983794  -0.45373665 -87.53815  -0.51739385 0.72158584  -0.46001899 -24.06475 0.18487860  0.61912384  0.76322053  -34.98251  
27 'helical symmetry operation' ?     ?     0.23804138 -0.93155791 -0.27483843 -11.90189  -0.03005555 -0.28990209 0.95658426  175.62419 -0.97078987 -0.21944622 -0.09700718 -93.35866  
28 'helical symmetry operation' ?     ?     0.74924278 0.32429172  -0.57746874 -99.49056  -0.64075447 0.57549891  -0.50816800 -24.25555 0.16753795  0.75075688  0.63897977  -56.20218  
29 'helical symmetry operation' ?     ?     0.33041910 -0.93106868 -0.15470726 3.56351    0.08603853  -0.13351799 0.98730457  170.74101 -0.93990456 -0.33953507 0.03599089  -75.18871  
30 'helical symmetry operation' ?     ?     0.65188159 0.30886530  -0.69256957 -109.17456 -0.74820063 0.41067841  -0.52109408 -19.74783 0.12347549  0.85787264  0.49880691  -78.08988  
31 'helical symmetry operation' ?     ?     0.43160528 -0.90088862 -0.04600630 16.46126   0.18355831  0.03777775  0.98228264  161.27105 -0.88318924 -0.43240321 0.18167067  -56.82737  
32 'helical symmetry operation' ?     ?     0.54807441 0.26429071  -0.79357726 -116.02222 -0.83463367 0.23494564  -0.49818389 -10.81965 0.05478214  0.93538814  0.34935362  -99.69007  
33 'helical symmetry operation' ?     ?     0.53679831 -0.84244988 0.04610625  26.28772   0.25787616  0.21585659  0.94175678  147.59953 -0.80333521 -0.49364374 0.33311919  -39.22903  
34 'helical symmetry operation' ?     ?     0.44274721 0.19268317  -0.87569864 -119.60018 -0.89595204 0.05663967  -0.44052456 2.04119   -0.03528238 0.97962500  0.19771193  -120.06084 
35 'helical symmetry operation' ?     ?     0.64100641 -0.75852557 0.11725932  32.68498   0.30546544  0.39226806  0.86765006  130.31107 -0.70413184 -0.52035058 0.48314969  -23.31190  
36 'helical symmetry operation' ?     ?     0.34089814 0.09744068  -0.93503677 -119.63026 -0.92924598 -0.11577827 -0.35085223 18.16023  -0.14244422 0.98848404  0.05107777  -138.31862 
37 'helical symmetry operation' ?     ?     0.73928457 -0.65309817 0.16407647  35.45790   0.32406789  0.55864090  0.76347911  110.16191 -0.59028664 -0.51125641 0.62464275  -9.91440   
38 'helical symmetry operation' ?     ?     0.24736026 -0.01691716 -0.96877588 -116.00264 -0.93293560 -0.27412637 -0.23342216 36.70843  -0.26161817 0.96154488  -0.08359060 -153.68012 
39 'helical symmetry operation' ?     ?     0.82696918 -0.53117059 0.18433608  34.58327   0.31280076  0.70708013  0.63418718  88.04404  -0.46720195 -0.46679278 0.75088404  0.24463    
40 'helical symmetry operation' ?     ?     0.16657227 -0.14496372 -0.97531492 -108.78104 -0.90684579 -0.41089049 -0.09380678 56.74145  -0.38714905 0.90008584  -0.19990270 -165.49948 
41 'helical symmetry operation' ?     ?     0.89989929 -0.39852866 0.17707675  30.21101   0.27219872  0.83054182  0.48590960  64.94288  -0.34071855 -0.38906963 0.85588299  6.60001    
42 'helical symmetry operation' ?     ?     0.10236781 -0.28062274 -0.95434360 -98.19977  -0.85221462 -0.51958073 0.06136869  77.24453  -0.51307999 0.80702339  -0.29233915 -173.29894 
43 'helical symmetry operation' ?     ?     0.95461413 -0.26146671 0.14264296  22.65700   0.20418845  0.92316732  0.32568263  41.89051  -0.21683849 -0.28177519 0.93465705  8.76706    
44 'helical symmetry operation' ?     ?     0.05779362 -0.41745677 -0.90685707 -84.65253  -0.77163450 -0.59503935 0.22474066  97.18056  -0.63343515 0.68677363  -0.35651352 -176.79147 
45 'helical symmetry operation' ?     ?     0.98851731 -0.12648877 0.08266872  12.38809   0.11199729  0.98056122  0.16110958  19.91669  -0.10144030 -0.15000094 0.98346814  6.55984    
46 'helical symmetry operation' ?     ?     0.03496487 -0.54897255 -0.83510873 -68.67378  -0.66892925 -0.63368561 0.38855657  115.53938 -0.74250328 0.54504282  -0.38938053 -175.89445 
47 'identity operation'         1_555 x,y,z 1.00000000 0.00000000  0.00000000  0.00000    0.00000000  1.00000000  0.00000000  0.00000   0.00000000  0.00000000  1.00000000  0.00000    
48 'helical symmetry operation' ?     ?     0.03496487 -0.66892925 -0.74250328 -50.91337  -0.54897255 -0.63368561 0.54504282  131.38563 -0.83510873 0.38855657  -0.38938053 -170.73353 
49 'helical symmetry operation' ?     ?     0.98851731 0.11199729  -0.10144030 -13.81103  -0.12648877 0.98056122  -0.15000094 -16.97860 0.08266872  0.16110958  0.98346814  -10.68427  
50 'helical symmetry operation' ?     ?     0.05779362 -0.77163450 -0.63343515 -32.10568  -0.41745677 -0.59503935 0.68677363  143.90321 -0.90685707 0.22474066  -0.35651352 -161.63671 
51 'helical symmetry operation' ?     ?     0.95461413 0.20418845  -0.21683849 -28.28121  -0.26146671 0.92316732  -0.28177519 -30.27756 0.14264296  0.32568263  0.93465705  -25.06907  
52 'helical symmetry operation' ?     ?     0.10236781 -0.85221462 -0.51307999 -13.03480  -0.28062274 -0.51958073 0.80702339  152.43398 -0.95434360 0.06136869  -0.29233915 -149.11878 
53 'helical symmetry operation' ?     ?     0.89989929 0.27219872  -0.34071855 -42.61549  -0.39852866 0.83054182  -0.38906963 -39.32996 0.17707675  0.48590960  0.85588299  -42.55488  
54 'helical symmetry operation' ?     ?     0.16657227 -0.90684579 -0.38714905 5.50269    -0.14496372 -0.41089049 0.90008584  156.50896 -0.97531492 -0.09380678 -0.19990270 -133.85683 
55 'helical symmetry operation' ?     ?     0.82696918 0.31280076  -0.46720195 -56.02525  -0.53117059 0.70708013  -0.46679278 -43.77038 0.18433608  0.63418718  0.75088404  -62.39504  
56 'helical symmetry operation' ?     ?     0.24736026 -0.93293560 -0.26161817 22.73553   -0.01691716 -0.27412637 0.96154488  155.87064 -0.96877588 -0.23342216 -0.08359060 -116.65821 
57 'helical symmetry operation' ?     ?     0.73928457 0.32406789  -0.59028664 -67.76575  -0.65309817 0.55864090  -0.51125641 -43.45226 0.16407647  0.76347911  0.62464275  -83.73117  
58 'helical symmetry operation' ?     ?     0.34089814 -0.92924598 -0.14244422 37.95437   0.09744068  -0.11577827 0.98848404  150.48516 -0.93503677 -0.35085223 0.05107777  -98.42213  
59 'helical symmetry operation' ?     ?     0.64100641 0.30546544  -0.70413184 -77.17147  -0.75852557 0.39226806  -0.52035058 -38.45484 0.11725932  0.86765006  0.48314969  -105.63389 
60 'helical symmetry operation' ?     ?     0.44274721 -0.89595204 -0.03528238 50.54542   0.19268317  0.05663967  0.97962500  140.54393 -0.87569864 -0.44052456 0.19771193  -80.09706  
61 'helical symmetry operation' ?     ?     0.53679831 0.25787616  -0.80333521 -83.68766  -0.84244988 0.21585659  -0.49364374 -29.07942 0.04610625  0.94175678  0.33311919  -127.14695 
62 'helical symmetry operation' ?     ?     0.54807441 -0.83463367 0.05478214  60.01960   0.26429071  0.23494564  0.93538814  126.45453 -0.79357726 -0.49818389 0.34935362  -62.63568  
63 'helical symmetry operation' ?     ?     0.43160528 0.18355831  -0.88318924 -86.89673  -0.90088862 0.03777775  -0.43240321 -15.83503 -0.04600630 0.98228264  0.18167067  -147.33257 
64 'helical symmetry operation' ?     ?     0.65188159 -0.74820063 0.12347549  66.03573   0.30886530  0.41067841  0.85787264  108.82142 -0.69256957 -0.52109408 0.49880691  -46.94969  
65 'helical symmetry operation' ?     ?     0.33041910 0.08603853  -0.93990456 -86.53797  -0.93106868 -0.13351799 -0.33953507 0.58567   -0.15470726 0.98730457  0.03599089  -165.31597 
66 'helical symmetry operation' ?     ?     0.74924278 -0.64075447 0.16753795  68.41673   0.32429172  0.57549891  0.75075688  88.41718  -0.57746874 -0.50816800 0.63897977  -33.86653  
67 'helical symmetry operation' ?     ?     0.23804138 -0.03005555 -0.97078987 -82.52002  -0.93155791 -0.28990209 -0.21944622 19.33932  -0.27483843 0.95658426  -0.09700718 -180.32689 
68 'helical symmetry operation' ?     ?     0.83553785 -0.51739385 0.18487860  67.15801   0.30983794  0.72158584  0.61912384  66.14592  -0.45373665 -0.46001899 0.76322053  -24.09014  
69 'helical symmetry operation' ?     ?     0.15885576 -0.15921486 -0.97437953 -74.92513  -0.90233310 -0.42395359 -0.07783528 39.47184  -0.40069917 0.89157949  -0.21101231 -191.73610 
70 'helical symmetry operation' ?     ?     0.90667182 -0.38397266 0.17467458  62.42770   0.26618984  0.84200688  0.46921997  43.00034  -0.32724483 -0.37893192 0.86563354  -18.16755  
71 'helical symmetry operation' ?     ?     0.09661985 -0.29531039 -0.95050323 -64.00531  -0.84478107 -0.52931132 0.07857786  59.96374  -0.52631697 0.79537495  -0.30061461 -199.08529 
72 'helical symmetry operation' ?     ?     0.95926914 -0.24682217 0.13741008  54.55867   0.19541867  0.93104767  0.30815869  20.01462  -0.20399573 -0.26875462 0.94135896  -16.46289  
73 'helical symmetry operation' ?     ?     0.05428696 -0.43188394 -0.90029394 -50.17034  -0.76163283 -0.60097569 0.24237086  79.77846  -0.64573086 0.67253585  -0.36156213 -202.10881 
74 'helical symmetry operation' ?     ?     0.99083390 -0.11245063 0.07485345  44.03275   0.10088275  0.98448292  0.14358290  -1.78465  -0.08983793 -0.13471538 0.98680338  -19.14016  
75 'helical symmetry operation' ?     ?     0.03386592 -0.56245463 -0.82613430 -33.96833  -0.65683407 -0.63554600 0.40577120  97.91156  -0.75327425 0.52889135  -0.39096271 -200.74629 
76 'helical symmetry operation' ?     ?     0.99986824 0.01276560  -0.01002680 31.45781   -0.01293188 0.99977695  -0.01669774 -21.42717 0.00981141  0.01682520  0.99981031  -26.15540  
77 'helical symmetry operation' ?     ?     0.03632577 -0.68082647 -0.73154341 -16.05972  -0.53535783 -0.63138178 0.56102500  113.43842 -0.84384384 0.37125783  -0.38742121 -195.14548 
78 'helical symmetry operation' ?     ?     0.98594346 0.12288457  -0.11320283 17.53899   -0.14062433 0.97620401  -0.16507737 -38.04497 0.09022359  0.17867602  0.97976251  -37.25882  
79 'helical symmetry operation' ?     ?     0.06154980 -0.78138230 -0.62100992 2.81407    -0.40296856 -0.58868060 0.70076492  125.55810 -0.91314180 0.20711554  -0.35110567 -185.65525 
80 'helical symmetry operation' ?     ?     0.94972032 0.21268077  -0.22977857 3.04518    -0.27613516 0.91488270  -0.29451488 -50.91365 0.14758278  0.34315671  0.92761134  -52.00662  
81 'helical symmetry operation' ?     ?     0.10834103 -0.85935042 -0.49977902 21.86582   -0.26594858 -0.50946881 0.81835987  133.63132 -0.95787973 0.04425357  -0.28373939 -172.80905 
82 'helical symmetry operation' ?     ?     0.89291775 0.27789309  -0.35422213 -11.22744  -0.41303394 0.81872294  -0.39886803 -59.48669 0.17916711  0.50246211  0.84583153  -69.78206  
83 'helical symmetry operation' ?     ?     0.17447907 -0.91103099 -0.37360352 40.29986   -0.13079992 -0.39750526 0.90822957  137.21083 -0.97593465 -0.10959974 -0.18851913 -157.29956 
84 'helical symmetry operation' ?     ?     0.81823121 0.31542698  -0.48062825 -24.49319  -0.54482437 0.69228782  -0.47318493 -63.42142 0.18347779  0.64903266  0.73830381  -89.82474  
85 'helical symmetry operation' ?     ?     0.25682544 -0.93397159 -0.24847086 57.34984   -0.00393585 -0.25810299 0.96610939  136.06263 -0.96644979 -0.24714353 -0.06996339 -139.94586 
86 'helical symmetry operation' ?     ?     0.72920482 0.32350132  -0.60299853 -36.01415  -0.66525255 0.54157711  -0.51393898 -62.59527 0.16031026  0.77591309  0.61013072  -111.26666 
87 'helical symmetry operation' ?     ?     0.35147254 -0.92708360 -0.13031901 72.31507   0.10862349  -0.09787711 0.98925275  130.17704 -0.92987525 -0.36185088 0.06630195  -121.65453 
88 'helical symmetry operation' ?     ?     0.63006318 0.30173297  -0.71552610 -45.13522  -0.76860376 0.37374253  -0.51919627 -57.11161 0.11076390  0.87708251  0.46739451  -133.17342 
89 'helical symmetry operation' ?     ?     0.45392905 -0.89069390 -0.02475466 84.59382   0.20153682  0.07556914  0.97656143  119.76921 -0.86794662 -0.44827858 0.21381065  -103.37667 
90 'helical symmetry operation' ?     ?     0.52551090 0.25115491  -0.81287115 -51.31517  -0.84997365 0.19674840  -0.48870734 -47.29479 0.03718985  0.94774009  0.31686848  -154.58859 
91 'helical symmetry operation' ?     ?     0.55933307 -0.82652929 0.06321281  93.71181   0.27039507  0.25400516  0.92863765  105.26887 -0.78360259 -0.50232531 0.36556293  -86.06270  
92 'helical symmetry operation' ?     ?     0.42050933 0.17416722  -0.89041433 -54.15233  -0.90550094 0.01899367  -0.42391896 -33.67481 -0.05692055 0.98453290  0.16569560  -174.57903 
93 'helical symmetry operation' ?     ?     0.66268281 -0.73763459 0.12940904  99.34477   0.31193070  0.42896355  0.84775557  87.29997  -0.68084560 -0.52142639 0.51435764  -70.61733  
# 
_struct_conf.conf_type_id            HELX_P 
_struct_conf.id                      HELX_P1 
_struct_conf.pdbx_PDB_helix_id       AA1 
_struct_conf.beg_label_comp_id       ASN 
_struct_conf.beg_label_asym_id       A 
_struct_conf.beg_label_seq_id        66 
_struct_conf.pdbx_beg_PDB_ins_code   ? 
_struct_conf.end_label_comp_id       LYS 
_struct_conf.end_label_asym_id       A 
_struct_conf.end_label_seq_id        71 
_struct_conf.pdbx_end_PDB_ins_code   ? 
_struct_conf.beg_auth_comp_id        ASN 
_struct_conf.beg_auth_asym_id        a 
_struct_conf.beg_auth_seq_id         66 
_struct_conf.end_auth_comp_id        LYS 
_struct_conf.end_auth_asym_id        a 
_struct_conf.end_auth_seq_id         71 
_struct_conf.pdbx_PDB_helix_class    1 
_struct_conf.details                 ? 
_struct_conf.pdbx_PDB_helix_length   6 
# 
_struct_conf_type.id          HELX_P 
_struct_conf_type.criteria    ? 
_struct_conf_type.reference   ? 
# 
loop_
_struct_conn.id 
_struct_conn.conn_type_id 
_struct_conn.pdbx_leaving_atom_flag 
_struct_conn.pdbx_PDB_id 
_struct_conn.ptnr1_label_asym_id 
_struct_conn.ptnr1_label_comp_id 
_struct_conn.ptnr1_label_seq_id 
_struct_conn.ptnr1_label_atom_id 
_struct_conn.pdbx_ptnr1_label_alt_id 
_struct_conn.pdbx_ptnr1_PDB_ins_code 
_struct_conn.pdbx_ptnr1_standard_comp_id 
_struct_conn.ptnr1_symmetry 
_struct_conn.ptnr2_label_asym_id 
_struct_conn.ptnr2_label_comp_id 
_struct_conn.ptnr2_label_seq_id 
_struct_conn.ptnr2_label_atom_id 
_struct_conn.pdbx_ptnr2_label_alt_id 
_struct_conn.pdbx_ptnr2_PDB_ins_code 
_struct_conn.ptnr1_auth_asym_id 
_struct_conn.ptnr1_auth_comp_id 
_struct_conn.ptnr1_auth_seq_id 
_struct_conn.ptnr2_auth_asym_id 
_struct_conn.ptnr2_auth_comp_id 
_struct_conn.ptnr2_auth_seq_id 
_struct_conn.ptnr2_symmetry 
_struct_conn.pdbx_ptnr3_label_atom_id 
_struct_conn.pdbx_ptnr3_label_seq_id 
_struct_conn.pdbx_ptnr3_label_comp_id 
_struct_conn.pdbx_ptnr3_label_asym_id 
_struct_conn.pdbx_ptnr3_label_alt_id 
_struct_conn.pdbx_ptnr3_PDB_ins_code 
_struct_conn.details 
_struct_conn.pdbx_dist_value 
_struct_conn.pdbx_value_order 
_struct_conn.pdbx_role 
metalc1 metalc ? ? A GLY 37  O   ? ? ? 1_555 B CA . CA ? ? a GLY 37  a CA 201 1_555 ? ? ? ? ? ? ? 2.761 ? ? 
metalc2 metalc ? ? A GLN 39  O   ? ? ? 1_555 C CA . CA ? ? a GLN 39  a CA 202 1_555 ? ? ? ? ? ? ? 2.406 ? ? 
metalc3 metalc ? ? A GLU 161 OE2 ? ? ? 1_555 B CA . CA ? ? a GLU 161 a CA 201 1_555 ? ? ? ? ? ? ? 2.653 ? ? 
metalc4 metalc ? ? A GLU 164 OE1 ? ? ? 1_555 B CA . CA ? ? a GLU 164 a CA 201 1_555 ? ? ? ? ? ? ? 2.665 ? ? 
# 
_struct_conn_type.id          metalc 
_struct_conn_type.criteria    ? 
_struct_conn_type.reference   ? 
# 
loop_
_pdbx_struct_conn_angle.id 
_pdbx_struct_conn_angle.ptnr1_label_atom_id 
_pdbx_struct_conn_angle.ptnr1_label_alt_id 
_pdbx_struct_conn_angle.ptnr1_label_asym_id 
_pdbx_struct_conn_angle.ptnr1_label_comp_id 
_pdbx_struct_conn_angle.ptnr1_label_seq_id 
_pdbx_struct_conn_angle.ptnr1_auth_atom_id 
_pdbx_struct_conn_angle.ptnr1_auth_asym_id 
_pdbx_struct_conn_angle.ptnr1_auth_comp_id 
_pdbx_struct_conn_angle.ptnr1_auth_seq_id 
_pdbx_struct_conn_angle.ptnr1_PDB_ins_code 
_pdbx_struct_conn_angle.ptnr1_symmetry 
_pdbx_struct_conn_angle.ptnr2_label_atom_id 
_pdbx_struct_conn_angle.ptnr2_label_alt_id 
_pdbx_struct_conn_angle.ptnr2_label_asym_id 
_pdbx_struct_conn_angle.ptnr2_label_comp_id 
_pdbx_struct_conn_angle.ptnr2_label_seq_id 
_pdbx_struct_conn_angle.ptnr2_auth_atom_id 
_pdbx_struct_conn_angle.ptnr2_auth_asym_id 
_pdbx_struct_conn_angle.ptnr2_auth_comp_id 
_pdbx_struct_conn_angle.ptnr2_auth_seq_id 
_pdbx_struct_conn_angle.ptnr2_PDB_ins_code 
_pdbx_struct_conn_angle.ptnr2_symmetry 
_pdbx_struct_conn_angle.ptnr3_label_atom_id 
_pdbx_struct_conn_angle.ptnr3_label_alt_id 
_pdbx_struct_conn_angle.ptnr3_label_asym_id 
_pdbx_struct_conn_angle.ptnr3_label_comp_id 
_pdbx_struct_conn_angle.ptnr3_label_seq_id 
_pdbx_struct_conn_angle.ptnr3_auth_atom_id 
_pdbx_struct_conn_angle.ptnr3_auth_asym_id 
_pdbx_struct_conn_angle.ptnr3_auth_comp_id 
_pdbx_struct_conn_angle.ptnr3_auth_seq_id 
_pdbx_struct_conn_angle.ptnr3_PDB_ins_code 
_pdbx_struct_conn_angle.ptnr3_symmetry 
_pdbx_struct_conn_angle.value 
_pdbx_struct_conn_angle.value_esd 
1 O   ? A GLY 37  ? a GLY 37  ? 1_555 CA ? B CA . ? a CA 201 ? 1_555 OE2 ? A GLU 161 ? a GLU 161 ? 1_555 73.0  ? 
2 O   ? A GLY 37  ? a GLY 37  ? 1_555 CA ? B CA . ? a CA 201 ? 1_555 OE1 ? A GLU 164 ? a GLU 164 ? 1_555 76.8  ? 
3 OE2 ? A GLU 161 ? a GLU 161 ? 1_555 CA ? B CA . ? a CA 201 ? 1_555 OE1 ? A GLU 164 ? a GLU 164 ? 1_555 147.1 ? 
# 
loop_
_struct_sheet.id 
_struct_sheet.type 
_struct_sheet.number_strands 
_struct_sheet.details 
AA1 ? 5 ? 
AA2 ? 6 ? 
AA3 ? 3 ? 
# 
loop_
_struct_sheet_order.sheet_id 
_struct_sheet_order.range_id_1 
_struct_sheet_order.range_id_2 
_struct_sheet_order.offset 
_struct_sheet_order.sense 
AA1 1 2 ? anti-parallel 
AA1 2 3 ? anti-parallel 
AA1 3 4 ? anti-parallel 
AA1 4 5 ? anti-parallel 
AA2 1 2 ? anti-parallel 
AA2 2 3 ? anti-parallel 
AA2 3 4 ? anti-parallel 
AA2 4 5 ? anti-parallel 
AA2 5 6 ? anti-parallel 
AA3 1 2 ? anti-parallel 
AA3 2 3 ? anti-parallel 
# 
loop_
_struct_sheet_range.sheet_id 
_struct_sheet_range.id 
_struct_sheet_range.beg_label_comp_id 
_struct_sheet_range.beg_label_asym_id 
_struct_sheet_range.beg_label_seq_id 
_struct_sheet_range.pdbx_beg_PDB_ins_code 
_struct_sheet_range.end_label_comp_id 
_struct_sheet_range.end_label_asym_id 
_struct_sheet_range.end_label_seq_id 
_struct_sheet_range.pdbx_end_PDB_ins_code 
_struct_sheet_range.beg_auth_comp_id 
_struct_sheet_range.beg_auth_asym_id 
_struct_sheet_range.beg_auth_seq_id 
_struct_sheet_range.end_auth_comp_id 
_struct_sheet_range.end_auth_asym_id 
_struct_sheet_range.end_auth_seq_id 
AA1 1 ILE A 23  ? HIS A 28  ? ILE a 23  HIS a 28  
AA1 2 GLN A 39  ? ILE A 51  ? GLN a 39  ILE a 51  
AA1 3 VAL A 151 ? ALA A 162 ? VAL a 151 ALA a 162 
AA1 4 PHE A 74  ? THR A 87  ? PHE a 74  THR a 87  
AA1 5 PHE A 95  ? SER A 103 ? PHE a 95  SER a 103 
AA2 1 ILE A 23  ? HIS A 28  ? ILE a 23  HIS a 28  
AA2 2 GLN A 39  ? ILE A 51  ? GLN a 39  ILE a 51  
AA2 3 VAL A 151 ? ALA A 162 ? VAL a 151 ALA a 162 
AA2 4 PHE A 74  ? THR A 87  ? PHE a 74  THR a 87  
AA2 5 SER A 132 ? TRP A 134 ? SER a 132 TRP a 134 
AA2 6 ILE A 142 ? TYR A 145 ? ILE a 142 TYR a 145 
AA3 1 SER A 108 ? LEU A 113 ? SER a 108 LEU a 113 
AA3 2 VAL A 58  ? LEU A 64  ? VAL a 58  LEU a 64  
AA3 3 PHE A 175 ? VAL A 182 ? PHE a 175 VAL a 182 
# 
loop_
_pdbx_struct_sheet_hbond.sheet_id 
_pdbx_struct_sheet_hbond.range_id_1 
_pdbx_struct_sheet_hbond.range_id_2 
_pdbx_struct_sheet_hbond.range_1_label_atom_id 
_pdbx_struct_sheet_hbond.range_1_label_comp_id 
_pdbx_struct_sheet_hbond.range_1_label_asym_id 
_pdbx_struct_sheet_hbond.range_1_label_seq_id 
_pdbx_struct_sheet_hbond.range_1_PDB_ins_code 
_pdbx_struct_sheet_hbond.range_1_auth_atom_id 
_pdbx_struct_sheet_hbond.range_1_auth_comp_id 
_pdbx_struct_sheet_hbond.range_1_auth_asym_id 
_pdbx_struct_sheet_hbond.range_1_auth_seq_id 
_pdbx_struct_sheet_hbond.range_2_label_atom_id 
_pdbx_struct_sheet_hbond.range_2_label_comp_id 
_pdbx_struct_sheet_hbond.range_2_label_asym_id 
_pdbx_struct_sheet_hbond.range_2_label_seq_id 
_pdbx_struct_sheet_hbond.range_2_PDB_ins_code 
_pdbx_struct_sheet_hbond.range_2_auth_atom_id 
_pdbx_struct_sheet_hbond.range_2_auth_comp_id 
_pdbx_struct_sheet_hbond.range_2_auth_asym_id 
_pdbx_struct_sheet_hbond.range_2_auth_seq_id 
AA1 1 2 N HIS A 28  ? N HIS a 28  O TYR A 46  ? O TYR a 46  
AA1 2 3 N VAL A 49  ? N VAL a 49  O ALA A 152 ? O ALA a 152 
AA1 3 4 O PHE A 159 ? O PHE a 159 N GLN A 78  ? N GLN a 78  
AA1 4 5 N SER A 83  ? N SER a 83  O GLU A 97  ? O GLU a 97  
AA2 1 2 N HIS A 28  ? N HIS a 28  O TYR A 46  ? O TYR a 46  
AA2 2 3 N VAL A 49  ? N VAL a 49  O ALA A 152 ? O ALA a 152 
AA2 3 4 O PHE A 159 ? O PHE a 159 N GLN A 78  ? N GLN a 78  
AA2 4 5 N GLU A 86  ? N GLU a 86  O TRP A 134 ? O TRP a 134 
AA2 5 6 N ILE A 133 ? N ILE a 133 O ILE A 143 ? O ILE a 143 
AA3 1 2 O ILE A 111 ? O ILE a 111 N LEU A 60  ? N LEU a 60  
AA3 2 3 N LYS A 59  ? N LYS a 59  O LEU A 180 ? O LEU a 180 
# 
_pdbx_entry_details.entry_id                   7UII 
_pdbx_entry_details.has_ligand_of_interest     Y 
_pdbx_entry_details.compound_details           ? 
_pdbx_entry_details.source_details             ? 
_pdbx_entry_details.nonpolymer_details         ? 
_pdbx_entry_details.sequence_details           ? 
_pdbx_entry_details.has_protein_modification   N 
# 
loop_
_pdbx_validate_torsion.id 
_pdbx_validate_torsion.PDB_model_num 
_pdbx_validate_torsion.auth_comp_id 
_pdbx_validate_torsion.auth_asym_id 
_pdbx_validate_torsion.auth_seq_id 
_pdbx_validate_torsion.PDB_ins_code 
_pdbx_validate_torsion.label_alt_id 
_pdbx_validate_torsion.phi 
_pdbx_validate_torsion.psi 
1 1 GLN a 54  ? ? 38.73   49.20   
2 1 THR a 90  ? ? 56.51   3.24    
3 1 ASP a 114 ? ? -119.91 -168.50 
4 1 ASP a 124 ? ? -96.84  33.33   
5 1 SER a 170 ? ? -144.81 34.00   
# 
_pdbx_helical_symmetry.entry_id                  7UII 
_pdbx_helical_symmetry.number_of_operations      93 
_pdbx_helical_symmetry.rotation_per_n_subunits   -173.747000 
_pdbx_helical_symmetry.rise_per_n_subunits       1.590000 
_pdbx_helical_symmetry.n_subunits_divisor        1 
_pdbx_helical_symmetry.dyad_axis                 no 
_pdbx_helical_symmetry.circular_symmetry         1 
# 
_em_3d_fitting.entry_id          7UII 
_em_3d_fitting.id                1 
_em_3d_fitting.details           ? 
_em_3d_fitting.overall_b_value   ? 
_em_3d_fitting.ref_protocol      ? 
_em_3d_fitting.ref_space         ? 
_em_3d_fitting.target_criteria   ? 
_em_3d_fitting.method            ? 
# 
_em_3d_reconstruction.entry_id                    7UII 
_em_3d_reconstruction.id                          1 
_em_3d_reconstruction.algorithm                   ? 
_em_3d_reconstruction.details                     ? 
_em_3d_reconstruction.refinement_type             ? 
_em_3d_reconstruction.image_processing_id         1 
_em_3d_reconstruction.num_class_averages          ? 
_em_3d_reconstruction.num_particles               659059 
_em_3d_reconstruction.resolution                  2.6 
_em_3d_reconstruction.resolution_method           'FSC 0.143 CUT-OFF' 
_em_3d_reconstruction.symmetry_type               HELICAL 
_em_3d_reconstruction.method                      ? 
_em_3d_reconstruction.nominal_pixel_size          ? 
_em_3d_reconstruction.actual_pixel_size           ? 
_em_3d_reconstruction.magnification_calibration   ? 
# 
_em_buffer.id            1 
_em_buffer.details       ? 
_em_buffer.pH            7.4 
_em_buffer.specimen_id   1 
_em_buffer.name          ? 
# 
_em_entity_assembly.id                   1 
_em_entity_assembly.parent_id            0 
_em_entity_assembly.details              ? 
_em_entity_assembly.name                 CanA 
_em_entity_assembly.source               RECOMBINANT 
_em_entity_assembly.type                 COMPLEX 
_em_entity_assembly.entity_id_list       1 
_em_entity_assembly.synonym              ? 
_em_entity_assembly.oligomeric_details   ? 
# 
_em_imaging.id                              1 
_em_imaging.entry_id                        7UII 
_em_imaging.accelerating_voltage            300 
_em_imaging.alignment_procedure             ? 
_em_imaging.c2_aperture_diameter            ? 
_em_imaging.calibrated_defocus_max          ? 
_em_imaging.calibrated_defocus_min          ? 
_em_imaging.calibrated_magnification        ? 
_em_imaging.cryogen                         ? 
_em_imaging.details                         ? 
_em_imaging.electron_source                 'FIELD EMISSION GUN' 
_em_imaging.illumination_mode               'FLOOD BEAM' 
_em_imaging.microscope_model                'FEI TITAN KRIOS' 
_em_imaging.mode                            'BRIGHT FIELD' 
_em_imaging.nominal_cs                      ? 
_em_imaging.nominal_defocus_max             2500 
_em_imaging.nominal_defocus_min             1000 
_em_imaging.nominal_magnification           ? 
_em_imaging.recording_temperature_maximum   ? 
_em_imaging.recording_temperature_minimum   ? 
_em_imaging.residual_tilt                   ? 
_em_imaging.specimen_holder_model           ? 
_em_imaging.specimen_id                     1 
_em_imaging.citation_id                     ? 
_em_imaging.date                            ? 
_em_imaging.temperature                     ? 
_em_imaging.tilt_angle_min                  ? 
_em_imaging.tilt_angle_max                  ? 
_em_imaging.astigmatism                     ? 
_em_imaging.detector_distance               ? 
_em_imaging.electron_beam_tilt_params       ? 
_em_imaging.specimen_holder_type            ? 
# 
_em_vitrification.id                    1 
_em_vitrification.specimen_id           1 
_em_vitrification.chamber_temperature   ? 
_em_vitrification.cryogen_name          ETHANE 
_em_vitrification.details               ? 
_em_vitrification.humidity              ? 
_em_vitrification.instrument            ? 
_em_vitrification.entry_id              7UII 
_em_vitrification.citation_id           ? 
_em_vitrification.method                ? 
_em_vitrification.temp                  ? 
_em_vitrification.time_resolved_state   ? 
# 
_em_experiment.entry_id                7UII 
_em_experiment.id                      1 
_em_experiment.aggregation_state       FILAMENT 
_em_experiment.reconstruction_method   HELICAL 
_em_experiment.entity_assembly_id      1 
# 
_pdbx_unobs_or_zero_occ_residues.id               1 
_pdbx_unobs_or_zero_occ_residues.PDB_model_num    1 
_pdbx_unobs_or_zero_occ_residues.polymer_flag     Y 
_pdbx_unobs_or_zero_occ_residues.occupancy_flag   1 
_pdbx_unobs_or_zero_occ_residues.auth_asym_id     a 
_pdbx_unobs_or_zero_occ_residues.auth_comp_id     MET 
_pdbx_unobs_or_zero_occ_residues.auth_seq_id      1 
_pdbx_unobs_or_zero_occ_residues.PDB_ins_code     ? 
_pdbx_unobs_or_zero_occ_residues.label_asym_id    A 
_pdbx_unobs_or_zero_occ_residues.label_comp_id    MET 
_pdbx_unobs_or_zero_occ_residues.label_seq_id     1 
# 
loop_
_chem_comp_atom.comp_id 
_chem_comp_atom.atom_id 
_chem_comp_atom.type_symbol 
_chem_comp_atom.pdbx_aromatic_flag 
_chem_comp_atom.pdbx_stereo_config 
_chem_comp_atom.pdbx_ordinal 
ALA N    N  N N 1   
ALA CA   C  N S 2   
ALA C    C  N N 3   
ALA O    O  N N 4   
ALA CB   C  N N 5   
ALA OXT  O  N N 6   
ALA H    H  N N 7   
ALA H2   H  N N 8   
ALA HA   H  N N 9   
ALA HB1  H  N N 10  
ALA HB2  H  N N 11  
ALA HB3  H  N N 12  
ALA HXT  H  N N 13  
ASN N    N  N N 14  
ASN CA   C  N S 15  
ASN C    C  N N 16  
ASN O    O  N N 17  
ASN CB   C  N N 18  
ASN CG   C  N N 19  
ASN OD1  O  N N 20  
ASN ND2  N  N N 21  
ASN OXT  O  N N 22  
ASN H    H  N N 23  
ASN H2   H  N N 24  
ASN HA   H  N N 25  
ASN HB2  H  N N 26  
ASN HB3  H  N N 27  
ASN HD21 H  N N 28  
ASN HD22 H  N N 29  
ASN HXT  H  N N 30  
ASP N    N  N N 31  
ASP CA   C  N S 32  
ASP C    C  N N 33  
ASP O    O  N N 34  
ASP CB   C  N N 35  
ASP CG   C  N N 36  
ASP OD1  O  N N 37  
ASP OD2  O  N N 38  
ASP OXT  O  N N 39  
ASP H    H  N N 40  
ASP H2   H  N N 41  
ASP HA   H  N N 42  
ASP HB2  H  N N 43  
ASP HB3  H  N N 44  
ASP HD2  H  N N 45  
ASP HXT  H  N N 46  
CA  CA   CA N N 47  
GLN N    N  N N 48  
GLN CA   C  N S 49  
GLN C    C  N N 50  
GLN O    O  N N 51  
GLN CB   C  N N 52  
GLN CG   C  N N 53  
GLN CD   C  N N 54  
GLN OE1  O  N N 55  
GLN NE2  N  N N 56  
GLN OXT  O  N N 57  
GLN H    H  N N 58  
GLN H2   H  N N 59  
GLN HA   H  N N 60  
GLN HB2  H  N N 61  
GLN HB3  H  N N 62  
GLN HG2  H  N N 63  
GLN HG3  H  N N 64  
GLN HE21 H  N N 65  
GLN HE22 H  N N 66  
GLN HXT  H  N N 67  
GLU N    N  N N 68  
GLU CA   C  N S 69  
GLU C    C  N N 70  
GLU O    O  N N 71  
GLU CB   C  N N 72  
GLU CG   C  N N 73  
GLU CD   C  N N 74  
GLU OE1  O  N N 75  
GLU OE2  O  N N 76  
GLU OXT  O  N N 77  
GLU H    H  N N 78  
GLU H2   H  N N 79  
GLU HA   H  N N 80  
GLU HB2  H  N N 81  
GLU HB3  H  N N 82  
GLU HG2  H  N N 83  
GLU HG3  H  N N 84  
GLU HE2  H  N N 85  
GLU HXT  H  N N 86  
GLY N    N  N N 87  
GLY CA   C  N N 88  
GLY C    C  N N 89  
GLY O    O  N N 90  
GLY OXT  O  N N 91  
GLY H    H  N N 92  
GLY H2   H  N N 93  
GLY HA2  H  N N 94  
GLY HA3  H  N N 95  
GLY HXT  H  N N 96  
HIS N    N  N N 97  
HIS CA   C  N S 98  
HIS C    C  N N 99  
HIS O    O  N N 100 
HIS CB   C  N N 101 
HIS CG   C  Y N 102 
HIS ND1  N  Y N 103 
HIS CD2  C  Y N 104 
HIS CE1  C  Y N 105 
HIS NE2  N  Y N 106 
HIS OXT  O  N N 107 
HIS H    H  N N 108 
HIS H2   H  N N 109 
HIS HA   H  N N 110 
HIS HB2  H  N N 111 
HIS HB3  H  N N 112 
HIS HD1  H  N N 113 
HIS HD2  H  N N 114 
HIS HE1  H  N N 115 
HIS HE2  H  N N 116 
HIS HXT  H  N N 117 
HOH O    O  N N 118 
HOH H1   H  N N 119 
HOH H2   H  N N 120 
ILE N    N  N N 121 
ILE CA   C  N S 122 
ILE C    C  N N 123 
ILE O    O  N N 124 
ILE CB   C  N S 125 
ILE CG1  C  N N 126 
ILE CG2  C  N N 127 
ILE CD1  C  N N 128 
ILE OXT  O  N N 129 
ILE H    H  N N 130 
ILE H2   H  N N 131 
ILE HA   H  N N 132 
ILE HB   H  N N 133 
ILE HG12 H  N N 134 
ILE HG13 H  N N 135 
ILE HG21 H  N N 136 
ILE HG22 H  N N 137 
ILE HG23 H  N N 138 
ILE HD11 H  N N 139 
ILE HD12 H  N N 140 
ILE HD13 H  N N 141 
ILE HXT  H  N N 142 
LEU N    N  N N 143 
LEU CA   C  N S 144 
LEU C    C  N N 145 
LEU O    O  N N 146 
LEU CB   C  N N 147 
LEU CG   C  N N 148 
LEU CD1  C  N N 149 
LEU CD2  C  N N 150 
LEU OXT  O  N N 151 
LEU H    H  N N 152 
LEU H2   H  N N 153 
LEU HA   H  N N 154 
LEU HB2  H  N N 155 
LEU HB3  H  N N 156 
LEU HG   H  N N 157 
LEU HD11 H  N N 158 
LEU HD12 H  N N 159 
LEU HD13 H  N N 160 
LEU HD21 H  N N 161 
LEU HD22 H  N N 162 
LEU HD23 H  N N 163 
LEU HXT  H  N N 164 
LYS N    N  N N 165 
LYS CA   C  N S 166 
LYS C    C  N N 167 
LYS O    O  N N 168 
LYS CB   C  N N 169 
LYS CG   C  N N 170 
LYS CD   C  N N 171 
LYS CE   C  N N 172 
LYS NZ   N  N N 173 
LYS OXT  O  N N 174 
LYS H    H  N N 175 
LYS H2   H  N N 176 
LYS HA   H  N N 177 
LYS HB2  H  N N 178 
LYS HB3  H  N N 179 
LYS HG2  H  N N 180 
LYS HG3  H  N N 181 
LYS HD2  H  N N 182 
LYS HD3  H  N N 183 
LYS HE2  H  N N 184 
LYS HE3  H  N N 185 
LYS HZ1  H  N N 186 
LYS HZ2  H  N N 187 
LYS HZ3  H  N N 188 
LYS HXT  H  N N 189 
MET N    N  N N 190 
MET CA   C  N S 191 
MET C    C  N N 192 
MET O    O  N N 193 
MET CB   C  N N 194 
MET CG   C  N N 195 
MET SD   S  N N 196 
MET CE   C  N N 197 
MET OXT  O  N N 198 
MET H    H  N N 199 
MET H2   H  N N 200 
MET HA   H  N N 201 
MET HB2  H  N N 202 
MET HB3  H  N N 203 
MET HG2  H  N N 204 
MET HG3  H  N N 205 
MET HE1  H  N N 206 
MET HE2  H  N N 207 
MET HE3  H  N N 208 
MET HXT  H  N N 209 
PHE N    N  N N 210 
PHE CA   C  N S 211 
PHE C    C  N N 212 
PHE O    O  N N 213 
PHE CB   C  N N 214 
PHE CG   C  Y N 215 
PHE CD1  C  Y N 216 
PHE CD2  C  Y N 217 
PHE CE1  C  Y N 218 
PHE CE2  C  Y N 219 
PHE CZ   C  Y N 220 
PHE OXT  O  N N 221 
PHE H    H  N N 222 
PHE H2   H  N N 223 
PHE HA   H  N N 224 
PHE HB2  H  N N 225 
PHE HB3  H  N N 226 
PHE HD1  H  N N 227 
PHE HD2  H  N N 228 
PHE HE1  H  N N 229 
PHE HE2  H  N N 230 
PHE HZ   H  N N 231 
PHE HXT  H  N N 232 
PRO N    N  N N 233 
PRO CA   C  N S 234 
PRO C    C  N N 235 
PRO O    O  N N 236 
PRO CB   C  N N 237 
PRO CG   C  N N 238 
PRO CD   C  N N 239 
PRO OXT  O  N N 240 
PRO H    H  N N 241 
PRO HA   H  N N 242 
PRO HB2  H  N N 243 
PRO HB3  H  N N 244 
PRO HG2  H  N N 245 
PRO HG3  H  N N 246 
PRO HD2  H  N N 247 
PRO HD3  H  N N 248 
PRO HXT  H  N N 249 
SER N    N  N N 250 
SER CA   C  N S 251 
SER C    C  N N 252 
SER O    O  N N 253 
SER CB   C  N N 254 
SER OG   O  N N 255 
SER OXT  O  N N 256 
SER H    H  N N 257 
SER H2   H  N N 258 
SER HA   H  N N 259 
SER HB2  H  N N 260 
SER HB3  H  N N 261 
SER HG   H  N N 262 
SER HXT  H  N N 263 
THR N    N  N N 264 
THR CA   C  N S 265 
THR C    C  N N 266 
THR O    O  N N 267 
THR CB   C  N R 268 
THR OG1  O  N N 269 
THR CG2  C  N N 270 
THR OXT  O  N N 271 
THR H    H  N N 272 
THR H2   H  N N 273 
THR HA   H  N N 274 
THR HB   H  N N 275 
THR HG1  H  N N 276 
THR HG21 H  N N 277 
THR HG22 H  N N 278 
THR HG23 H  N N 279 
THR HXT  H  N N 280 
TRP N    N  N N 281 
TRP CA   C  N S 282 
TRP C    C  N N 283 
TRP O    O  N N 284 
TRP CB   C  N N 285 
TRP CG   C  Y N 286 
TRP CD1  C  Y N 287 
TRP CD2  C  Y N 288 
TRP NE1  N  Y N 289 
TRP CE2  C  Y N 290 
TRP CE3  C  Y N 291 
TRP CZ2  C  Y N 292 
TRP CZ3  C  Y N 293 
TRP CH2  C  Y N 294 
TRP OXT  O  N N 295 
TRP H    H  N N 296 
TRP H2   H  N N 297 
TRP HA   H  N N 298 
TRP HB2  H  N N 299 
TRP HB3  H  N N 300 
TRP HD1  H  N N 301 
TRP HE1  H  N N 302 
TRP HE3  H  N N 303 
TRP HZ2  H  N N 304 
TRP HZ3  H  N N 305 
TRP HH2  H  N N 306 
TRP HXT  H  N N 307 
TYR N    N  N N 308 
TYR CA   C  N S 309 
TYR C    C  N N 310 
TYR O    O  N N 311 
TYR CB   C  N N 312 
TYR CG   C  Y N 313 
TYR CD1  C  Y N 314 
TYR CD2  C  Y N 315 
TYR CE1  C  Y N 316 
TYR CE2  C  Y N 317 
TYR CZ   C  Y N 318 
TYR OH   O  N N 319 
TYR OXT  O  N N 320 
TYR H    H  N N 321 
TYR H2   H  N N 322 
TYR HA   H  N N 323 
TYR HB2  H  N N 324 
TYR HB3  H  N N 325 
TYR HD1  H  N N 326 
TYR HD2  H  N N 327 
TYR HE1  H  N N 328 
TYR HE2  H  N N 329 
TYR HH   H  N N 330 
TYR HXT  H  N N 331 
VAL N    N  N N 332 
VAL CA   C  N S 333 
VAL C    C  N N 334 
VAL O    O  N N 335 
VAL CB   C  N N 336 
VAL CG1  C  N N 337 
VAL CG2  C  N N 338 
VAL OXT  O  N N 339 
VAL H    H  N N 340 
VAL H2   H  N N 341 
VAL HA   H  N N 342 
VAL HB   H  N N 343 
VAL HG11 H  N N 344 
VAL HG12 H  N N 345 
VAL HG13 H  N N 346 
VAL HG21 H  N N 347 
VAL HG22 H  N N 348 
VAL HG23 H  N N 349 
VAL HXT  H  N N 350 
# 
loop_
_chem_comp_bond.comp_id 
_chem_comp_bond.atom_id_1 
_chem_comp_bond.atom_id_2 
_chem_comp_bond.value_order 
_chem_comp_bond.pdbx_aromatic_flag 
_chem_comp_bond.pdbx_stereo_config 
_chem_comp_bond.pdbx_ordinal 
ALA N   CA   sing N N 1   
ALA N   H    sing N N 2   
ALA N   H2   sing N N 3   
ALA CA  C    sing N N 4   
ALA CA  CB   sing N N 5   
ALA CA  HA   sing N N 6   
ALA C   O    doub N N 7   
ALA C   OXT  sing N N 8   
ALA CB  HB1  sing N N 9   
ALA CB  HB2  sing N N 10  
ALA CB  HB3  sing N N 11  
ALA OXT HXT  sing N N 12  
ASN N   CA   sing N N 13  
ASN N   H    sing N N 14  
ASN N   H2   sing N N 15  
ASN CA  C    sing N N 16  
ASN CA  CB   sing N N 17  
ASN CA  HA   sing N N 18  
ASN C   O    doub N N 19  
ASN C   OXT  sing N N 20  
ASN CB  CG   sing N N 21  
ASN CB  HB2  sing N N 22  
ASN CB  HB3  sing N N 23  
ASN CG  OD1  doub N N 24  
ASN CG  ND2  sing N N 25  
ASN ND2 HD21 sing N N 26  
ASN ND2 HD22 sing N N 27  
ASN OXT HXT  sing N N 28  
ASP N   CA   sing N N 29  
ASP N   H    sing N N 30  
ASP N   H2   sing N N 31  
ASP CA  C    sing N N 32  
ASP CA  CB   sing N N 33  
ASP CA  HA   sing N N 34  
ASP C   O    doub N N 35  
ASP C   OXT  sing N N 36  
ASP CB  CG   sing N N 37  
ASP CB  HB2  sing N N 38  
ASP CB  HB3  sing N N 39  
ASP CG  OD1  doub N N 40  
ASP CG  OD2  sing N N 41  
ASP OD2 HD2  sing N N 42  
ASP OXT HXT  sing N N 43  
GLN N   CA   sing N N 44  
GLN N   H    sing N N 45  
GLN N   H2   sing N N 46  
GLN CA  C    sing N N 47  
GLN CA  CB   sing N N 48  
GLN CA  HA   sing N N 49  
GLN C   O    doub N N 50  
GLN C   OXT  sing N N 51  
GLN CB  CG   sing N N 52  
GLN CB  HB2  sing N N 53  
GLN CB  HB3  sing N N 54  
GLN CG  CD   sing N N 55  
GLN CG  HG2  sing N N 56  
GLN CG  HG3  sing N N 57  
GLN CD  OE1  doub N N 58  
GLN CD  NE2  sing N N 59  
GLN NE2 HE21 sing N N 60  
GLN NE2 HE22 sing N N 61  
GLN OXT HXT  sing N N 62  
GLU N   CA   sing N N 63  
GLU N   H    sing N N 64  
GLU N   H2   sing N N 65  
GLU CA  C    sing N N 66  
GLU CA  CB   sing N N 67  
GLU CA  HA   sing N N 68  
GLU C   O    doub N N 69  
GLU C   OXT  sing N N 70  
GLU CB  CG   sing N N 71  
GLU CB  HB2  sing N N 72  
GLU CB  HB3  sing N N 73  
GLU CG  CD   sing N N 74  
GLU CG  HG2  sing N N 75  
GLU CG  HG3  sing N N 76  
GLU CD  OE1  doub N N 77  
GLU CD  OE2  sing N N 78  
GLU OE2 HE2  sing N N 79  
GLU OXT HXT  sing N N 80  
GLY N   CA   sing N N 81  
GLY N   H    sing N N 82  
GLY N   H2   sing N N 83  
GLY CA  C    sing N N 84  
GLY CA  HA2  sing N N 85  
GLY CA  HA3  sing N N 86  
GLY C   O    doub N N 87  
GLY C   OXT  sing N N 88  
GLY OXT HXT  sing N N 89  
HIS N   CA   sing N N 90  
HIS N   H    sing N N 91  
HIS N   H2   sing N N 92  
HIS CA  C    sing N N 93  
HIS CA  CB   sing N N 94  
HIS CA  HA   sing N N 95  
HIS C   O    doub N N 96  
HIS C   OXT  sing N N 97  
HIS CB  CG   sing N N 98  
HIS CB  HB2  sing N N 99  
HIS CB  HB3  sing N N 100 
HIS CG  ND1  sing Y N 101 
HIS CG  CD2  doub Y N 102 
HIS ND1 CE1  doub Y N 103 
HIS ND1 HD1  sing N N 104 
HIS CD2 NE2  sing Y N 105 
HIS CD2 HD2  sing N N 106 
HIS CE1 NE2  sing Y N 107 
HIS CE1 HE1  sing N N 108 
HIS NE2 HE2  sing N N 109 
HIS OXT HXT  sing N N 110 
HOH O   H1   sing N N 111 
HOH O   H2   sing N N 112 
ILE N   CA   sing N N 113 
ILE N   H    sing N N 114 
ILE N   H2   sing N N 115 
ILE CA  C    sing N N 116 
ILE CA  CB   sing N N 117 
ILE CA  HA   sing N N 118 
ILE C   O    doub N N 119 
ILE C   OXT  sing N N 120 
ILE CB  CG1  sing N N 121 
ILE CB  CG2  sing N N 122 
ILE CB  HB   sing N N 123 
ILE CG1 CD1  sing N N 124 
ILE CG1 HG12 sing N N 125 
ILE CG1 HG13 sing N N 126 
ILE CG2 HG21 sing N N 127 
ILE CG2 HG22 sing N N 128 
ILE CG2 HG23 sing N N 129 
ILE CD1 HD11 sing N N 130 
ILE CD1 HD12 sing N N 131 
ILE CD1 HD13 sing N N 132 
ILE OXT HXT  sing N N 133 
LEU N   CA   sing N N 134 
LEU N   H    sing N N 135 
LEU N   H2   sing N N 136 
LEU CA  C    sing N N 137 
LEU CA  CB   sing N N 138 
LEU CA  HA   sing N N 139 
LEU C   O    doub N N 140 
LEU C   OXT  sing N N 141 
LEU CB  CG   sing N N 142 
LEU CB  HB2  sing N N 143 
LEU CB  HB3  sing N N 144 
LEU CG  CD1  sing N N 145 
LEU CG  CD2  sing N N 146 
LEU CG  HG   sing N N 147 
LEU CD1 HD11 sing N N 148 
LEU CD1 HD12 sing N N 149 
LEU CD1 HD13 sing N N 150 
LEU CD2 HD21 sing N N 151 
LEU CD2 HD22 sing N N 152 
LEU CD2 HD23 sing N N 153 
LEU OXT HXT  sing N N 154 
LYS N   CA   sing N N 155 
LYS N   H    sing N N 156 
LYS N   H2   sing N N 157 
LYS CA  C    sing N N 158 
LYS CA  CB   sing N N 159 
LYS CA  HA   sing N N 160 
LYS C   O    doub N N 161 
LYS C   OXT  sing N N 162 
LYS CB  CG   sing N N 163 
LYS CB  HB2  sing N N 164 
LYS CB  HB3  sing N N 165 
LYS CG  CD   sing N N 166 
LYS CG  HG2  sing N N 167 
LYS CG  HG3  sing N N 168 
LYS CD  CE   sing N N 169 
LYS CD  HD2  sing N N 170 
LYS CD  HD3  sing N N 171 
LYS CE  NZ   sing N N 172 
LYS CE  HE2  sing N N 173 
LYS CE  HE3  sing N N 174 
LYS NZ  HZ1  sing N N 175 
LYS NZ  HZ2  sing N N 176 
LYS NZ  HZ3  sing N N 177 
LYS OXT HXT  sing N N 178 
MET N   CA   sing N N 179 
MET N   H    sing N N 180 
MET N   H2   sing N N 181 
MET CA  C    sing N N 182 
MET CA  CB   sing N N 183 
MET CA  HA   sing N N 184 
MET C   O    doub N N 185 
MET C   OXT  sing N N 186 
MET CB  CG   sing N N 187 
MET CB  HB2  sing N N 188 
MET CB  HB3  sing N N 189 
MET CG  SD   sing N N 190 
MET CG  HG2  sing N N 191 
MET CG  HG3  sing N N 192 
MET SD  CE   sing N N 193 
MET CE  HE1  sing N N 194 
MET CE  HE2  sing N N 195 
MET CE  HE3  sing N N 196 
MET OXT HXT  sing N N 197 
PHE N   CA   sing N N 198 
PHE N   H    sing N N 199 
PHE N   H2   sing N N 200 
PHE CA  C    sing N N 201 
PHE CA  CB   sing N N 202 
PHE CA  HA   sing N N 203 
PHE C   O    doub N N 204 
PHE C   OXT  sing N N 205 
PHE CB  CG   sing N N 206 
PHE CB  HB2  sing N N 207 
PHE CB  HB3  sing N N 208 
PHE CG  CD1  doub Y N 209 
PHE CG  CD2  sing Y N 210 
PHE CD1 CE1  sing Y N 211 
PHE CD1 HD1  sing N N 212 
PHE CD2 CE2  doub Y N 213 
PHE CD2 HD2  sing N N 214 
PHE CE1 CZ   doub Y N 215 
PHE CE1 HE1  sing N N 216 
PHE CE2 CZ   sing Y N 217 
PHE CE2 HE2  sing N N 218 
PHE CZ  HZ   sing N N 219 
PHE OXT HXT  sing N N 220 
PRO N   CA   sing N N 221 
PRO N   CD   sing N N 222 
PRO N   H    sing N N 223 
PRO CA  C    sing N N 224 
PRO CA  CB   sing N N 225 
PRO CA  HA   sing N N 226 
PRO C   O    doub N N 227 
PRO C   OXT  sing N N 228 
PRO CB  CG   sing N N 229 
PRO CB  HB2  sing N N 230 
PRO CB  HB3  sing N N 231 
PRO CG  CD   sing N N 232 
PRO CG  HG2  sing N N 233 
PRO CG  HG3  sing N N 234 
PRO CD  HD2  sing N N 235 
PRO CD  HD3  sing N N 236 
PRO OXT HXT  sing N N 237 
SER N   CA   sing N N 238 
SER N   H    sing N N 239 
SER N   H2   sing N N 240 
SER CA  C    sing N N 241 
SER CA  CB   sing N N 242 
SER CA  HA   sing N N 243 
SER C   O    doub N N 244 
SER C   OXT  sing N N 245 
SER CB  OG   sing N N 246 
SER CB  HB2  sing N N 247 
SER CB  HB3  sing N N 248 
SER OG  HG   sing N N 249 
SER OXT HXT  sing N N 250 
THR N   CA   sing N N 251 
THR N   H    sing N N 252 
THR N   H2   sing N N 253 
THR CA  C    sing N N 254 
THR CA  CB   sing N N 255 
THR CA  HA   sing N N 256 
THR C   O    doub N N 257 
THR C   OXT  sing N N 258 
THR CB  OG1  sing N N 259 
THR CB  CG2  sing N N 260 
THR CB  HB   sing N N 261 
THR OG1 HG1  sing N N 262 
THR CG2 HG21 sing N N 263 
THR CG2 HG22 sing N N 264 
THR CG2 HG23 sing N N 265 
THR OXT HXT  sing N N 266 
TRP N   CA   sing N N 267 
TRP N   H    sing N N 268 
TRP N   H2   sing N N 269 
TRP CA  C    sing N N 270 
TRP CA  CB   sing N N 271 
TRP CA  HA   sing N N 272 
TRP C   O    doub N N 273 
TRP C   OXT  sing N N 274 
TRP CB  CG   sing N N 275 
TRP CB  HB2  sing N N 276 
TRP CB  HB3  sing N N 277 
TRP CG  CD1  doub Y N 278 
TRP CG  CD2  sing Y N 279 
TRP CD1 NE1  sing Y N 280 
TRP CD1 HD1  sing N N 281 
TRP CD2 CE2  doub Y N 282 
TRP CD2 CE3  sing Y N 283 
TRP NE1 CE2  sing Y N 284 
TRP NE1 HE1  sing N N 285 
TRP CE2 CZ2  sing Y N 286 
TRP CE3 CZ3  doub Y N 287 
TRP CE3 HE3  sing N N 288 
TRP CZ2 CH2  doub Y N 289 
TRP CZ2 HZ2  sing N N 290 
TRP CZ3 CH2  sing Y N 291 
TRP CZ3 HZ3  sing N N 292 
TRP CH2 HH2  sing N N 293 
TRP OXT HXT  sing N N 294 
TYR N   CA   sing N N 295 
TYR N   H    sing N N 296 
TYR N   H2   sing N N 297 
TYR CA  C    sing N N 298 
TYR CA  CB   sing N N 299 
TYR CA  HA   sing N N 300 
TYR C   O    doub N N 301 
TYR C   OXT  sing N N 302 
TYR CB  CG   sing N N 303 
TYR CB  HB2  sing N N 304 
TYR CB  HB3  sing N N 305 
TYR CG  CD1  doub Y N 306 
TYR CG  CD2  sing Y N 307 
TYR CD1 CE1  sing Y N 308 
TYR CD1 HD1  sing N N 309 
TYR CD2 CE2  doub Y N 310 
TYR CD2 HD2  sing N N 311 
TYR CE1 CZ   doub Y N 312 
TYR CE1 HE1  sing N N 313 
TYR CE2 CZ   sing Y N 314 
TYR CE2 HE2  sing N N 315 
TYR CZ  OH   sing N N 316 
TYR OH  HH   sing N N 317 
TYR OXT HXT  sing N N 318 
VAL N   CA   sing N N 319 
VAL N   H    sing N N 320 
VAL N   H2   sing N N 321 
VAL CA  C    sing N N 322 
VAL CA  CB   sing N N 323 
VAL CA  HA   sing N N 324 
VAL C   O    doub N N 325 
VAL C   OXT  sing N N 326 
VAL CB  CG1  sing N N 327 
VAL CB  CG2  sing N N 328 
VAL CB  HB   sing N N 329 
VAL CG1 HG11 sing N N 330 
VAL CG1 HG12 sing N N 331 
VAL CG1 HG13 sing N N 332 
VAL CG2 HG21 sing N N 333 
VAL CG2 HG22 sing N N 334 
VAL CG2 HG23 sing N N 335 
VAL OXT HXT  sing N N 336 
# 
_em_admin.entry_id           7UII 
_em_admin.current_status     REL 
_em_admin.deposition_date    2022-03-29 
_em_admin.deposition_site    RCSB 
_em_admin.last_update        2025-06-04 
_em_admin.map_release_date   2023-04-12 
_em_admin.title              'Cryo-EM of self-assembled cannula CanA' 
# 
_em_ctf_correction.id                       1 
_em_ctf_correction.em_image_processing_id   1 
_em_ctf_correction.type                     'PHASE FLIPPING AND AMPLITUDE CORRECTION' 
_em_ctf_correction.details                  ? 
# 
_em_entity_assembly_naturalsource.id                   2 
_em_entity_assembly_naturalsource.entity_assembly_id   1 
_em_entity_assembly_naturalsource.cell                 ? 
_em_entity_assembly_naturalsource.cellular_location    ? 
_em_entity_assembly_naturalsource.ncbi_tax_id          54256 
_em_entity_assembly_naturalsource.organ                ? 
_em_entity_assembly_naturalsource.organelle            ? 
_em_entity_assembly_naturalsource.organism             'Pyrodictium abyssi' 
_em_entity_assembly_naturalsource.strain               ? 
_em_entity_assembly_naturalsource.tissue               ? 
# 
_em_entity_assembly_recombinant.id                   2 
_em_entity_assembly_recombinant.entity_assembly_id   1 
_em_entity_assembly_recombinant.cell                 ? 
_em_entity_assembly_recombinant.ncbi_tax_id          562 
_em_entity_assembly_recombinant.organism             'Escherichia coli' 
_em_entity_assembly_recombinant.plasmid              ? 
_em_entity_assembly_recombinant.strain               BL21 
# 
_em_helical_entity.id                             1 
_em_helical_entity.image_processing_id            1 
_em_helical_entity.angular_rotation_per_subunit   -173.747 
_em_helical_entity.axial_rise_per_subunit         1.59 
_em_helical_entity.axial_symmetry                 C1 
_em_helical_entity.details                        ? 
# 
_em_image_processing.id                   1 
_em_image_processing.image_recording_id   1 
_em_image_processing.details              ? 
# 
_em_image_recording.id                                  1 
_em_image_recording.imaging_id                          1 
_em_image_recording.avg_electron_dose_per_image         50 
_em_image_recording.average_exposure_time               ? 
_em_image_recording.details                             ? 
_em_image_recording.detector_mode                       ? 
_em_image_recording.film_or_detector_model              'GATAN K3 (6k x 4k)' 
_em_image_recording.num_diffraction_images              ? 
_em_image_recording.num_grids_imaged                    ? 
_em_image_recording.num_real_images                     ? 
_em_image_recording.avg_electron_dose_per_subtomogram   ? 
# 
loop_
_em_software.id 
_em_software.category 
_em_software.details 
_em_software.name 
_em_software.version 
_em_software.image_processing_id 
_em_software.fitting_id 
_em_software.imaging_id 
1  'PARTICLE SELECTION'       ? ?      ? 1 ? ? 
2  'IMAGE ACQUISITION'        ? ?      ? ? ? 1 
3  MASKING                    ? ?      ? ? ? ? 
4  'CTF CORRECTION'           ? ?      ? 1 ? ? 
5  'LAYERLINE INDEXING'       ? ?      ? ? ? ? 
6  'DIFFRACTION INDEXING'     ? ?      ? ? ? ? 
7  'MODEL FITTING'            ? ?      ? ? ? ? 
8  'MODEL REFINEMENT'         ? PHENIX ? ? ? ? 
9  OTHER                      ? ?      ? ? ? ? 
10 'INITIAL EULER ASSIGNMENT' ? ?      ? 1 ? ? 
11 'FINAL EULER ASSIGNMENT'   ? ?      ? 1 ? ? 
12 CLASSIFICATION             ? ?      ? 1 ? ? 
13 RECONSTRUCTION             ? ?      ? 1 ? ? 
# 
_em_specimen.id                      1 
_em_specimen.experiment_id           1 
_em_specimen.concentration           ? 
_em_specimen.details                 ? 
_em_specimen.embedding_applied       NO 
_em_specimen.shadowing_applied       NO 
_em_specimen.staining_applied        NO 
_em_specimen.vitrification_applied   YES 
# 
loop_
_pdbx_audit_support.funding_organization 
_pdbx_audit_support.country 
_pdbx_audit_support.grant_number 
_pdbx_audit_support.ordinal 
'National Science Foundation (NSF, United States)'                                         'United States' NSF-DMR-1533958 1 
'National Institutes of Health/National Institute of General Medical Sciences (NIH/NIGMS)' 'United States' R35GM122510     2 
'National Institutes of Health/National Institute of General Medical Sciences (NIH/NIGMS)' 'United States' K99GM138756     3 
# 
_atom_sites.entry_id                    7UII 
_atom_sites.Cartn_transf_matrix[1][1]   ? 
_atom_sites.Cartn_transf_matrix[1][2]   ? 
_atom_sites.Cartn_transf_matrix[1][3]   ? 
_atom_sites.Cartn_transf_matrix[2][1]   ? 
_atom_sites.Cartn_transf_matrix[2][2]   ? 
_atom_sites.Cartn_transf_matrix[2][3]   ? 
_atom_sites.Cartn_transf_matrix[3][1]   ? 
_atom_sites.Cartn_transf_matrix[3][2]   ? 
_atom_sites.Cartn_transf_matrix[3][3]   ? 
_atom_sites.Cartn_transf_vector[1]      ? 
_atom_sites.Cartn_transf_vector[2]      ? 
_atom_sites.Cartn_transf_vector[3]      ? 
_atom_sites.fract_transf_matrix[1][1]   1.000000 
_atom_sites.fract_transf_matrix[1][2]   0.000000 
_atom_sites.fract_transf_matrix[1][3]   0.000000 
_atom_sites.fract_transf_matrix[2][1]   0.000000 
_atom_sites.fract_transf_matrix[2][2]   1.000000 
_atom_sites.fract_transf_matrix[2][3]   0.000000 
_atom_sites.fract_transf_matrix[3][1]   0.000000 
_atom_sites.fract_transf_matrix[3][2]   0.000000 
_atom_sites.fract_transf_matrix[3][3]   1.000000 
_atom_sites.fract_transf_vector[1]      0.00000 
_atom_sites.fract_transf_vector[2]      0.00000 
_atom_sites.fract_transf_vector[3]      0.00000 
_atom_sites.solution_primary            ? 
_atom_sites.solution_secondary          ? 
_atom_sites.solution_hydrogens          ? 
_atom_sites.special_details             ? 
# 
loop_
_atom_type.symbol 
C  
CA 
N  
O  
S  
# 
loop_
_atom_site.group_PDB 
_atom_site.id 
_atom_site.type_symbol 
_atom_site.label_atom_id 
_atom_site.label_alt_id 
_atom_site.label_comp_id 
_atom_site.label_asym_id 
_atom_site.label_entity_id 
_atom_site.label_seq_id 
_atom_site.pdbx_PDB_ins_code 
_atom_site.Cartn_x 
_atom_site.Cartn_y 
_atom_site.Cartn_z 
_atom_site.occupancy 
_atom_site.B_iso_or_equiv 
_atom_site.pdbx_formal_charge 
_atom_site.auth_seq_id 
_atom_site.auth_comp_id 
_atom_site.auth_asym_id 
_atom_site.auth_atom_id 
_atom_site.pdbx_PDB_model_num 
ATOM   1    N  N   . THR A 1 2   ? 32.697  -33.536 -51.021 1.00 46.33 ? 2   THR a N   1 
ATOM   2    C  CA  . THR A 1 2   ? 31.821  -34.482 -50.342 1.00 46.33 ? 2   THR a CA  1 
ATOM   3    C  C   . THR A 1 2   ? 30.677  -33.762 -49.636 1.00 46.33 ? 2   THR a C   1 
ATOM   4    O  O   . THR A 1 2   ? 29.554  -33.726 -50.137 1.00 46.33 ? 2   THR a O   1 
ATOM   5    C  CB  . THR A 1 2   ? 32.595  -35.334 -49.321 1.00 46.33 ? 2   THR a CB  1 
ATOM   6    O  OG1 . THR A 1 2   ? 33.725  -35.937 -49.962 1.00 46.33 ? 2   THR a OG1 1 
ATOM   7    C  CG2 . THR A 1 2   ? 31.705  -36.426 -48.754 1.00 46.33 ? 2   THR a CG2 1 
ATOM   8    N  N   . THR A 1 3   ? 30.965  -33.189 -48.469 1.00 43.34 ? 3   THR a N   1 
ATOM   9    C  CA  . THR A 1 3   ? 29.978  -32.452 -47.691 1.00 43.34 ? 3   THR a CA  1 
ATOM   10   C  C   . THR A 1 3   ? 30.552  -31.095 -47.318 1.00 43.34 ? 3   THR a C   1 
ATOM   11   O  O   . THR A 1 3   ? 31.660  -31.015 -46.777 1.00 43.34 ? 3   THR a O   1 
ATOM   12   C  CB  . THR A 1 3   ? 29.576  -33.220 -46.427 1.00 43.34 ? 3   THR a CB  1 
ATOM   13   O  OG1 . THR A 1 3   ? 29.163  -34.545 -46.780 1.00 43.34 ? 3   THR a OG1 1 
ATOM   14   C  CG2 . THR A 1 3   ? 28.431  -32.516 -45.718 1.00 43.34 ? 3   THR a CG2 1 
ATOM   15   N  N   . GLN A 1 4   ? 29.801  -30.035 -47.601 1.00 42.07 ? 4   GLN a N   1 
ATOM   16   C  CA  . GLN A 1 4   ? 30.207  -28.668 -47.295 1.00 42.07 ? 4   GLN a CA  1 
ATOM   17   C  C   . GLN A 1 4   ? 29.284  -28.135 -46.207 1.00 42.07 ? 4   GLN a C   1 
ATOM   18   O  O   . GLN A 1 4   ? 28.129  -27.791 -46.479 1.00 42.07 ? 4   GLN a O   1 
ATOM   19   C  CB  . GLN A 1 4   ? 30.160  -27.792 -48.545 1.00 42.07 ? 4   GLN a CB  1 
ATOM   20   C  CG  . GLN A 1 4   ? 30.373  -26.310 -48.285 1.00 42.07 ? 4   GLN a CG  1 
ATOM   21   C  CD  . GLN A 1 4   ? 31.770  -26.000 -47.785 1.00 42.07 ? 4   GLN a CD  1 
ATOM   22   O  OE1 . GLN A 1 4   ? 31.990  -25.830 -46.586 1.00 42.07 ? 4   GLN a OE1 1 
ATOM   23   N  NE2 . GLN A 1 4   ? 32.724  -25.927 -48.704 1.00 42.07 ? 4   GLN a NE2 1 
ATOM   24   N  N   . SER A 1 5   ? 29.792  -28.068 -44.982 1.00 39.40 ? 5   SER a N   1 
ATOM   25   C  CA  . SER A 1 5   ? 28.993  -27.626 -43.848 1.00 39.40 ? 5   SER a CA  1 
ATOM   26   C  C   . SER A 1 5   ? 28.796  -26.111 -43.889 1.00 39.40 ? 5   SER a C   1 
ATOM   27   O  O   . SER A 1 5   ? 29.735  -25.371 -44.192 1.00 39.40 ? 5   SER a O   1 
ATOM   28   C  CB  . SER A 1 5   ? 29.661  -28.019 -42.534 1.00 39.40 ? 5   SER a CB  1 
ATOM   29   O  OG  . SER A 1 5   ? 29.800  -29.423 -42.430 1.00 39.40 ? 5   SER a OG  1 
ATOM   30   N  N   . PRO A 1 6   ? 27.586  -25.628 -43.599 1.00 36.85 ? 6   PRO a N   1 
ATOM   31   C  CA  . PRO A 1 6   ? 27.388  -24.182 -43.433 1.00 36.85 ? 6   PRO a CA  1 
ATOM   32   C  C   . PRO A 1 6   ? 27.896  -23.648 -42.104 1.00 36.85 ? 6   PRO a C   1 
ATOM   33   O  O   . PRO A 1 6   ? 27.981  -22.423 -41.944 1.00 36.85 ? 6   PRO a O   1 
ATOM   34   C  CB  . PRO A 1 6   ? 25.868  -24.025 -43.545 1.00 36.85 ? 6   PRO a CB  1 
ATOM   35   C  CG  . PRO A 1 6   ? 25.330  -25.324 -43.059 1.00 36.85 ? 6   PRO a CG  1 
ATOM   36   C  CD  . PRO A 1 6   ? 26.329  -26.383 -43.444 1.00 36.85 ? 6   PRO a CD  1 
ATOM   37   N  N   . LEU A 1 7   ? 28.227  -24.529 -41.155 1.00 35.12 ? 7   LEU a N   1 
ATOM   38   C  CA  . LEU A 1 7   ? 28.773  -24.145 -39.852 1.00 35.12 ? 7   LEU a CA  1 
ATOM   39   C  C   . LEU A 1 7   ? 27.811  -23.244 -39.080 1.00 35.12 ? 7   LEU a C   1 
ATOM   40   O  O   . LEU A 1 7   ? 28.219  -22.281 -38.432 1.00 35.12 ? 7   LEU a O   1 
ATOM   41   C  CB  . LEU A 1 7   ? 30.143  -23.480 -40.005 1.00 35.12 ? 7   LEU a CB  1 
ATOM   42   C  CG  . LEU A 1 7   ? 31.260  -24.362 -40.565 1.00 35.12 ? 7   LEU a CG  1 
ATOM   43   C  CD1 . LEU A 1 7   ? 32.394  -23.508 -41.105 1.00 35.12 ? 7   LEU a CD1 1 
ATOM   44   C  CD2 . LEU A 1 7   ? 31.771  -25.333 -39.514 1.00 35.12 ? 7   LEU a CD2 1 
ATOM   45   N  N   . ASN A 1 8   ? 26.516  -23.566 -39.146 1.00 33.72 ? 8   ASN a N   1 
ATOM   46   C  CA  . ASN A 1 8   ? 25.487  -22.821 -38.436 1.00 33.72 ? 8   ASN a CA  1 
ATOM   47   C  C   . ASN A 1 8   ? 24.714  -23.641 -37.414 1.00 33.72 ? 8   ASN a C   1 
ATOM   48   O  O   . ASN A 1 8   ? 24.035  -23.049 -36.569 1.00 33.72 ? 8   ASN a O   1 
ATOM   49   C  CB  . ASN A 1 8   ? 24.475  -22.218 -39.423 1.00 33.72 ? 8   ASN a CB  1 
ATOM   50   C  CG  . ASN A 1 8   ? 25.098  -21.209 -40.355 1.00 33.72 ? 8   ASN a CG  1 
ATOM   51   O  OD1 . ASN A 1 8   ? 26.133  -20.621 -40.050 1.00 33.72 ? 8   ASN a OD1 1 
ATOM   52   N  ND2 . ASN A 1 8   ? 24.465  -20.995 -41.501 1.00 33.72 ? 8   ASN a ND2 1 
ATOM   53   N  N   . SER A 1 9   ? 24.791  -24.971 -37.462 1.00 30.36 ? 9   SER a N   1 
ATOM   54   C  CA  . SER A 1 9   ? 23.932  -25.829 -36.647 1.00 30.36 ? 9   SER a CA  1 
ATOM   55   C  C   . SER A 1 9   ? 24.471  -25.970 -35.221 1.00 30.36 ? 9   SER a C   1 
ATOM   56   O  O   . SER A 1 9   ? 24.756  -27.061 -34.731 1.00 30.36 ? 9   SER a O   1 
ATOM   57   C  CB  . SER A 1 9   ? 23.772  -27.188 -37.316 1.00 30.36 ? 9   SER a CB  1 
ATOM   58   O  OG  . SER A 1 9   ? 24.983  -27.921 -37.283 1.00 30.36 ? 9   SER a OG  1 
ATOM   59   N  N   . PHE A 1 10  ? 24.600  -24.828 -34.550 1.00 28.81 ? 10  PHE a N   1 
ATOM   60   C  CA  . PHE A 1 10  ? 24.940  -24.778 -33.133 1.00 28.81 ? 10  PHE a CA  1 
ATOM   61   C  C   . PHE A 1 10  ? 23.981  -23.821 -32.442 1.00 28.81 ? 10  PHE a C   1 
ATOM   62   O  O   . PHE A 1 10  ? 23.814  -22.681 -32.886 1.00 28.81 ? 10  PHE a O   1 
ATOM   63   C  CB  . PHE A 1 10  ? 26.389  -24.329 -32.912 1.00 28.81 ? 10  PHE a CB  1 
ATOM   64   C  CG  . PHE A 1 10  ? 27.397  -25.120 -33.692 1.00 28.81 ? 10  PHE a CG  1 
ATOM   65   C  CD1 . PHE A 1 10  ? 27.873  -26.326 -33.210 1.00 28.81 ? 10  PHE a CD1 1 
ATOM   66   C  CD2 . PHE A 1 10  ? 27.882  -24.648 -34.900 1.00 28.81 ? 10  PHE a CD2 1 
ATOM   67   C  CE1 . PHE A 1 10  ? 28.803  -27.053 -33.924 1.00 28.81 ? 10  PHE a CE1 1 
ATOM   68   C  CE2 . PHE A 1 10  ? 28.814  -25.372 -35.617 1.00 28.81 ? 10  PHE a CE2 1 
ATOM   69   C  CZ  . PHE A 1 10  ? 29.275  -26.575 -35.127 1.00 28.81 ? 10  PHE a CZ  1 
ATOM   70   N  N   . TYR A 1 11  ? 23.361  -24.279 -31.356 1.00 25.49 ? 11  TYR a N   1 
ATOM   71   C  CA  . TYR A 1 11  ? 22.330  -23.503 -30.685 1.00 25.49 ? 11  TYR a CA  1 
ATOM   72   C  C   . TYR A 1 11  ? 22.430  -23.681 -29.177 1.00 25.49 ? 11  TYR a C   1 
ATOM   73   O  O   . TYR A 1 11  ? 22.887  -24.714 -28.684 1.00 25.49 ? 11  TYR a O   1 
ATOM   74   C  CB  . TYR A 1 11  ? 20.928  -23.909 -31.160 1.00 25.49 ? 11  TYR a CB  1 
ATOM   75   C  CG  . TYR A 1 11  ? 20.503  -23.267 -32.460 1.00 25.49 ? 11  TYR a CG  1 
ATOM   76   C  CD1 . TYR A 1 11  ? 19.855  -22.041 -32.470 1.00 25.49 ? 11  TYR a CD1 1 
ATOM   77   C  CD2 . TYR A 1 11  ? 20.745  -23.889 -33.676 1.00 25.49 ? 11  TYR a CD2 1 
ATOM   78   C  CE1 . TYR A 1 11  ? 19.462  -21.452 -33.655 1.00 25.49 ? 11  TYR a CE1 1 
ATOM   79   C  CE2 . TYR A 1 11  ? 20.358  -23.308 -34.865 1.00 25.49 ? 11  TYR a CE2 1 
ATOM   80   C  CZ  . TYR A 1 11  ? 19.716  -22.090 -34.848 1.00 25.49 ? 11  TYR a CZ  1 
ATOM   81   O  OH  . TYR A 1 11  ? 19.326  -21.505 -36.030 1.00 25.49 ? 11  TYR a OH  1 
ATOM   82   N  N   . ALA A 1 12  ? 21.993  -22.651 -28.454 1.00 29.24 ? 12  ALA a N   1 
ATOM   83   C  CA  . ALA A 1 12  ? 21.840  -22.691 -27.006 1.00 29.24 ? 12  ALA a CA  1 
ATOM   84   C  C   . ALA A 1 12  ? 20.579  -21.921 -26.647 1.00 29.24 ? 12  ALA a C   1 
ATOM   85   O  O   . ALA A 1 12  ? 20.346  -20.827 -27.167 1.00 29.24 ? 12  ALA a O   1 
ATOM   86   C  CB  . ALA A 1 12  ? 23.057  -22.096 -26.289 1.00 29.24 ? 12  ALA a CB  1 
ATOM   87   N  N   . THR A 1 13  ? 19.767  -22.490 -25.759 1.00 31.48 ? 13  THR a N   1 
ATOM   88   C  CA  . THR A 1 13  ? 18.424  -21.986 -25.521 1.00 31.48 ? 13  THR a CA  1 
ATOM   89   C  C   . THR A 1 13  ? 18.169  -21.820 -24.028 1.00 31.48 ? 13  THR a C   1 
ATOM   90   O  O   . THR A 1 13  ? 18.577  -22.652 -23.212 1.00 31.48 ? 13  THR a O   1 
ATOM   91   C  CB  . THR A 1 13  ? 17.373  -22.930 -26.146 1.00 31.48 ? 13  THR a CB  1 
ATOM   92   O  OG1 . THR A 1 13  ? 17.353  -22.747 -27.566 1.00 31.48 ? 13  THR a OG1 1 
ATOM   93   C  CG2 . THR A 1 13  ? 15.979  -22.662 -25.597 1.00 31.48 ? 13  THR a CG2 1 
ATOM   94   N  N   . GLY A 1 14  ? 17.484  -20.726 -23.684 1.00 32.35 ? 14  GLY a N   1 
ATOM   95   C  CA  . GLY A 1 14  ? 17.005  -20.494 -22.337 1.00 32.35 ? 14  GLY a CA  1 
ATOM   96   C  C   . GLY A 1 14  ? 15.558  -20.039 -22.371 1.00 32.35 ? 14  GLY a C   1 
ATOM   97   O  O   . GLY A 1 14  ? 14.968  -19.879 -23.441 1.00 32.35 ? 14  GLY a O   1 
ATOM   98   N  N   . THR A 1 15  ? 14.996  -19.833 -21.183 1.00 34.16 ? 15  THR a N   1 
ATOM   99   C  CA  . THR A 1 15  ? 13.592  -19.473 -21.047 1.00 34.16 ? 15  THR a CA  1 
ATOM   100  C  C   . THR A 1 15  ? 13.442  -18.242 -20.163 1.00 34.16 ? 15  THR a C   1 
ATOM   101  O  O   . THR A 1 15  ? 14.302  -17.936 -19.333 1.00 34.16 ? 15  THR a O   1 
ATOM   102  C  CB  . THR A 1 15  ? 12.761  -20.627 -20.462 1.00 34.16 ? 15  THR a CB  1 
ATOM   103  O  OG1 . THR A 1 15  ? 13.245  -20.953 -19.153 1.00 34.16 ? 15  THR a OG1 1 
ATOM   104  C  CG2 . THR A 1 15  ? 12.841  -21.858 -21.353 1.00 34.16 ? 15  THR a CG2 1 
ATOM   105  N  N   . ALA A 1 16  ? 12.331  -17.534 -20.360 1.00 32.66 ? 16  ALA a N   1 
ATOM   106  C  CA  . ALA A 1 16  ? 11.976  -16.377 -19.553 1.00 32.66 ? 16  ALA a CA  1 
ATOM   107  C  C   . ALA A 1 16  ? 10.487  -16.423 -19.239 1.00 32.66 ? 16  ALA a C   1 
ATOM   108  O  O   . ALA A 1 16  ? 9.697   -16.981 -20.004 1.00 32.66 ? 16  ALA a O   1 
ATOM   109  C  CB  . ALA A 1 16  ? 12.324  -15.064 -20.265 1.00 32.66 ? 16  ALA a CB  1 
ATOM   110  N  N   . GLN A 1 17  ? 10.109  -15.836 -18.104 1.00 34.87 ? 17  GLN a N   1 
ATOM   111  C  CA  . GLN A 1 17  ? 8.706   -15.772 -17.722 1.00 34.87 ? 17  GLN a CA  1 
ATOM   112  C  C   . GLN A 1 17  ? 8.471   -14.570 -16.819 1.00 34.87 ? 17  GLN a C   1 
ATOM   113  O  O   . GLN A 1 17  ? 9.370   -14.124 -16.104 1.00 34.87 ? 17  GLN a O   1 
ATOM   114  C  CB  . GLN A 1 17  ? 8.246   -17.044 -17.002 1.00 34.87 ? 17  GLN a CB  1 
ATOM   115  C  CG  . GLN A 1 17  ? 8.914   -17.273 -15.659 1.00 34.87 ? 17  GLN a CG  1 
ATOM   116  C  CD  . GLN A 1 17  ? 8.474   -18.563 -15.003 1.00 34.87 ? 17  GLN a CD  1 
ATOM   117  O  OE1 . GLN A 1 17  ? 7.623   -19.280 -15.526 1.00 34.87 ? 17  GLN a OE1 1 
ATOM   118  N  NE2 . GLN A 1 17  ? 9.049   -18.864 -13.846 1.00 34.87 ? 17  GLN a NE2 1 
ATOM   119  N  N   . ALA A 1 18  ? 7.244   -14.048 -16.868 1.00 34.70 ? 18  ALA a N   1 
ATOM   120  C  CA  . ALA A 1 18  ? 6.751   -13.023 -15.946 1.00 34.70 ? 18  ALA a CA  1 
ATOM   121  C  C   . ALA A 1 18  ? 5.339   -13.442 -15.550 1.00 34.70 ? 18  ALA a C   1 
ATOM   122  O  O   . ALA A 1 18  ? 4.364   -13.063 -16.205 1.00 34.70 ? 18  ALA a O   1 
ATOM   123  C  CB  . ALA A 1 18  ? 6.780   -11.637 -16.578 1.00 34.70 ? 18  ALA a CB  1 
ATOM   124  N  N   . VAL A 1 19  ? 5.227   -14.227 -14.477 1.00 37.11 ? 19  VAL a N   1 
ATOM   125  C  CA  . VAL A 1 19  ? 3.954   -14.848 -14.116 1.00 37.11 ? 19  VAL a CA  1 
ATOM   126  C  C   . VAL A 1 19  ? 3.213   -14.113 -13.008 1.00 37.11 ? 19  VAL a C   1 
ATOM   127  O  O   . VAL A 1 19  ? 2.086   -14.507 -12.670 1.00 37.11 ? 19  VAL a O   1 
ATOM   128  C  CB  . VAL A 1 19  ? 4.150   -16.326 -13.709 1.00 37.11 ? 19  VAL a CB  1 
ATOM   129  C  CG1 . VAL A 1 19  ? 4.442   -17.179 -14.933 1.00 37.11 ? 19  VAL a CG1 1 
ATOM   130  C  CG2 . VAL A 1 19  ? 5.259   -16.452 -12.683 1.00 37.11 ? 19  VAL a CG2 1 
ATOM   131  N  N   . SER A 1 20  ? 3.795   -13.064 -12.433 1.00 38.07 ? 20  SER a N   1 
ATOM   132  C  CA  . SER A 1 20  ? 3.169   -12.351 -11.331 1.00 38.07 ? 20  SER a CA  1 
ATOM   133  C  C   . SER A 1 20  ? 3.148   -10.859 -11.622 1.00 38.07 ? 20  SER a C   1 
ATOM   134  O  O   . SER A 1 20  ? 4.054   -10.320 -12.262 1.00 38.07 ? 20  SER a O   1 
ATOM   135  C  CB  . SER A 1 20  ? 3.900   -12.601 -10.005 1.00 38.07 ? 20  SER a CB  1 
ATOM   136  O  OG  . SER A 1 20  ? 3.824   -13.961 -9.620  1.00 38.07 ? 20  SER a OG  1 
ATOM   137  N  N   . GLU A 1 21  ? 2.097   -10.203 -11.145 1.00 39.30 ? 21  GLU a N   1 
ATOM   138  C  CA  . GLU A 1 21  ? 2.027   -8.755  -11.209 1.00 39.30 ? 21  GLU a CA  1 
ATOM   139  C  C   . GLU A 1 21  ? 2.985   -8.153  -10.179 1.00 39.30 ? 21  GLU a C   1 
ATOM   140  O  O   . GLU A 1 21  ? 3.305   -8.794  -9.176  1.00 39.30 ? 21  GLU a O   1 
ATOM   141  C  CB  . GLU A 1 21  ? 0.599   -8.284  -10.951 1.00 39.30 ? 21  GLU a CB  1 
ATOM   142  C  CG  . GLU A 1 21  ? -0.206  -8.037  -12.217 1.00 39.30 ? 21  GLU a CG  1 
ATOM   143  C  CD  . GLU A 1 21  ? -1.672  -7.779  -11.935 1.00 39.30 ? 21  GLU a CD  1 
ATOM   144  O  OE1 . GLU A 1 21  ? -2.195  -8.343  -10.952 1.00 39.30 ? 21  GLU a OE1 1 
ATOM   145  O  OE2 . GLU A 1 21  ? -2.302  -7.016  -12.697 1.00 39.30 ? 21  GLU a OE2 1 
ATOM   146  N  N   . PRO A 1 22  ? 3.468   -6.931  -10.412 1.00 38.16 ? 22  PRO a N   1 
ATOM   147  C  CA  . PRO A 1 22  ? 4.501   -6.375  -9.518  1.00 38.16 ? 22  PRO a CA  1 
ATOM   148  C  C   . PRO A 1 22  ? 4.074   -6.243  -8.063  1.00 38.16 ? 22  PRO a C   1 
ATOM   149  O  O   . PRO A 1 22  ? 4.921   -6.394  -7.175  1.00 38.16 ? 22  PRO a O   1 
ATOM   150  C  CB  . PRO A 1 22  ? 4.813   -5.005  -10.136 1.00 38.16 ? 22  PRO a CB  1 
ATOM   151  C  CG  . PRO A 1 22  ? 3.749   -4.739  -11.133 1.00 38.16 ? 22  PRO a CG  1 
ATOM   152  C  CD  . PRO A 1 22  ? 3.159   -6.040  -11.542 1.00 38.16 ? 22  PRO a CD  1 
ATOM   153  N  N   . ILE A 1 23  ? 2.799   -5.961  -7.780  1.00 38.41 ? 23  ILE a N   1 
ATOM   154  C  CA  . ILE A 1 23  ? 2.349   -5.733  -6.413  1.00 38.41 ? 23  ILE a CA  1 
ATOM   155  C  C   . ILE A 1 23  ? 1.086   -6.536  -6.132  1.00 38.41 ? 23  ILE a C   1 
ATOM   156  O  O   . ILE A 1 23  ? 0.348   -6.927  -7.038  1.00 38.41 ? 23  ILE a O   1 
ATOM   157  C  CB  . ILE A 1 23  ? 2.086   -4.238  -6.122  1.00 38.41 ? 23  ILE a CB  1 
ATOM   158  C  CG1 . ILE A 1 23  ? 0.884   -3.746  -6.927  1.00 38.41 ? 23  ILE a CG1 1 
ATOM   159  C  CG2 . ILE A 1 23  ? 3.321   -3.396  -6.415  1.00 38.41 ? 23  ILE a CG2 1 
ATOM   160  C  CD1 . ILE A 1 23  ? 0.212   -2.538  -6.337  1.00 38.41 ? 23  ILE a CD1 1 
ATOM   161  N  N   . ASP A 1 24  ? 0.852   -6.780  -4.843  1.00 40.07 ? 24  ASP a N   1 
ATOM   162  C  CA  . ASP A 1 24  ? -0.400  -7.321  -4.331  1.00 40.07 ? 24  ASP a CA  1 
ATOM   163  C  C   . ASP A 1 24  ? -0.911  -6.408  -3.226  1.00 40.07 ? 24  ASP a C   1 
ATOM   164  O  O   . ASP A 1 24  ? -0.138  -5.964  -2.373  1.00 40.07 ? 24  ASP a O   1 
ATOM   165  C  CB  . ASP A 1 24  ? -0.223  -8.744  -3.788  1.00 40.07 ? 24  ASP a CB  1 
ATOM   166  C  CG  . ASP A 1 24  ? -0.391  -9.804  -4.856  1.00 40.07 ? 24  ASP a CG  1 
ATOM   167  O  OD1 . ASP A 1 24  ? -1.144  -9.564  -5.822  1.00 40.07 ? 24  ASP a OD1 1 
ATOM   168  O  OD2 . ASP A 1 24  ? 0.224   -10.882 -4.725  1.00 40.07 ? 24  ASP a OD2 1 
ATOM   169  N  N   . VAL A 1 25  ? -2.212  -6.128  -3.239  1.00 37.68 ? 25  VAL a N   1 
ATOM   170  C  CA  . VAL A 1 25  ? -2.832  -5.210  -2.287  1.00 37.68 ? 25  VAL a CA  1 
ATOM   171  C  C   . VAL A 1 25  ? -3.949  -5.941  -1.556  1.00 37.68 ? 25  VAL a C   1 
ATOM   172  O  O   . VAL A 1 25  ? -4.902  -6.416  -2.185  1.00 37.68 ? 25  VAL a O   1 
ATOM   173  C  CB  . VAL A 1 25  ? -3.375  -3.950  -2.978  1.00 37.68 ? 25  VAL a CB  1 
ATOM   174  C  CG1 . VAL A 1 25  ? -4.055  -3.047  -1.964  1.00 37.68 ? 25  VAL a CG1 1 
ATOM   175  C  CG2 . VAL A 1 25  ? -2.255  -3.209  -3.687  1.00 37.68 ? 25  VAL a CG2 1 
ATOM   176  N  N   . GLU A 1 26  ? -3.845  -6.009  -0.232  1.00 38.36 ? 26  GLU a N   1 
ATOM   177  C  CA  . GLU A 1 26  ? -4.897  -6.552  0.619   1.00 38.36 ? 26  GLU a CA  1 
ATOM   178  C  C   . GLU A 1 26  ? -5.315  -5.486  1.622   1.00 38.36 ? 26  GLU a C   1 
ATOM   179  O  O   . GLU A 1 26  ? -4.465  -4.786  2.183   1.00 38.36 ? 26  GLU a O   1 
ATOM   180  C  CB  . GLU A 1 26  ? -4.438  -7.838  1.317   1.00 38.36 ? 26  GLU a CB  1 
ATOM   181  C  CG  . GLU A 1 26  ? -3.444  -7.657  2.442   1.00 38.36 ? 26  GLU a CG  1 
ATOM   182  C  CD  . GLU A 1 26  ? -3.344  -8.885  3.323   1.00 38.36 ? 26  GLU a CD  1 
ATOM   183  O  OE1 . GLU A 1 26  ? -4.366  -9.262  3.935   1.00 38.36 ? 26  GLU a OE1 1 
ATOM   184  O  OE2 . GLU A 1 26  ? -2.247  -9.475  3.403   1.00 38.36 ? 26  GLU a OE2 1 
ATOM   185  N  N   . SER A 1 27  ? -6.622  -5.344  1.823   1.00 36.52 ? 27  SER a N   1 
ATOM   186  C  CA  . SER A 1 27  ? -7.183  -4.216  2.554   1.00 36.52 ? 27  SER a CA  1 
ATOM   187  C  C   . SER A 1 27  ? -7.661  -4.632  3.938   1.00 36.52 ? 27  SER a C   1 
ATOM   188  O  O   . SER A 1 27  ? -8.228  -5.714  4.115   1.00 36.52 ? 27  SER a O   1 
ATOM   189  C  CB  . SER A 1 27  ? -8.345  -3.596  1.778   1.00 36.52 ? 27  SER a CB  1 
ATOM   190  O  OG  . SER A 1 27  ? -9.465  -4.459  1.761   1.00 36.52 ? 27  SER a OG  1 
ATOM   191  N  N   . HIS A 1 28  ? -7.424  -3.762  4.916   1.00 36.68 ? 28  HIS a N   1 
ATOM   192  C  CA  . HIS A 1 28  ? -7.905  -3.916  6.285   1.00 36.68 ? 28  HIS a CA  1 
ATOM   193  C  C   . HIS A 1 28  ? -8.467  -2.593  6.793   1.00 36.68 ? 28  HIS a C   1 
ATOM   194  O  O   . HIS A 1 28  ? -8.167  -2.141  7.899   1.00 36.68 ? 28  HIS a O   1 
ATOM   195  C  CB  . HIS A 1 28  ? -6.802  -4.418  7.210   1.00 36.68 ? 28  HIS a CB  1 
ATOM   196  C  CG  . HIS A 1 28  ? -6.189  -5.713  6.775   1.00 36.68 ? 28  HIS a CG  1 
ATOM   197  N  ND1 . HIS A 1 28  ? -6.448  -6.908  7.410   1.00 36.68 ? 28  HIS a ND1 1 
ATOM   198  C  CD2 . HIS A 1 28  ? -5.320  -5.997  5.777   1.00 36.68 ? 28  HIS a CD2 1 
ATOM   199  C  CE1 . HIS A 1 28  ? -5.772  -7.874  6.816   1.00 36.68 ? 28  HIS a CE1 1 
ATOM   200  N  NE2 . HIS A 1 28  ? -5.079  -7.348  5.823   1.00 36.68 ? 28  HIS a NE2 1 
ATOM   201  N  N   . LEU A 1 29  ? -9.296  -1.952  5.975   1.00 35.56 ? 29  LEU a N   1 
ATOM   202  C  CA  . LEU A 1 29  ? -9.850  -0.654  6.324   1.00 35.56 ? 29  LEU a CA  1 
ATOM   203  C  C   . LEU A 1 29  ? -10.987 -0.802  7.332   1.00 35.56 ? 29  LEU a C   1 
ATOM   204  O  O   . LEU A 1 29  ? -11.534 -1.887  7.543   1.00 35.56 ? 29  LEU a O   1 
ATOM   205  C  CB  . LEU A 1 29  ? -10.348 0.072   5.074   1.00 35.56 ? 29  LEU a CB  1 
ATOM   206  C  CG  . LEU A 1 29  ? -9.307  0.346   3.987   1.00 35.56 ? 29  LEU a CG  1 
ATOM   207  C  CD1 . LEU A 1 29  ? -9.840  1.337   2.968   1.00 35.56 ? 29  LEU a CD1 1 
ATOM   208  C  CD2 . LEU A 1 29  ? -8.017  0.852   4.600   1.00 35.56 ? 29  LEU a CD2 1 
ATOM   209  N  N   . GLY A 1 30  ? -11.339 0.320   7.959   1.00 36.35 ? 30  GLY a N   1 
ATOM   210  C  CA  . GLY A 1 30  ? -12.377 0.332   8.971   1.00 36.35 ? 30  GLY a CA  1 
ATOM   211  C  C   . GLY A 1 30  ? -13.612 1.105   8.560   1.00 36.35 ? 30  GLY a C   1 
ATOM   212  O  O   . GLY A 1 30  ? -14.037 1.036   7.403   1.00 36.35 ? 30  GLY a O   1 
ATOM   213  N  N   . SER A 1 31  ? -14.193 1.856   9.494   1.00 36.90 ? 31  SER a N   1 
ATOM   214  C  CA  . SER A 1 31  ? -15.456 2.534   9.251   1.00 36.90 ? 31  SER a CA  1 
ATOM   215  C  C   . SER A 1 31  ? -15.433 3.927   9.863   1.00 36.90 ? 31  SER a C   1 
ATOM   216  O  O   . SER A 1 31  ? -14.681 4.211   10.798  1.00 36.90 ? 31  SER a O   1 
ATOM   217  C  CB  . SER A 1 31  ? -16.639 1.735   9.812   1.00 36.90 ? 31  SER a CB  1 
ATOM   218  O  OG  . SER A 1 31  ? -16.540 1.595   11.219  1.00 36.90 ? 31  SER a OG  1 
ATOM   219  N  N   . ILE A 1 32  ? -16.278 4.796   9.313   1.00 35.91 ? 32  ILE a N   1 
ATOM   220  C  CA  . ILE A 1 32  ? -16.472 6.156   9.801   1.00 35.91 ? 32  ILE a CA  1 
ATOM   221  C  C   . ILE A 1 32  ? -17.901 6.253   10.316  1.00 35.91 ? 32  ILE a C   1 
ATOM   222  O  O   . ILE A 1 32  ? -18.855 6.111   9.543   1.00 35.91 ? 32  ILE a O   1 
ATOM   223  C  CB  . ILE A 1 32  ? -16.212 7.191   8.696   1.00 35.91 ? 32  ILE a CB  1 
ATOM   224  C  CG1 . ILE A 1 32  ? -14.744 7.169   8.275   1.00 35.91 ? 32  ILE a CG1 1 
ATOM   225  C  CG2 . ILE A 1 32  ? -16.601 8.580   9.157   1.00 35.91 ? 32  ILE a CG2 1 
ATOM   226  C  CD1 . ILE A 1 32  ? -14.536 7.432   6.800   1.00 35.91 ? 32  ILE a CD1 1 
ATOM   227  N  N   . THR A 1 33  ? -18.056 6.491   11.619  1.00 37.73 ? 33  THR a N   1 
ATOM   228  C  CA  . THR A 1 33  ? -19.366 6.482   12.273  1.00 37.73 ? 33  THR a CA  1 
ATOM   229  C  C   . THR A 1 33  ? -19.567 7.755   13.090  1.00 37.73 ? 33  THR a C   1 
ATOM   230  O  O   . THR A 1 33  ? -19.522 7.728   14.326  1.00 37.73 ? 33  THR a O   1 
ATOM   231  C  CB  . THR A 1 33  ? -19.526 5.250   13.166  1.00 37.73 ? 33  THR a CB  1 
ATOM   232  O  OG1 . THR A 1 33  ? -18.734 5.410   14.350  1.00 37.73 ? 33  THR a OG1 1 
ATOM   233  C  CG2 . THR A 1 33  ? -19.087 3.986   12.440  1.00 37.73 ? 33  THR a CG2 1 
ATOM   234  N  N   . PRO A 1 34  ? -19.801 8.894   12.430  1.00 36.38 ? 34  PRO a N   1 
ATOM   235  C  CA  . PRO A 1 34  ? -20.146 10.111  13.173  1.00 36.38 ? 34  PRO a CA  1 
ATOM   236  C  C   . PRO A 1 34  ? -21.647 10.264  13.356  1.00 36.38 ? 34  PRO a C   1 
ATOM   237  O  O   . PRO A 1 34  ? -22.424 9.437   12.871  1.00 36.38 ? 34  PRO a O   1 
ATOM   238  C  CB  . PRO A 1 34  ? -19.579 11.216  12.280  1.00 36.38 ? 34  PRO a CB  1 
ATOM   239  C  CG  . PRO A 1 34  ? -19.858 10.686  10.916  1.00 36.38 ? 34  PRO a CG  1 
ATOM   240  C  CD  . PRO A 1 34  ? -19.569 9.197   11.006  1.00 36.38 ? 34  PRO a CD  1 
ATOM   241  N  N   . ALA A 1 35  ? -22.066 11.314  14.053  1.00 35.76 ? 35  ALA a N   1 
ATOM   242  C  CA  . ALA A 1 35  ? -23.468 11.690  14.091  1.00 35.76 ? 35  ALA a CA  1 
ATOM   243  C  C   . ALA A 1 35  ? -23.801 12.550  12.876  1.00 35.76 ? 35  ALA a C   1 
ATOM   244  O  O   . ALA A 1 35  ? -22.921 12.977  12.127  1.00 35.76 ? 35  ALA a O   1 
ATOM   245  C  CB  . ALA A 1 35  ? -23.797 12.428  15.387  1.00 35.76 ? 35  ALA a CB  1 
ATOM   246  N  N   . ALA A 1 36  ? -25.092 12.799  12.680  1.00 35.38 ? 36  ALA a N   1 
ATOM   247  C  CA  . ALA A 1 36  ? -25.540 13.548  11.512  1.00 35.38 ? 36  ALA a CA  1 
ATOM   248  C  C   . ALA A 1 36  ? -25.037 14.985  11.581  1.00 35.38 ? 36  ALA a C   1 
ATOM   249  O  O   . ALA A 1 36  ? -25.409 15.739  12.487  1.00 35.38 ? 36  ALA a O   1 
ATOM   250  C  CB  . ALA A 1 36  ? -27.062 13.514  11.415  1.00 35.38 ? 36  ALA a CB  1 
ATOM   251  N  N   . GLY A 1 37  ? -24.195 15.365  10.622  1.00 34.50 ? 37  GLY a N   1 
ATOM   252  C  CA  . GLY A 1 37  ? -23.679 16.715  10.543  1.00 34.50 ? 37  GLY a CA  1 
ATOM   253  C  C   . GLY A 1 37  ? -22.478 17.009  11.409  1.00 34.50 ? 37  GLY a C   1 
ATOM   254  O  O   . GLY A 1 37  ? -22.073 18.174  11.500  1.00 34.50 ? 37  GLY a O   1 
ATOM   255  N  N   . ALA A 1 38  ? -21.884 16.000  12.038  1.00 34.37 ? 38  ALA a N   1 
ATOM   256  C  CA  . ALA A 1 38  ? -20.788 16.225  12.964  1.00 34.37 ? 38  ALA a CA  1 
ATOM   257  C  C   . ALA A 1 38  ? -19.465 16.399  12.224  1.00 34.37 ? 38  ALA a C   1 
ATOM   258  O  O   . ALA A 1 38  ? -19.324 16.056  11.046  1.00 34.37 ? 38  ALA a O   1 
ATOM   259  C  CB  . ALA A 1 38  ? -20.679 15.068  13.958  1.00 34.37 ? 38  ALA a CB  1 
ATOM   260  N  N   . GLN A 1 39  ? -18.484 16.946  12.941  1.00 35.84 ? 39  GLN a N   1 
ATOM   261  C  CA  . GLN A 1 39  ? -17.136 17.159  12.435  1.00 35.84 ? 39  GLN a CA  1 
ATOM   262  C  C   . GLN A 1 39  ? -16.161 16.354  13.278  1.00 35.84 ? 39  GLN a C   1 
ATOM   263  O  O   . GLN A 1 39  ? -16.213 16.408  14.510  1.00 35.84 ? 39  GLN a O   1 
ATOM   264  C  CB  . GLN A 1 39  ? -16.762 18.642  12.471  1.00 35.84 ? 39  GLN a CB  1 
ATOM   265  C  CG  . GLN A 1 39  ? -15.464 18.984  11.761  1.00 35.84 ? 39  GLN a CG  1 
ATOM   266  C  CD  . GLN A 1 39  ? -15.267 20.479  11.609  1.00 35.84 ? 39  GLN a CD  1 
ATOM   267  O  OE1 . GLN A 1 39  ? -16.057 21.274  12.114  1.00 35.84 ? 39  GLN a OE1 1 
ATOM   268  N  NE2 . GLN A 1 39  ? -14.211 20.868  10.908  1.00 35.84 ? 39  GLN a NE2 1 
ATOM   269  N  N   . GLY A 1 40  ? -15.280 15.612  12.621  1.00 34.89 ? 40  GLY a N   1 
ATOM   270  C  CA  . GLY A 1 40  ? -14.340 14.800  13.363  1.00 34.89 ? 40  GLY a CA  1 
ATOM   271  C  C   . GLY A 1 40  ? -13.263 14.231  12.471  1.00 34.89 ? 40  GLY a C   1 
ATOM   272  O  O   . GLY A 1 40  ? -13.132 14.596  11.303  1.00 34.89 ? 40  GLY a O   1 
ATOM   273  N  N   . SER A 1 41  ? -12.480 13.328  13.057  1.00 36.68 ? 41  SER a N   1 
ATOM   274  C  CA  . SER A 1 41  ? -11.421 12.628  12.350  1.00 36.68 ? 41  SER a CA  1 
ATOM   275  C  C   . SER A 1 41  ? -11.188 11.292  13.036  1.00 36.68 ? 41  SER a C   1 
ATOM   276  O  O   . SER A 1 41  ? -11.355 11.167  14.252  1.00 36.68 ? 41  SER a O   1 
ATOM   277  C  CB  . SER A 1 41  ? -10.126 13.445  12.315  1.00 36.68 ? 41  SER a CB  1 
ATOM   278  O  OG  . SER A 1 41  ? -9.508  13.476  13.588  1.00 36.68 ? 41  SER a OG  1 
ATOM   279  N  N   . ASP A 1 42  ? -10.799 10.293  12.248  1.00 38.81 ? 42  ASP a N   1 
ATOM   280  C  CA  . ASP A 1 42  ? -10.609 8.955   12.785  1.00 38.81 ? 42  ASP a CA  1 
ATOM   281  C  C   . ASP A 1 42  ? -9.682  8.170   11.873  1.00 38.81 ? 42  ASP a C   1 
ATOM   282  O  O   . ASP A 1 42  ? -9.652  8.388   10.659  1.00 38.81 ? 42  ASP a O   1 
ATOM   283  C  CB  . ASP A 1 42  ? -11.946 8.221   12.941  1.00 38.81 ? 42  ASP a CB  1 
ATOM   284  C  CG  . ASP A 1 42  ? -11.919 7.189   14.047  1.00 38.81 ? 42  ASP a CG  1 
ATOM   285  O  OD1 . ASP A 1 42  ? -12.954 6.528   14.267  1.00 38.81 ? 42  ASP a OD1 1 
ATOM   286  O  OD2 . ASP A 1 42  ? -10.864 7.040   14.699  1.00 38.81 ? 42  ASP a OD2 1 
ATOM   287  N  N   . ASP A 1 43  ? -8.928  7.254   12.474  1.00 39.54 ? 43  ASP a N   1 
ATOM   288  C  CA  . ASP A 1 43  ? -8.101  6.337   11.703  1.00 39.54 ? 43  ASP a CA  1 
ATOM   289  C  C   . ASP A 1 43  ? -8.974  5.270   11.058  1.00 39.54 ? 43  ASP a C   1 
ATOM   290  O  O   . ASP A 1 43  ? -9.820  4.663   11.720  1.00 39.54 ? 43  ASP a O   1 
ATOM   291  C  CB  . ASP A 1 43  ? -7.049  5.688   12.601  1.00 39.54 ? 43  ASP a CB  1 
ATOM   292  C  CG  . ASP A 1 43  ? -6.123  6.700   13.240  1.00 39.54 ? 43  ASP a CG  1 
ATOM   293  O  OD1 . ASP A 1 43  ? -5.971  7.805   12.682  1.00 39.54 ? 43  ASP a OD1 1 
ATOM   294  O  OD2 . ASP A 1 43  ? -5.544  6.389   14.302  1.00 39.54 ? 43  ASP a OD2 1 
ATOM   295  N  N   . ILE A 1 44  ? -8.768  5.041   9.766   1.00 36.98 ? 44  ILE a N   1 
ATOM   296  C  CA  . ILE A 1 44  ? -9.547  4.045   9.038   1.00 36.98 ? 44  ILE a CA  1 
ATOM   297  C  C   . ILE A 1 44  ? -8.946  2.656   9.185   1.00 36.98 ? 44  ILE a C   1 
ATOM   298  O  O   . ILE A 1 44  ? -9.635  1.702   9.553   1.00 36.98 ? 44  ILE a O   1 
ATOM   299  C  CB  . ILE A 1 44  ? -9.659  4.444   7.551   1.00 36.98 ? 44  ILE a CB  1 
ATOM   300  C  CG1 . ILE A 1 44  ? -10.475 5.725   7.394   1.00 36.98 ? 44  ILE a CG1 1 
ATOM   301  C  CG2 . ILE A 1 44  ? -10.282 3.320   6.746   1.00 36.98 ? 44  ILE a CG2 1 
ATOM   302  C  CD1 . ILE A 1 44  ? -10.505 6.243   5.975   1.00 36.98 ? 44  ILE a CD1 1 
ATOM   303  N  N   . GLY A 1 45  ? -7.658  2.521   8.919   1.00 36.85 ? 45  GLY a N   1 
ATOM   304  C  CA  . GLY A 1 45  ? -7.016  1.218   8.923   1.00 36.85 ? 45  GLY a CA  1 
ATOM   305  C  C   . GLY A 1 45  ? -5.741  1.268   8.100   1.00 36.85 ? 45  GLY a C   1 
ATOM   306  O  O   . GLY A 1 45  ? -5.070  2.298   8.039   1.00 36.85 ? 45  GLY a O   1 
ATOM   307  N  N   . TYR A 1 46  ? -5.428  0.139   7.470   1.00 37.85 ? 46  TYR a N   1 
ATOM   308  C  CA  . TYR A 1 46  ? -4.218  0.048   6.671   1.00 37.85 ? 46  TYR a CA  1 
ATOM   309  C  C   . TYR A 1 46  ? -4.485  -0.806  5.440   1.00 37.85 ? 46  TYR a C   1 
ATOM   310  O  O   . TYR A 1 46  ? -5.543  -1.422  5.296   1.00 37.85 ? 46  TYR a O   1 
ATOM   311  C  CB  . TYR A 1 46  ? -3.046  -0.526  7.478   1.00 37.85 ? 46  TYR a CB  1 
ATOM   312  C  CG  . TYR A 1 46  ? -3.330  -1.854  8.142   1.00 37.85 ? 46  TYR a CG  1 
ATOM   313  C  CD1 . TYR A 1 46  ? -4.004  -1.921  9.354   1.00 37.85 ? 46  TYR a CD1 1 
ATOM   314  C  CD2 . TYR A 1 46  ? -2.914  -3.042  7.558   1.00 37.85 ? 46  TYR a CD2 1 
ATOM   315  C  CE1 . TYR A 1 46  ? -4.260  -3.134  9.960   1.00 37.85 ? 46  TYR a CE1 1 
ATOM   316  C  CE2 . TYR A 1 46  ? -3.165  -4.258  8.157   1.00 37.85 ? 46  TYR a CE2 1 
ATOM   317  C  CZ  . TYR A 1 46  ? -3.839  -4.299  9.357   1.00 37.85 ? 46  TYR a CZ  1 
ATOM   318  O  OH  . TYR A 1 46  ? -4.090  -5.511  9.955   1.00 37.85 ? 46  TYR a OH  1 
ATOM   319  N  N   . ALA A 1 47  ? -3.499  -0.828  4.546   1.00 38.05 ? 47  ALA a N   1 
ATOM   320  C  CA  . ALA A 1 47  ? -3.540  -1.645  3.340   1.00 38.05 ? 47  ALA a CA  1 
ATOM   321  C  C   . ALA A 1 47  ? -2.137  -2.162  3.078   1.00 38.05 ? 47  ALA a C   1 
ATOM   322  O  O   . ALA A 1 47  ? -1.201  -1.370  2.931   1.00 38.05 ? 47  ALA a O   1 
ATOM   323  C  CB  . ALA A 1 47  ? -4.057  -0.846  2.140   1.00 38.05 ? 47  ALA a CB  1 
ATOM   324  N  N   . ILE A 1 48  ? -1.991  -3.479  3.026   1.00 38.44 ? 48  ILE a N   1 
ATOM   325  C  CA  . ILE A 1 48  ? -0.691  -4.114  2.849   1.00 38.44 ? 48  ILE a CA  1 
ATOM   326  C  C   . ILE A 1 48  ? -0.377  -4.187  1.361   1.00 38.44 ? 48  ILE a C   1 
ATOM   327  O  O   . ILE A 1 48  ? -1.216  -4.613  0.561   1.00 38.44 ? 48  ILE a O   1 
ATOM   328  C  CB  . ILE A 1 48  ? -0.674  -5.511  3.488   1.00 38.44 ? 48  ILE a CB  1 
ATOM   329  C  CG1 . ILE A 1 48  ? -0.868  -5.403  5.001   1.00 38.44 ? 48  ILE a CG1 1 
ATOM   330  C  CG2 . ILE A 1 48  ? 0.624   -6.223  3.177   1.00 38.44 ? 48  ILE a CG2 1 
ATOM   331  C  CD1 . ILE A 1 48  ? -1.206  -6.717  5.665   1.00 38.44 ? 48  ILE a CD1 1 
ATOM   332  N  N   . VAL A 1 49  ? 0.829   -3.766  0.989   1.00 37.94 ? 49  VAL a N   1 
ATOM   333  C  CA  . VAL A 1 49  ? 1.278   -3.762  -0.399  1.00 37.94 ? 49  VAL a CA  1 
ATOM   334  C  C   . VAL A 1 49  ? 2.505   -4.661  -0.481  1.00 37.94 ? 49  VAL a C   1 
ATOM   335  O  O   . VAL A 1 49  ? 3.627   -4.223  -0.203  1.00 37.94 ? 49  VAL a O   1 
ATOM   336  C  CB  . VAL A 1 49  ? 1.590   -2.349  -0.905  1.00 37.94 ? 49  VAL a CB  1 
ATOM   337  C  CG1 . VAL A 1 49  ? 1.902   -2.377  -2.392  1.00 37.94 ? 49  VAL a CG1 1 
ATOM   338  C  CG2 . VAL A 1 49  ? 0.430   -1.413  -0.616  1.00 37.94 ? 49  VAL a CG2 1 
ATOM   339  N  N   . TRP A 1 50  ? 2.299   -5.920  -0.860  1.00 38.86 ? 50  TRP a N   1 
ATOM   340  C  CA  . TRP A 1 50  ? 3.414   -6.838  -1.041  1.00 38.86 ? 50  TRP a CA  1 
ATOM   341  C  C   . TRP A 1 50  ? 4.192   -6.493  -2.306  1.00 38.86 ? 50  TRP a C   1 
ATOM   342  O  O   . TRP A 1 50  ? 3.615   -6.117  -3.328  1.00 38.86 ? 50  TRP a O   1 
ATOM   343  C  CB  . TRP A 1 50  ? 2.915   -8.280  -1.111  1.00 38.86 ? 50  TRP a CB  1 
ATOM   344  C  CG  . TRP A 1 50  ? 2.127   -8.709  0.088   1.00 38.86 ? 50  TRP a CG  1 
ATOM   345  C  CD1 . TRP A 1 50  ? 0.775   -8.866  0.165   1.00 38.86 ? 50  TRP a CD1 1 
ATOM   346  C  CD2 . TRP A 1 50  ? 2.645   -9.044  1.380   1.00 38.86 ? 50  TRP a CD2 1 
ATOM   347  N  NE1 . TRP A 1 50  ? 0.418   -9.275  1.426   1.00 38.86 ? 50  TRP a NE1 1 
ATOM   348  C  CE2 . TRP A 1 50  ? 1.548   -9.392  2.191   1.00 38.86 ? 50  TRP a CE2 1 
ATOM   349  C  CE3 . TRP A 1 50  ? 3.929   -9.081  1.931   1.00 38.86 ? 50  TRP a CE3 1 
ATOM   350  C  CZ2 . TRP A 1 50  ? 1.696   -9.771  3.522   1.00 38.86 ? 50  TRP a CZ2 1 
ATOM   351  C  CZ3 . TRP A 1 50  ? 4.073   -9.458  3.252   1.00 38.86 ? 50  TRP a CZ3 1 
ATOM   352  C  CH2 . TRP A 1 50  ? 2.964   -9.798  4.033   1.00 38.86 ? 50  TRP a CH2 1 
ATOM   353  N  N   . ILE A 1 51  ? 5.514   -6.625  -2.229  1.00 39.88 ? 51  ILE a N   1 
ATOM   354  C  CA  . ILE A 1 51  ? 6.414   -6.324  -3.337  1.00 39.88 ? 51  ILE a CA  1 
ATOM   355  C  C   . ILE A 1 51  ? 6.980   -7.637  -3.859  1.00 39.88 ? 51  ILE a C   1 
ATOM   356  O  O   . ILE A 1 51  ? 7.409   -8.491  -3.074  1.00 39.88 ? 51  ILE a O   1 
ATOM   357  C  CB  . ILE A 1 51  ? 7.536   -5.366  -2.904  1.00 39.88 ? 51  ILE a CB  1 
ATOM   358  C  CG1 . ILE A 1 51  ? 6.958   -4.208  -2.087  1.00 39.88 ? 51  ILE a CG1 1 
ATOM   359  C  CG2 . ILE A 1 51  ? 8.289   -4.842  -4.111  1.00 39.88 ? 51  ILE a CG2 1 
ATOM   360  C  CD1 . ILE A 1 51  ? 6.249   -3.163  -2.917  1.00 39.88 ? 51  ILE a CD1 1 
ATOM   361  N  N   . LYS A 1 52  ? 6.979   -7.797  -5.179  1.00 41.19 ? 52  LYS a N   1 
ATOM   362  C  CA  . LYS A 1 52  ? 7.307   -9.062  -5.817  1.00 41.19 ? 52  LYS a CA  1 
ATOM   363  C  C   . LYS A 1 52  ? 8.781   -9.108  -6.223  1.00 41.19 ? 52  LYS a C   1 
ATOM   364  O  O   . LYS A 1 52  ? 9.590   -8.269  -5.816  1.00 41.19 ? 52  LYS a O   1 
ATOM   365  C  CB  . LYS A 1 52  ? 6.377   -9.295  -7.008  1.00 41.19 ? 52  LYS a CB  1 
ATOM   366  C  CG  . LYS A 1 52  ? 4.948   -9.629  -6.608  1.00 41.19 ? 52  LYS a CG  1 
ATOM   367  C  CD  . LYS A 1 52  ? 4.905   -10.391 -5.293  1.00 41.19 ? 52  LYS a CD  1 
ATOM   368  C  CE  . LYS A 1 52  ? 3.485   -10.713 -4.879  1.00 41.19 ? 52  LYS a CE  1 
ATOM   369  N  NZ  . LYS A 1 52  ? 3.449   -11.827 -3.895  1.00 41.19 ? 52  LYS a NZ  1 
ATOM   370  N  N   . ASP A 1 53  ? 9.129   -10.110 -7.031  1.00 43.21 ? 53  ASP a N   1 
ATOM   371  C  CA  . ASP A 1 53  ? 10.524  -10.419 -7.322  1.00 43.21 ? 53  ASP a CA  1 
ATOM   372  C  C   . ASP A 1 53  ? 11.232  -9.258  -8.009  1.00 43.21 ? 53  ASP a C   1 
ATOM   373  O  O   . ASP A 1 53  ? 10.726  -8.693  -8.983  1.00 43.21 ? 53  ASP a O   1 
ATOM   374  C  CB  . ASP A 1 53  ? 10.609  -11.670 -8.197  1.00 43.21 ? 53  ASP a CB  1 
ATOM   375  C  CG  . ASP A 1 53  ? 10.658  -12.945 -7.382  1.00 43.21 ? 53  ASP a CG  1 
ATOM   376  O  OD1 . ASP A 1 53  ? 10.367  -14.023 -7.944  1.00 43.21 ? 53  ASP a OD1 1 
ATOM   377  O  OD2 . ASP A 1 53  ? 10.989  -12.873 -6.180  1.00 43.21 ? 53  ASP a OD2 1 
ATOM   378  N  N   . GLN A 1 54  ? 12.422  -8.933  -7.499  1.00 41.78 ? 54  GLN a N   1 
ATOM   379  C  CA  . GLN A 1 54  ? 13.302  -7.871  -8.001  1.00 41.78 ? 54  GLN a CA  1 
ATOM   380  C  C   . GLN A 1 54  ? 12.524  -6.632  -8.443  1.00 41.78 ? 54  GLN a C   1 
ATOM   381  O  O   . GLN A 1 54  ? 12.724  -6.085  -9.529  1.00 41.78 ? 54  GLN a O   1 
ATOM   382  C  CB  . GLN A 1 54  ? 14.223  -8.385  -9.114  1.00 41.78 ? 54  GLN a CB  1 
ATOM   383  C  CG  . GLN A 1 54  ? 13.559  -9.019  -10.320 1.00 41.78 ? 54  GLN a CG  1 
ATOM   384  C  CD  . GLN A 1 54  ? 14.438  -10.072 -10.965 1.00 41.78 ? 54  GLN a CD  1 
ATOM   385  O  OE1 . GLN A 1 54  ? 15.237  -9.772  -11.851 1.00 41.78 ? 54  GLN a OE1 1 
ATOM   386  N  NE2 . GLN A 1 54  ? 14.298  -11.313 -10.519 1.00 41.78 ? 54  GLN a NE2 1 
ATOM   387  N  N   . VAL A 1 55  ? 11.629  -6.183  -7.570  1.00 39.11 ? 55  VAL a N   1 
ATOM   388  C  CA  . VAL A 1 55  ? 10.971  -4.889  -7.692  1.00 39.11 ? 55  VAL a CA  1 
ATOM   389  C  C   . VAL A 1 55  ? 11.528  -3.990  -6.598  1.00 39.11 ? 55  VAL a C   1 
ATOM   390  O  O   . VAL A 1 55  ? 11.533  -4.367  -5.420  1.00 39.11 ? 55  VAL a O   1 
ATOM   391  C  CB  . VAL A 1 55  ? 9.442   -5.013  -7.587  1.00 39.11 ? 55  VAL a CB  1 
ATOM   392  C  CG1 . VAL A 1 55  ? 8.800   -3.637  -7.551  1.00 39.11 ? 55  VAL a CG1 1 
ATOM   393  C  CG2 . VAL A 1 55  ? 8.895   -5.825  -8.746  1.00 39.11 ? 55  VAL a CG2 1 
ATOM   394  N  N   . ASN A 1 56  ? 12.004  -2.812  -6.985  1.00 37.71 ? 56  ASN a N   1 
ATOM   395  C  CA  . ASN A 1 56  ? 12.691  -1.920  -6.060  1.00 37.71 ? 56  ASN a CA  1 
ATOM   396  C  C   . ASN A 1 56  ? 11.977  -0.596  -5.856  1.00 37.71 ? 56  ASN a C   1 
ATOM   397  O  O   . ASN A 1 56  ? 11.979  -0.069  -4.742  1.00 37.71 ? 56  ASN a O   1 
ATOM   398  C  CB  . ASN A 1 56  ? 14.121  -1.658  -6.554  1.00 37.71 ? 56  ASN a CB  1 
ATOM   399  C  CG  . ASN A 1 56  ? 15.036  -2.849  -6.353  1.00 37.71 ? 56  ASN a CG  1 
ATOM   400  O  OD1 . ASN A 1 56  ? 15.153  -3.708  -7.224  1.00 37.71 ? 56  ASN a OD1 1 
ATOM   401  N  ND2 . ASN A 1 56  ? 15.689  -2.907  -5.200  1.00 37.71 ? 56  ASN a ND2 1 
ATOM   402  N  N   . ASP A 1 57  ? 11.367  -0.042  -6.900  1.00 37.35 ? 57  ASP a N   1 
ATOM   403  C  CA  . ASP A 1 57  ? 10.657  1.224   -6.814  1.00 37.35 ? 57  ASP a CA  1 
ATOM   404  C  C   . ASP A 1 57  ? 9.299   1.084   -7.484  1.00 37.35 ? 57  ASP a C   1 
ATOM   405  O  O   . ASP A 1 57  ? 9.186   0.487   -8.558  1.00 37.35 ? 57  ASP a O   1 
ATOM   406  C  CB  . ASP A 1 57  ? 11.456  2.355   -7.470  1.00 37.35 ? 57  ASP a CB  1 
ATOM   407  C  CG  . ASP A 1 57  ? 12.842  2.510   -6.873  1.00 37.35 ? 57  ASP a CG  1 
ATOM   408  O  OD1 . ASP A 1 57  ? 12.945  2.930   -5.704  1.00 37.35 ? 57  ASP a OD1 1 
ATOM   409  O  OD2 . ASP A 1 57  ? 13.829  2.211   -7.577  1.00 37.35 ? 57  ASP a OD2 1 
ATOM   410  N  N   . VAL A 1 58  ? 8.269   1.631   -6.843  1.00 35.66 ? 58  VAL a N   1 
ATOM   411  C  CA  . VAL A 1 58  ? 6.894   1.525   -7.317  1.00 35.66 ? 58  VAL a CA  1 
ATOM   412  C  C   . VAL A 1 58  ? 6.285   2.917   -7.387  1.00 35.66 ? 58  VAL a C   1 
ATOM   413  O  O   . VAL A 1 58  ? 6.440   3.721   -6.463  1.00 35.66 ? 58  VAL a O   1 
ATOM   414  C  CB  . VAL A 1 58  ? 6.047   0.611   -6.405  1.00 35.66 ? 58  VAL a CB  1 
ATOM   415  C  CG1 . VAL A 1 58  ? 4.651   0.428   -6.978  1.00 35.66 ? 58  VAL a CG1 1 
ATOM   416  C  CG2 . VAL A 1 58  ? 6.726   -0.733  -6.209  1.00 35.66 ? 58  VAL a CG2 1 
ATOM   417  N  N   . LYS A 1 59  ? 5.592   3.201   -8.488  1.00 34.13 ? 59  LYS a N   1 
ATOM   418  C  CA  . LYS A 1 59  ? 4.828   4.432   -8.654  1.00 34.13 ? 59  LYS a CA  1 
ATOM   419  C  C   . LYS A 1 59  ? 3.362   4.067   -8.825  1.00 34.13 ? 59  LYS a C   1 
ATOM   420  O  O   . LYS A 1 59  ? 2.992   3.419   -9.810  1.00 34.13 ? 59  LYS a O   1 
ATOM   421  C  CB  . LYS A 1 59  ? 5.326   5.237   -9.855  1.00 34.13 ? 59  LYS a CB  1 
ATOM   422  C  CG  . LYS A 1 59  ? 4.903   6.695   -9.842  1.00 34.13 ? 59  LYS a CG  1 
ATOM   423  C  CD  . LYS A 1 59  ? 5.704   7.511   -10.838 1.00 34.13 ? 59  LYS a CD  1 
ATOM   424  C  CE  . LYS A 1 59  ? 4.967   7.645   -12.158 1.00 34.13 ? 59  LYS a CE  1 
ATOM   425  N  NZ  . LYS A 1 59  ? 5.833   8.212   -13.224 1.00 34.13 ? 59  LYS a NZ  1 
ATOM   426  N  N   . LEU A 1 60  ? 2.530   4.484   -7.876  1.00 35.06 ? 60  LEU a N   1 
ATOM   427  C  CA  . LEU A 1 60  ? 1.116   4.147   -7.872  1.00 35.06 ? 60  LEU a CA  1 
ATOM   428  C  C   . LEU A 1 60  ? 0.255   5.387   -8.059  1.00 35.06 ? 60  LEU a C   1 
ATOM   429  O  O   . LEU A 1 60  ? 0.716   6.525   -7.933  1.00 35.06 ? 60  LEU a O   1 
ATOM   430  C  CB  . LEU A 1 60  ? 0.714   3.450   -6.569  1.00 35.06 ? 60  LEU a CB  1 
ATOM   431  C  CG  . LEU A 1 60  ? 1.415   2.142   -6.220  1.00 35.06 ? 60  LEU a CG  1 
ATOM   432  C  CD1 . LEU A 1 60  ? 1.446   1.953   -4.716  1.00 35.06 ? 60  LEU a CD1 1 
ATOM   433  C  CD2 . LEU A 1 60  ? 0.714   0.982   -6.896  1.00 35.06 ? 60  LEU a CD2 1 
ATOM   434  N  N   . LYS A 1 61  ? -1.015  5.142   -8.366  1.00 35.21 ? 61  LYS a N   1 
ATOM   435  C  CA  . LYS A 1 61  ? -2.043  6.173   -8.409  1.00 35.21 ? 61  LYS a CA  1 
ATOM   436  C  C   . LYS A 1 61  ? -3.233  5.678   -7.605  1.00 35.21 ? 61  LYS a C   1 
ATOM   437  O  O   . LYS A 1 61  ? -3.869  4.691   -7.984  1.00 35.21 ? 61  LYS a O   1 
ATOM   438  C  CB  . LYS A 1 61  ? -2.450  6.488   -9.850  1.00 35.21 ? 61  LYS a CB  1 
ATOM   439  C  CG  . LYS A 1 61  ? -3.564  7.505   -9.979  1.00 35.21 ? 61  LYS a CG  1 
ATOM   440  C  CD  . LYS A 1 61  ? -3.952  7.692   -11.434 1.00 35.21 ? 61  LYS a CD  1 
ATOM   441  C  CE  . LYS A 1 61  ? -5.126  8.640   -11.580 1.00 35.21 ? 61  LYS a CE  1 
ATOM   442  N  NZ  . LYS A 1 61  ? -5.508  8.821   -13.006 1.00 35.21 ? 61  LYS a NZ  1 
ATOM   443  N  N   . VAL A 1 62  ? -3.532  6.356   -6.501  1.00 34.99 ? 62  VAL a N   1 
ATOM   444  C  CA  . VAL A 1 62  ? -4.624  5.982   -5.611  1.00 34.99 ? 62  VAL a CA  1 
ATOM   445  C  C   . VAL A 1 62  ? -5.787  6.928   -5.864  1.00 34.99 ? 62  VAL a C   1 
ATOM   446  O  O   . VAL A 1 62  ? -5.613  8.152   -5.855  1.00 34.99 ? 62  VAL a O   1 
ATOM   447  C  CB  . VAL A 1 62  ? -4.193  6.019   -4.135  1.00 34.99 ? 62  VAL a CB  1 
ATOM   448  C  CG1 . VAL A 1 62  ? -5.273  5.414   -3.255  1.00 34.99 ? 62  VAL a CG1 1 
ATOM   449  C  CG2 . VAL A 1 62  ? -2.880  5.281   -3.953  1.00 34.99 ? 62  VAL a CG2 1 
ATOM   450  N  N   . THR A 1 63  ? -6.971  6.361   -6.086  1.00 35.07 ? 63  THR a N   1 
ATOM   451  C  CA  . THR A 1 63  ? -8.152  7.130   -6.448  1.00 35.07 ? 63  THR a CA  1 
ATOM   452  C  C   . THR A 1 63  ? -9.306  6.774   -5.523  1.00 35.07 ? 63  THR a C   1 
ATOM   453  O  O   . THR A 1 63  ? -9.453  5.619   -5.117  1.00 35.07 ? 63  THR a O   1 
ATOM   454  C  CB  . THR A 1 63  ? -8.558  6.867   -7.906  1.00 35.07 ? 63  THR a CB  1 
ATOM   455  O  OG1 . THR A 1 63  ? -7.410  6.998   -8.755  1.00 35.07 ? 63  THR a OG1 1 
ATOM   456  C  CG2 . THR A 1 63  ? -9.622  7.854   -8.358  1.00 35.07 ? 63  THR a CG2 1 
ATOM   457  N  N   . LEU A 1 64  ? -10.116 7.776   -5.188  1.00 35.33 ? 64  LEU a N   1 
ATOM   458  C  CA  . LEU A 1 64  ? -11.393 7.553   -4.514  1.00 35.33 ? 64  LEU a CA  1 
ATOM   459  C  C   . LEU A 1 64  ? -12.418 7.233   -5.595  1.00 35.33 ? 64  LEU a C   1 
ATOM   460  O  O   . LEU A 1 64  ? -12.957 8.130   -6.245  1.00 35.33 ? 64  LEU a O   1 
ATOM   461  C  CB  . LEU A 1 64  ? -11.792 8.776   -3.697  1.00 35.33 ? 64  LEU a CB  1 
ATOM   462  C  CG  . LEU A 1 64  ? -12.944 8.624   -2.701  1.00 35.33 ? 64  LEU a CG  1 
ATOM   463  C  CD1 . LEU A 1 64  ? -12.785 7.364   -1.869  1.00 35.33 ? 64  LEU a CD1 1 
ATOM   464  C  CD2 . LEU A 1 64  ? -13.035 9.848   -1.805  1.00 35.33 ? 64  LEU a CD2 1 
ATOM   465  N  N   . ALA A 1 65  ? -12.676 5.937   -5.795  1.00 34.22 ? 65  ALA a N   1 
ATOM   466  C  CA  . ALA A 1 65  ? -13.453 5.494   -6.950  1.00 34.22 ? 65  ALA a CA  1 
ATOM   467  C  C   . ALA A 1 65  ? -14.889 5.998   -6.900  1.00 34.22 ? 65  ALA a C   1 
ATOM   468  O  O   . ALA A 1 65  ? -15.443 6.409   -7.927  1.00 34.22 ? 65  ALA a O   1 
ATOM   469  C  CB  . ALA A 1 65  ? -13.421 3.970   -7.042  1.00 34.22 ? 65  ALA a CB  1 
ATOM   470  N  N   . ASN A 1 66  ? -15.511 5.977   -5.723  1.00 35.12 ? 66  ASN a N   1 
ATOM   471  C  CA  . ASN A 1 66  ? -16.918 6.340   -5.564  1.00 35.12 ? 66  ASN a CA  1 
ATOM   472  C  C   . ASN A 1 66  ? -17.094 7.726   -4.954  1.00 35.12 ? 66  ASN a C   1 
ATOM   473  O  O   . ASN A 1 66  ? -17.997 7.950   -4.143  1.00 35.12 ? 66  ASN a O   1 
ATOM   474  C  CB  . ASN A 1 66  ? -17.643 5.276   -4.743  1.00 35.12 ? 66  ASN a CB  1 
ATOM   475  C  CG  . ASN A 1 66  ? -17.232 5.277   -3.285  1.00 35.12 ? 66  ASN a CG  1 
ATOM   476  O  OD1 . ASN A 1 66  ? -16.069 5.505   -2.957  1.00 35.12 ? 66  ASN a OD1 1 
ATOM   477  N  ND2 . ASN A 1 66  ? -18.186 5.011   -2.402  1.00 35.12 ? 66  ASN a ND2 1 
ATOM   478  N  N   . ALA A 1 67  ? -16.245 8.680   -5.344  1.00 35.40 ? 67  ALA a N   1 
ATOM   479  C  CA  . ALA A 1 67  ? -16.326 10.028  -4.789  1.00 35.40 ? 67  ALA a CA  1 
ATOM   480  C  C   . ALA A 1 67  ? -17.657 10.693  -5.117  1.00 35.40 ? 67  ALA a C   1 
ATOM   481  O  O   . ALA A 1 67  ? -18.223 11.406  -4.281  1.00 35.40 ? 67  ALA a O   1 
ATOM   482  C  CB  . ALA A 1 67  ? -15.162 10.875  -5.304  1.00 35.40 ? 67  ALA a CB  1 
ATOM   483  N  N   . GLU A 1 68  ? -18.169 10.483  -6.332  1.00 36.34 ? 68  GLU a N   1 
ATOM   484  C  CA  . GLU A 1 68  ? -19.447 11.081  -6.711  1.00 36.34 ? 68  GLU a CA  1 
ATOM   485  C  C   . GLU A 1 68  ? -20.585 10.554  -5.845  1.00 36.34 ? 68  GLU a C   1 
ATOM   486  O  O   . GLU A 1 68  ? -21.496 11.305  -5.480  1.00 36.34 ? 68  GLU a O   1 
ATOM   487  C  CB  . GLU A 1 68  ? -19.734 10.818  -8.188  1.00 36.34 ? 68  GLU a CB  1 
ATOM   488  C  CG  . GLU A 1 68  ? -18.774 11.505  -9.140  1.00 36.34 ? 68  GLU a CG  1 
ATOM   489  C  CD  . GLU A 1 68  ? -18.900 13.015  -9.106  1.00 36.34 ? 68  GLU a CD  1 
ATOM   490  O  OE1 . GLU A 1 68  ? -20.018 13.516  -8.867  1.00 36.34 ? 68  GLU a OE1 1 
ATOM   491  O  OE2 . GLU A 1 68  ? -17.879 13.701  -9.320  1.00 36.34 ? 68  GLU a OE2 1 
ATOM   492  N  N   . GLN A 1 69  ? -20.558 9.260   -5.523  1.00 34.98 ? 69  GLN a N   1 
ATOM   493  C  CA  . GLN A 1 69  ? -21.583 8.690   -4.655  1.00 34.98 ? 69  GLN a CA  1 
ATOM   494  C  C   . GLN A 1 69  ? -21.494 9.256   -3.243  1.00 34.98 ? 69  GLN a C   1 
ATOM   495  O  O   . GLN A 1 69  ? -22.519 9.449   -2.579  1.00 34.98 ? 69  GLN a O   1 
ATOM   496  C  CB  . GLN A 1 69  ? -21.460 7.166   -4.641  1.00 34.98 ? 69  GLN a CB  1 
ATOM   497  C  CG  . GLN A 1 69  ? -22.091 6.489   -3.439  1.00 34.98 ? 69  GLN a CG  1 
ATOM   498  C  CD  . GLN A 1 69  ? -22.057 4.980   -3.537  1.00 34.98 ? 69  GLN a CD  1 
ATOM   499  O  OE1 . GLN A 1 69  ? -20.989 4.371   -3.535  1.00 34.98 ? 69  GLN a OE1 1 
ATOM   500  N  NE2 . GLN A 1 69  ? -23.231 4.366   -3.623  1.00 34.98 ? 69  GLN a NE2 1 
ATOM   501  N  N   . LEU A 1 70  ? -20.277 9.527   -2.765  1.00 34.21 ? 70  LEU a N   1 
ATOM   502  C  CA  . LEU A 1 70  ? -20.087 10.018  -1.405  1.00 34.21 ? 70  LEU a CA  1 
ATOM   503  C  C   . LEU A 1 70  ? -20.475 11.483  -1.241  1.00 34.21 ? 70  LEU a C   1 
ATOM   504  O  O   . LEU A 1 70  ? -20.675 11.930  -0.108  1.00 34.21 ? 70  LEU a O   1 
ATOM   505  C  CB  . LEU A 1 70  ? -18.630 9.821   -0.980  1.00 34.21 ? 70  LEU a CB  1 
ATOM   506  C  CG  . LEU A 1 70  ? -18.113 8.383   -0.904  1.00 34.21 ? 70  LEU a CG  1 
ATOM   507  C  CD1 . LEU A 1 70  ? -16.625 8.364   -0.614  1.00 34.21 ? 70  LEU a CD1 1 
ATOM   508  C  CD2 . LEU A 1 70  ? -18.865 7.605   0.153   1.00 34.21 ? 70  LEU a CD2 1 
ATOM   509  N  N   . LYS A 1 71  ? -20.577 12.236  -2.336  1.00 35.06 ? 71  LYS a N   1 
ATOM   510  C  CA  . LYS A 1 71  ? -20.801 13.677  -2.226  1.00 35.06 ? 71  LYS a CA  1 
ATOM   511  C  C   . LYS A 1 71  ? -22.094 14.071  -1.516  1.00 35.06 ? 71  LYS a C   1 
ATOM   512  O  O   . LYS A 1 71  ? -22.034 14.966  -0.654  1.00 35.06 ? 71  LYS a O   1 
ATOM   513  C  CB  . LYS A 1 71  ? -20.744 14.317  -3.619  1.00 35.06 ? 71  LYS a CB  1 
ATOM   514  C  CG  . LYS A 1 71  ? -19.346 14.732  -4.043  1.00 35.06 ? 71  LYS a CG  1 
ATOM   515  C  CD  . LYS A 1 71  ? -19.333 15.276  -5.459  1.00 35.06 ? 71  LYS a CD  1 
ATOM   516  C  CE  . LYS A 1 71  ? -17.998 15.024  -6.133  1.00 35.06 ? 71  LYS a CE  1 
ATOM   517  N  NZ  . LYS A 1 71  ? -17.857 15.813  -7.385  1.00 35.06 ? 71  LYS a NZ  1 
ATOM   518  N  N   . PRO A 1 72  ? -23.266 13.492  -1.806  1.00 35.44 ? 72  PRO a N   1 
ATOM   519  C  CA  . PRO A 1 72  ? -24.489 13.955  -1.132  1.00 35.44 ? 72  PRO a CA  1 
ATOM   520  C  C   . PRO A 1 72  ? -24.579 13.574  0.339   1.00 35.44 ? 72  PRO a C   1 
ATOM   521  O  O   . PRO A 1 72  ? -25.531 13.997  1.005   1.00 35.44 ? 72  PRO a O   1 
ATOM   522  C  CB  . PRO A 1 72  ? -25.615 13.293  -1.953  1.00 35.44 ? 72  PRO a CB  1 
ATOM   523  C  CG  . PRO A 1 72  ? -24.926 12.790  -3.206  1.00 35.44 ? 72  PRO a CG  1 
ATOM   524  C  CD  . PRO A 1 72  ? -23.594 12.376  -2.700  1.00 35.44 ? 72  PRO a CD  1 
ATOM   525  N  N   . TYR A 1 73  ? -23.631 12.800  0.865   1.00 35.19 ? 73  TYR a N   1 
ATOM   526  C  CA  . TYR A 1 73  ? -23.631 12.443  2.277   1.00 35.19 ? 73  TYR a CA  1 
ATOM   527  C  C   . TYR A 1 73  ? -22.588 13.192  3.093   1.00 35.19 ? 73  TYR a C   1 
ATOM   528  O  O   . TYR A 1 73  ? -22.688 13.212  4.325   1.00 35.19 ? 73  TYR a O   1 
ATOM   529  C  CB  . TYR A 1 73  ? -23.404 10.935  2.448   1.00 35.19 ? 73  TYR a CB  1 
ATOM   530  C  CG  . TYR A 1 73  ? -24.315 10.074  1.606   1.00 35.19 ? 73  TYR a CG  1 
ATOM   531  C  CD1 . TYR A 1 73  ? -23.958 9.698   0.319   1.00 35.19 ? 73  TYR a CD1 1 
ATOM   532  C  CD2 . TYR A 1 73  ? -25.533 9.630   2.102   1.00 35.19 ? 73  TYR a CD2 1 
ATOM   533  C  CE1 . TYR A 1 73  ? -24.787 8.911   -0.450  1.00 35.19 ? 73  TYR a CE1 1 
ATOM   534  C  CE2 . TYR A 1 73  ? -26.369 8.842   1.340   1.00 35.19 ? 73  TYR a CE2 1 
ATOM   535  C  CZ  . TYR A 1 73  ? -25.992 8.485   0.066   1.00 35.19 ? 73  TYR a CZ  1 
ATOM   536  O  OH  . TYR A 1 73  ? -26.822 7.698   -0.698  1.00 35.19 ? 73  TYR a OH  1 
ATOM   537  N  N   . PHE A 1 74  ? -21.599 13.805  2.446   1.00 33.06 ? 74  PHE a N   1 
ATOM   538  C  CA  . PHE A 1 74  ? -20.517 14.492  3.134   1.00 33.06 ? 74  PHE a CA  1 
ATOM   539  C  C   . PHE A 1 74  ? -20.396 15.915  2.611   1.00 33.06 ? 74  PHE a C   1 
ATOM   540  O  O   . PHE A 1 74  ? -20.460 16.146  1.401   1.00 33.06 ? 74  PHE a O   1 
ATOM   541  C  CB  . PHE A 1 74  ? -19.182 13.761  2.941   1.00 33.06 ? 74  PHE a CB  1 
ATOM   542  C  CG  . PHE A 1 74  ? -19.047 12.512  3.760   1.00 33.06 ? 74  PHE a CG  1 
ATOM   543  C  CD1 . PHE A 1 74  ? -18.652 12.576  5.085   1.00 33.06 ? 74  PHE a CD1 1 
ATOM   544  C  CD2 . PHE A 1 74  ? -19.311 11.272  3.205   1.00 33.06 ? 74  PHE a CD2 1 
ATOM   545  C  CE1 . PHE A 1 74  ? -18.525 11.429  5.840   1.00 33.06 ? 74  PHE a CE1 1 
ATOM   546  C  CE2 . PHE A 1 74  ? -19.186 10.121  3.955   1.00 33.06 ? 74  PHE a CE2 1 
ATOM   547  C  CZ  . PHE A 1 74  ? -18.793 10.199  5.274   1.00 33.06 ? 74  PHE a CZ  1 
ATOM   548  N  N   . LYS A 1 75  ? -20.222 16.868  3.528   1.00 34.62 ? 75  LYS a N   1 
ATOM   549  C  CA  . LYS A 1 75  ? -19.888 18.226  3.111   1.00 34.62 ? 75  LYS a CA  1 
ATOM   550  C  C   . LYS A 1 75  ? -18.449 18.297  2.615   1.00 34.62 ? 75  LYS a C   1 
ATOM   551  O  O   . LYS A 1 75  ? -18.160 18.977  1.623   1.00 34.62 ? 75  LYS a O   1 
ATOM   552  C  CB  . LYS A 1 75  ? -20.121 19.202  4.264   1.00 34.62 ? 75  LYS a CB  1 
ATOM   553  C  CG  . LYS A 1 75  ? -19.837 20.659  3.929   1.00 34.62 ? 75  LYS a CG  1 
ATOM   554  C  CD  . LYS A 1 75  ? -19.718 21.497  5.192   1.00 34.62 ? 75  LYS a CD  1 
ATOM   555  C  CE  . LYS A 1 75  ? -19.098 22.855  4.913   1.00 34.62 ? 75  LYS a CE  1 
ATOM   556  N  NZ  . LYS A 1 75  ? -19.992 23.716  4.093   1.00 34.62 ? 75  LYS a NZ  1 
ATOM   557  N  N   . TYR A 1 76  ? -17.540 17.599  3.290   1.00 32.52 ? 76  TYR a N   1 
ATOM   558  C  CA  . TYR A 1 76  ? -16.192 17.373  2.791   1.00 32.52 ? 76  TYR a CA  1 
ATOM   559  C  C   . TYR A 1 76  ? -15.676 16.080  3.405   1.00 32.52 ? 76  TYR a C   1 
ATOM   560  O  O   . TYR A 1 76  ? -16.144 15.653  4.463   1.00 32.52 ? 76  TYR a O   1 
ATOM   561  C  CB  . TYR A 1 76  ? -15.254 18.558  3.093   1.00 32.52 ? 76  TYR a CB  1 
ATOM   562  C  CG  . TYR A 1 76  ? -14.712 18.652  4.509   1.00 32.52 ? 76  TYR a CG  1 
ATOM   563  C  CD1 . TYR A 1 76  ? -13.666 17.840  4.940   1.00 32.52 ? 76  TYR a CD1 1 
ATOM   564  C  CD2 . TYR A 1 76  ? -15.225 19.576  5.405   1.00 32.52 ? 76  TYR a CD2 1 
ATOM   565  C  CE1 . TYR A 1 76  ? -13.174 17.931  6.224   1.00 32.52 ? 76  TYR a CE1 1 
ATOM   566  C  CE2 . TYR A 1 76  ? -14.735 19.676  6.692   1.00 32.52 ? 76  TYR a CE2 1 
ATOM   567  C  CZ  . TYR A 1 76  ? -13.710 18.850  7.096   1.00 32.52 ? 76  TYR a CZ  1 
ATOM   568  O  OH  . TYR A 1 76  ? -13.218 18.943  8.376   1.00 32.52 ? 76  TYR a OH  1 
ATOM   569  N  N   . LEU A 1 77  ? -14.716 15.461  2.725   1.00 33.48 ? 77  LEU a N   1 
ATOM   570  C  CA  . LEU A 1 77  ? -14.122 14.215  3.198   1.00 33.48 ? 77  LEU a CA  1 
ATOM   571  C  C   . LEU A 1 77  ? -12.719 14.108  2.626   1.00 33.48 ? 77  LEU a C   1 
ATOM   572  O  O   . LEU A 1 77  ? -12.553 14.045  1.406   1.00 33.48 ? 77  LEU a O   1 
ATOM   573  C  CB  . LEU A 1 77  ? -14.968 13.008  2.785   1.00 33.48 ? 77  LEU a CB  1 
ATOM   574  C  CG  . LEU A 1 77  ? -14.340 11.624  2.946   1.00 33.48 ? 77  LEU a CG  1 
ATOM   575  C  CD1 . LEU A 1 77  ? -14.213 11.257  4.414   1.00 33.48 ? 77  LEU a CD1 1 
ATOM   576  C  CD2 . LEU A 1 77  ? -15.156 10.583  2.202   1.00 33.48 ? 77  LEU a CD2 1 
ATOM   577  N  N   . GLN A 1 78  ? -11.718 14.086  3.502   1.00 34.35 ? 78  GLN a N   1 
ATOM   578  C  CA  . GLN A 1 78  ? -10.322 14.007  3.101   1.00 34.35 ? 78  GLN a CA  1 
ATOM   579  C  C   . GLN A 1 78  ? -9.686  12.759  3.691   1.00 34.35 ? 78  GLN a C   1 
ATOM   580  O  O   . GLN A 1 78  ? -9.879  12.451  4.870   1.00 34.35 ? 78  GLN a O   1 
ATOM   581  C  CB  . GLN A 1 78  ? -9.543  15.247  3.547   1.00 34.35 ? 78  GLN a CB  1 
ATOM   582  C  CG  . GLN A 1 78  ? -9.836  16.491  2.730   1.00 34.35 ? 78  GLN a CG  1 
ATOM   583  C  CD  . GLN A 1 78  ? -9.479  17.762  3.468   1.00 34.35 ? 78  GLN a CD  1 
ATOM   584  O  OE1 . GLN A 1 78  ? -9.699  17.874  4.671   1.00 34.35 ? 78  GLN a OE1 1 
ATOM   585  N  NE2 . GLN A 1 78  ? -8.919  18.727  2.748   1.00 34.35 ? 78  GLN a NE2 1 
ATOM   586  N  N   . ILE A 1 79  ? -8.925  12.048  2.865   1.00 34.08 ? 79  ILE a N   1 
ATOM   587  C  CA  . ILE A 1 79  ? -8.242  10.825  3.269   1.00 34.08 ? 79  ILE a CA  1 
ATOM   588  C  C   . ILE A 1 79  ? -6.746  11.072  3.166   1.00 34.08 ? 79  ILE a C   1 
ATOM   589  O  O   . ILE A 1 79  ? -6.245  11.458  2.103   1.00 34.08 ? 79  ILE a O   1 
ATOM   590  C  CB  . ILE A 1 79  ? -8.657  9.622   2.408   1.00 34.08 ? 79  ILE a CB  1 
ATOM   591  C  CG1 . ILE A 1 79  ? -10.181 9.549   2.288   1.00 34.08 ? 79  ILE a CG1 1 
ATOM   592  C  CG2 . ILE A 1 79  ? -8.102  8.333   2.992   1.00 34.08 ? 79  ILE a CG2 1 
ATOM   593  C  CD1 . ILE A 1 79  ? -10.873 9.079   3.545   1.00 34.08 ? 79  ILE a CD1 1 
ATOM   594  N  N   . GLN A 1 80  ? -6.035  10.852  4.267   1.00 33.74 ? 80  GLN a N   1 
ATOM   595  C  CA  . GLN A 1 80  ? -4.592  11.028  4.330   1.00 33.74 ? 80  GLN a CA  1 
ATOM   596  C  C   . GLN A 1 80  ? -3.926  9.663   4.422   1.00 33.74 ? 80  GLN a C   1 
ATOM   597  O  O   . GLN A 1 80  ? -4.271  8.857   5.292   1.00 33.74 ? 80  GLN a O   1 
ATOM   598  C  CB  . GLN A 1 80  ? -4.208  11.908  5.521   1.00 33.74 ? 80  GLN a CB  1 
ATOM   599  C  CG  . GLN A 1 80  ? -2.735  11.902  5.873   1.00 33.74 ? 80  GLN a CG  1 
ATOM   600  C  CD  . GLN A 1 80  ? -2.487  12.301  7.313   1.00 33.74 ? 80  GLN a CD  1 
ATOM   601  O  OE1 . GLN A 1 80  ? -2.616  13.469  7.673   1.00 33.74 ? 80  GLN a OE1 1 
ATOM   602  N  NE2 . GLN A 1 80  ? -2.140  11.331  8.146   1.00 33.74 ? 80  GLN a NE2 1 
ATOM   603  N  N   . ILE A 1 81  ? -2.976  9.408   3.527   1.00 34.17 ? 81  ILE a N   1 
ATOM   604  C  CA  . ILE A 1 81  ? -2.311  8.114   3.417   1.00 34.17 ? 81  ILE a CA  1 
ATOM   605  C  C   . ILE A 1 81  ? -0.851  8.298   3.805   1.00 34.17 ? 81  ILE a C   1 
ATOM   606  O  O   . ILE A 1 81  ? -0.145  9.125   3.218   1.00 34.17 ? 81  ILE a O   1 
ATOM   607  C  CB  . ILE A 1 81  ? -2.435  7.532   2.002   1.00 34.17 ? 81  ILE a CB  1 
ATOM   608  C  CG1 . ILE A 1 81  ? -3.904  7.470   1.581   1.00 34.17 ? 81  ILE a CG1 1 
ATOM   609  C  CG2 . ILE A 1 81  ? -1.807  6.151   1.937   1.00 34.17 ? 81  ILE a CG2 1 
ATOM   610  C  CD1 . ILE A 1 81  ? -4.137  7.808   0.131   1.00 34.17 ? 81  ILE a CD1 1 
ATOM   611  N  N   . THR A 1 82  ? -0.400  7.529   4.794   1.00 34.54 ? 82  THR a N   1 
ATOM   612  C  CA  . THR A 1 82  ? 0.972   7.592   5.278   1.00 34.54 ? 82  THR a CA  1 
ATOM   613  C  C   . THR A 1 82  ? 1.607   6.214   5.179   1.00 34.54 ? 82  THR a C   1 
ATOM   614  O  O   . THR A 1 82  ? 1.003   5.217   5.590   1.00 34.54 ? 82  THR a O   1 
ATOM   615  C  CB  . THR A 1 82  ? 1.037   8.084   6.728   1.00 34.54 ? 82  THR a CB  1 
ATOM   616  O  OG1 . THR A 1 82  ? 0.670   7.020   7.613   1.00 34.54 ? 82  THR a OG1 1 
ATOM   617  C  CG2 . THR A 1 82  ? 0.092   9.250   6.938   1.00 34.54 ? 82  THR a CG2 1 
ATOM   618  N  N   . SER A 1 83  ? 2.820   6.162   4.641   1.00 37.28 ? 83  SER a N   1 
ATOM   619  C  CA  . SER A 1 83  ? 3.602   4.935   4.605   1.00 37.28 ? 83  SER a CA  1 
ATOM   620  C  C   . SER A 1 83  ? 4.467   4.854   5.855   1.00 37.28 ? 83  SER a C   1 
ATOM   621  O  O   . SER A 1 83  ? 5.217   5.786   6.158   1.00 37.28 ? 83  SER a O   1 
ATOM   622  C  CB  . SER A 1 83  ? 4.473   4.887   3.350   1.00 37.28 ? 83  SER a CB  1 
ATOM   623  O  OG  . SER A 1 83  ? 5.268   3.715   3.326   1.00 37.28 ? 83  SER a OG  1 
ATOM   624  N  N   . GLY A 1 84  ? 4.363   3.747   6.576   1.00 40.24 ? 84  GLY a N   1 
ATOM   625  C  CA  . GLY A 1 84  ? 5.150   3.582   7.781   1.00 40.24 ? 84  GLY a CA  1 
ATOM   626  C  C   . GLY A 1 84  ? 4.972   2.197   8.363   1.00 40.24 ? 84  GLY a C   1 
ATOM   627  O  O   . GLY A 1 84  ? 4.039   1.465   8.019   1.00 40.24 ? 84  GLY a O   1 
ATOM   628  N  N   . TYR A 1 85  ? 5.890   1.856   9.264   1.00 44.91 ? 85  TYR a N   1 
ATOM   629  C  CA  . TYR A 1 85  ? 5.878   0.568   9.943   1.00 44.91 ? 85  TYR a CA  1 
ATOM   630  C  C   . TYR A 1 85  ? 6.716   0.685   11.207  1.00 44.91 ? 85  TYR a C   1 
ATOM   631  O  O   . TYR A 1 85  ? 7.405   1.683   11.431  1.00 44.91 ? 85  TYR a O   1 
ATOM   632  C  CB  . TYR A 1 85  ? 6.407   -0.551  9.041   1.00 44.91 ? 85  TYR a CB  1 
ATOM   633  C  CG  . TYR A 1 85  ? 7.752   -0.245  8.420   1.00 44.91 ? 85  TYR a CG  1 
ATOM   634  C  CD1 . TYR A 1 85  ? 8.931   -0.569  9.077   1.00 44.91 ? 85  TYR a CD1 1 
ATOM   635  C  CD2 . TYR A 1 85  ? 7.843   0.362   7.176   1.00 44.91 ? 85  TYR a CD2 1 
ATOM   636  C  CE1 . TYR A 1 85  ? 10.159  -0.290  8.518   1.00 44.91 ? 85  TYR a CE1 1 
ATOM   637  C  CE2 . TYR A 1 85  ? 9.067   0.641   6.607   1.00 44.91 ? 85  TYR a CE2 1 
ATOM   638  C  CZ  . TYR A 1 85  ? 10.221  0.313   7.282   1.00 44.91 ? 85  TYR a CZ  1 
ATOM   639  O  OH  . TYR A 1 85  ? 11.444  0.590   6.718   1.00 44.91 ? 85  TYR a OH  1 
ATOM   640  N  N   . GLU A 1 86  ? 6.650   -0.354  12.035  1.00 50.72 ? 86  GLU a N   1 
ATOM   641  C  CA  . GLU A 1 86  ? 7.462   -0.458  13.237  1.00 50.72 ? 86  GLU a CA  1 
ATOM   642  C  C   . GLU A 1 86  ? 8.083   -1.845  13.299  1.00 50.72 ? 86  GLU a C   1 
ATOM   643  O  O   . GLU A 1 86  ? 7.521   -2.814  12.780  1.00 50.72 ? 86  GLU a O   1 
ATOM   644  C  CB  . GLU A 1 86  ? 6.637   -0.189  14.501  1.00 50.72 ? 86  GLU a CB  1 
ATOM   645  C  CG  . GLU A 1 86  ? 6.144   1.242   14.623  1.00 50.72 ? 86  GLU a CG  1 
ATOM   646  C  CD  . GLU A 1 86  ? 5.318   1.473   15.871  1.00 50.72 ? 86  GLU a CD  1 
ATOM   647  O  OE1 . GLU A 1 86  ? 5.021   0.489   16.579  1.00 50.72 ? 86  GLU a OE1 1 
ATOM   648  O  OE2 . GLU A 1 86  ? 4.965   2.639   16.142  1.00 50.72 ? 86  GLU a OE2 1 
ATOM   649  N  N   . THR A 1 87  ? 9.247   -1.936  13.936  1.00 53.09 ? 87  THR a N   1 
ATOM   650  C  CA  . THR A 1 87  ? 9.980   -3.194  13.961  1.00 53.09 ? 87  THR a CA  1 
ATOM   651  C  C   . THR A 1 87  ? 10.916  -3.219  15.159  1.00 53.09 ? 87  THR a C   1 
ATOM   652  O  O   . THR A 1 87  ? 11.219  -2.185  15.760  1.00 53.09 ? 87  THR a O   1 
ATOM   653  C  CB  . THR A 1 87  ? 10.771  -3.408  12.666  1.00 53.09 ? 87  THR a CB  1 
ATOM   654  O  OG1 . THR A 1 87  ? 11.508  -4.633  12.749  1.00 53.09 ? 87  THR a OG1 1 
ATOM   655  C  CG2 . THR A 1 87  ? 11.738  -2.259  12.440  1.00 53.09 ? 87  THR a CG2 1 
ATOM   656  N  N   . ASN A 1 88  ? 11.367  -4.427  15.496  1.00 57.07 ? 88  ASN a N   1 
ATOM   657  C  CA  . ASN A 1 88  ? 12.373  -4.651  16.525  1.00 57.07 ? 88  ASN a CA  1 
ATOM   658  C  C   . ASN A 1 88  ? 13.767  -4.823  15.937  1.00 57.07 ? 88  ASN a C   1 
ATOM   659  O  O   . ASN A 1 88  ? 14.694  -5.192  16.664  1.00 57.07 ? 88  ASN a O   1 
ATOM   660  C  CB  . ASN A 1 88  ? 12.012  -5.884  17.355  1.00 57.07 ? 88  ASN a CB  1 
ATOM   661  C  CG  . ASN A 1 88  ? 10.801  -5.663  18.232  1.00 57.07 ? 88  ASN a CG  1 
ATOM   662  O  OD1 . ASN A 1 88  ? 10.645  -4.607  18.845  1.00 57.07 ? 88  ASN a OD1 1 
ATOM   663  N  ND2 . ASN A 1 88  ? 9.932   -6.665  18.300  1.00 57.07 ? 88  ASN a ND2 1 
ATOM   664  N  N   . SER A 1 89  ? 13.926  -4.574  14.637  1.00 59.82 ? 89  SER a N   1 
ATOM   665  C  CA  . SER A 1 89  ? 15.166  -4.921  13.948  1.00 59.82 ? 89  SER a CA  1 
ATOM   666  C  C   . SER A 1 89  ? 16.349  -4.105  14.449  1.00 59.82 ? 89  SER a C   1 
ATOM   667  O  O   . SER A 1 89  ? 17.470  -4.618  14.509  1.00 59.82 ? 89  SER a O   1 
ATOM   668  C  CB  . SER A 1 89  ? 14.990  -4.739  12.441  1.00 59.82 ? 89  SER a CB  1 
ATOM   669  O  OG  . SER A 1 89  ? 16.178  -5.073  11.747  1.00 59.82 ? 89  SER a OG  1 
ATOM   670  N  N   . THR A 1 90  ? 16.133  -2.810  14.710  1.00 61.27 ? 90  THR a N   1 
ATOM   671  C  CA  . THR A 1 90  ? 17.105  -1.796  15.142  1.00 61.27 ? 90  THR a CA  1 
ATOM   672  C  C   . THR A 1 90  ? 18.261  -1.698  14.148  1.00 61.27 ? 90  THR a C   1 
ATOM   673  O  O   . THR A 1 90  ? 19.211  -0.940  14.363  1.00 61.27 ? 90  THR a O   1 
ATOM   674  C  CB  . THR A 1 90  ? 17.632  -2.009  16.579  1.00 61.27 ? 90  THR a CB  1 
ATOM   675  O  OG1 . THR A 1 90  ? 18.416  -0.868  16.950  1.00 61.27 ? 90  THR a OG1 1 
ATOM   676  C  CG2 . THR A 1 90  ? 18.552  -3.206  16.715  1.00 61.27 ? 90  THR a CG2 1 
ATOM   677  N  N   . ALA A 1 91  ? 18.180  -2.461  13.056  1.00 58.49 ? 91  ALA a N   1 
ATOM   678  C  CA  . ALA A 1 91  ? 19.029  -2.282  11.890  1.00 58.49 ? 91  ALA a CA  1 
ATOM   679  C  C   . ALA A 1 91  ? 18.254  -1.795  10.678  1.00 58.49 ? 91  ALA a C   1 
ATOM   680  O  O   . ALA A 1 91  ? 18.853  -1.210  9.772   1.00 58.49 ? 91  ALA a O   1 
ATOM   681  C  CB  . ALA A 1 91  ? 19.745  -3.593  11.534  1.00 58.49 ? 91  ALA a CB  1 
ATOM   682  N  N   . LEU A 1 92  ? 16.943  -2.028  10.646  1.00 54.07 ? 92  LEU a N   1 
ATOM   683  C  CA  . LEU A 1 92  ? 16.036  -1.451  9.664   1.00 54.07 ? 92  LEU a CA  1 
ATOM   684  C  C   . LEU A 1 92  ? 15.356  -0.192  10.181  1.00 54.07 ? 92  LEU a C   1 
ATOM   685  O  O   . LEU A 1 92  ? 15.213  0.782   9.436   1.00 54.07 ? 92  LEU a O   1 
ATOM   686  C  CB  . LEU A 1 92  ? 14.978  -2.483  9.259   1.00 54.07 ? 92  LEU a CB  1 
ATOM   687  C  CG  . LEU A 1 92  ? 13.759  -2.006  8.469   1.00 54.07 ? 92  LEU a CG  1 
ATOM   688  C  CD1 . LEU A 1 92  ? 14.124  -1.748  7.018   1.00 54.07 ? 92  LEU a CD1 1 
ATOM   689  C  CD2 . LEU A 1 92  ? 12.636  -3.023  8.567   1.00 54.07 ? 92  LEU a CD2 1 
ATOM   690  N  N   . GLY A 1 93  ? 14.941  -0.191  11.445  1.00 51.59 ? 93  GLY a N   1 
ATOM   691  C  CA  . GLY A 1 93  ? 14.403  0.993   12.078  1.00 51.59 ? 93  GLY a CA  1 
ATOM   692  C  C   . GLY A 1 93  ? 12.939  1.226   11.760  1.00 51.59 ? 93  GLY a C   1 
ATOM   693  O  O   . GLY A 1 93  ? 12.340  0.596   10.887  1.00 51.59 ? 93  GLY a O   1 
ATOM   694  N  N   . ASN A 1 94  ? 12.355  2.164   12.496  1.00 46.72 ? 94  ASN a N   1 
ATOM   695  C  CA  . ASN A 1 94  ? 10.975  2.569   12.283  1.00 46.72 ? 94  ASN a CA  1 
ATOM   696  C  C   . ASN A 1 94  ? 10.903  3.636   11.199  1.00 46.72 ? 94  ASN a C   1 
ATOM   697  O  O   . ASN A 1 94  ? 11.828  4.431   11.020  1.00 46.72 ? 94  ASN a O   1 
ATOM   698  C  CB  . ASN A 1 94  ? 10.355  3.095   13.578  1.00 46.72 ? 94  ASN a CB  1 
ATOM   699  C  CG  . ASN A 1 94  ? 10.257  2.031   14.650  1.00 46.72 ? 94  ASN a CG  1 
ATOM   700  O  OD1 . ASN A 1 94  ? 10.853  0.962   14.534  1.00 46.72 ? 94  ASN a OD1 1 
ATOM   701  N  ND2 . ASN A 1 94  ? 9.502   2.318   15.702  1.00 46.72 ? 94  ASN a ND2 1 
ATOM   702  N  N   . PHE A 1 95  ? 9.789   3.643   10.474  1.00 40.73 ? 95  PHE a N   1 
ATOM   703  C  CA  . PHE A 1 95  ? 9.592   4.552   9.358   1.00 40.73 ? 95  PHE a CA  1 
ATOM   704  C  C   . PHE A 1 95  ? 8.206   5.172   9.426   1.00 40.73 ? 95  PHE a C   1 
ATOM   705  O  O   . PHE A 1 95  ? 7.261   4.567   9.939   1.00 40.73 ? 95  PHE a O   1 
ATOM   706  C  CB  . PHE A 1 95  ? 9.783   3.831   8.018   1.00 40.73 ? 95  PHE a CB  1 
ATOM   707  C  CG  . PHE A 1 95  ? 9.852   4.754   6.839   1.00 40.73 ? 95  PHE a CG  1 
ATOM   708  C  CD1 . PHE A 1 95  ? 10.906  5.638   6.694   1.00 40.73 ? 95  PHE a CD1 1 
ATOM   709  C  CD2 . PHE A 1 95  ? 8.865   4.731   5.869   1.00 40.73 ? 95  PHE a CD2 1 
ATOM   710  C  CE1 . PHE A 1 95  ? 10.970  6.487   5.609   1.00 40.73 ? 95  PHE a CE1 1 
ATOM   711  C  CE2 . PHE A 1 95  ? 8.926   5.574   4.782   1.00 40.73 ? 95  PHE a CE2 1 
ATOM   712  C  CZ  . PHE A 1 95  ? 9.979   6.455   4.652   1.00 40.73 ? 95  PHE a CZ  1 
ATOM   713  N  N   . SER A 1 96  ? 8.099   6.395   8.911   1.00 39.05 ? 96  SER a N   1 
ATOM   714  C  CA  . SER A 1 96  ? 6.821   7.089   8.818   1.00 39.05 ? 96  SER a CA  1 
ATOM   715  C  C   . SER A 1 96  ? 6.937   8.149   7.736   1.00 39.05 ? 96  SER a C   1 
ATOM   716  O  O   . SER A 1 96  ? 7.884   8.940   7.745   1.00 39.05 ? 96  SER a O   1 
ATOM   717  C  CB  . SER A 1 96  ? 6.432   7.721   10.158  1.00 39.05 ? 96  SER a CB  1 
ATOM   718  O  OG  . SER A 1 96  ? 5.152   8.322   10.083  1.00 39.05 ? 96  SER a OG  1 
ATOM   719  N  N   . GLU A 1 97  ? 5.980   8.161   6.811   1.00 37.55 ? 97  GLU a N   1 
ATOM   720  C  CA  . GLU A 1 97  ? 6.075   9.023   5.634   1.00 37.55 ? 97  GLU a CA  1 
ATOM   721  C  C   . GLU A 1 97  ? 4.668   9.260   5.104   1.00 37.55 ? 97  GLU a C   1 
ATOM   722  O  O   . GLU A 1 97  ? 4.067   8.347   4.532   1.00 37.55 ? 97  GLU a O   1 
ATOM   723  C  CB  . GLU A 1 97  ? 6.951   8.368   4.574   1.00 37.55 ? 97  GLU a CB  1 
ATOM   724  C  CG  . GLU A 1 97  ? 7.169   9.185   3.315   1.00 37.55 ? 97  GLU a CG  1 
ATOM   725  C  CD  . GLU A 1 97  ? 7.956   10.444  3.561   1.00 37.55 ? 97  GLU a CD  1 
ATOM   726  O  OE1 . GLU A 1 97  ? 8.741   10.467  4.530   1.00 37.55 ? 97  GLU a OE1 1 
ATOM   727  O  OE2 . GLU A 1 97  ? 7.795   11.408  2.786   1.00 37.55 ? 97  GLU a OE2 1 
ATOM   728  N  N   . THR A 1 98  ? 4.150   10.472  5.280   1.00 34.45 ? 98  THR a N   1 
ATOM   729  C  CA  . THR A 1 98  ? 2.854   10.817  4.713   1.00 34.45 ? 98  THR a CA  1 
ATOM   730  C  C   . THR A 1 98  ? 3.021   11.090  3.223   1.00 34.45 ? 98  THR a C   1 
ATOM   731  O  O   . THR A 1 98  ? 3.879   11.881  2.823   1.00 34.45 ? 98  THR a O   1 
ATOM   732  C  CB  . THR A 1 98  ? 2.258   12.034  5.417   1.00 34.45 ? 98  THR a CB  1 
ATOM   733  O  OG1 . THR A 1 98  ? 2.102   11.750  6.811   1.00 34.45 ? 98  THR a OG1 1 
ATOM   734  C  CG2 . THR A 1 98  ? 0.892   12.356  4.837   1.00 34.45 ? 98  THR a CG2 1 
ATOM   735  N  N   . LYS A 1 99  ? 2.201   10.433  2.403   1.00 34.48 ? 99  LYS a N   1 
ATOM   736  C  CA  . LYS A 1 99  ? 2.405   10.428  0.961   1.00 34.48 ? 99  LYS a CA  1 
ATOM   737  C  C   . LYS A 1 99  ? 1.364   11.196  0.166   1.00 34.48 ? 99  LYS a C   1 
ATOM   738  O  O   . LYS A 1 99  ? 1.713   11.790  -0.855  1.00 34.48 ? 99  LYS a O   1 
ATOM   739  C  CB  . LYS A 1 99  ? 2.454   8.987   0.440   1.00 34.48 ? 99  LYS a CB  1 
ATOM   740  C  CG  . LYS A 1 99  ? 3.736   8.255   0.782   1.00 34.48 ? 99  LYS a CG  1 
ATOM   741  C  CD  . LYS A 1 99  ? 4.864   8.752   -0.101  1.00 34.48 ? 99  LYS a CD  1 
ATOM   742  C  CE  . LYS A 1 99  ? 6.163   8.028   0.168   1.00 34.48 ? 99  LYS a CE  1 
ATOM   743  N  NZ  . LYS A 1 99  ? 6.100   6.610   -0.261  1.00 34.48 ? 99  LYS a NZ  1 
ATOM   744  N  N   . ALA A 1 100 ? 0.103   11.205  0.588   1.00 33.84 ? 100 ALA a N   1 
ATOM   745  C  CA  . ALA A 1 100 ? -0.922  11.851  -0.219  1.00 33.84 ? 100 ALA a CA  1 
ATOM   746  C  C   . ALA A 1 100 ? -2.098  12.249  0.659   1.00 33.84 ? 100 ALA a C   1 
ATOM   747  O  O   . ALA A 1 100 ? -2.305  11.702  1.743   1.00 33.84 ? 100 ALA a O   1 
ATOM   748  C  CB  . ALA A 1 100 ? -1.393  10.941  -1.356  1.00 33.84 ? 100 ALA a CB  1 
ATOM   749  N  N   . VAL A 1 101 ? -2.862  13.222  0.167   1.00 33.61 ? 101 VAL a N   1 
ATOM   750  C  CA  . VAL A 1 101 ? -4.121  13.645  0.769   1.00 33.61 ? 101 VAL a CA  1 
ATOM   751  C  C   . VAL A 1 101 ? -5.129  13.782  -0.363  1.00 33.61 ? 101 VAL a C   1 
ATOM   752  O  O   . VAL A 1 101 ? -5.005  14.683  -1.202  1.00 33.61 ? 101 VAL a O   1 
ATOM   753  C  CB  . VAL A 1 101 ? -3.991  14.963  1.546   1.00 33.61 ? 101 VAL a CB  1 
ATOM   754  C  CG1 . VAL A 1 101 ? -5.347  15.393  2.083   1.00 33.61 ? 101 VAL a CG1 1 
ATOM   755  C  CG2 . VAL A 1 101 ? -2.989  14.824  2.681   1.00 33.61 ? 101 VAL a CG2 1 
ATOM   756  N  N   . ILE A 1 102 ? -6.122  12.900  -0.391  1.00 34.90 ? 102 ILE a N   1 
ATOM   757  C  CA  . ILE A 1 102 ? -7.148  12.913  -1.423  1.00 34.90 ? 102 ILE a CA  1 
ATOM   758  C  C   . ILE A 1 102 ? -8.474  13.322  -0.798  1.00 34.90 ? 102 ILE a C   1 
ATOM   759  O  O   . ILE A 1 102 ? -8.677  13.232  0.416   1.00 34.90 ? 102 ILE a O   1 
ATOM   760  C  CB  . ILE A 1 102 ? -7.269  11.551  -2.136  1.00 34.90 ? 102 ILE a CB  1 
ATOM   761  C  CG1 . ILE A 1 102 ? -7.545  10.439  -1.125  1.00 34.90 ? 102 ILE a CG1 1 
ATOM   762  C  CG2 . ILE A 1 102 ? -6.008  11.251  -2.922  1.00 34.90 ? 102 ILE a CG2 1 
ATOM   763  C  CD1 . ILE A 1 102 ? -7.738  9.080   -1.753  1.00 34.90 ? 102 ILE a CD1 1 
ATOM   764  N  N   . SER A 1 103 ? -9.392  13.774  -1.648  1.00 36.00 ? 103 SER a N   1 
ATOM   765  C  CA  . SER A 1 103 ? -10.671 14.299  -1.189  1.00 36.00 ? 103 SER a CA  1 
ATOM   766  C  C   . SER A 1 103 ? -11.708 14.083  -2.285  1.00 36.00 ? 103 SER a C   1 
ATOM   767  O  O   . SER A 1 103 ? -11.421 13.494  -3.331  1.00 36.00 ? 103 SER a O   1 
ATOM   768  C  CB  . SER A 1 103 ? -10.536 15.777  -0.806  1.00 36.00 ? 103 SER a CB  1 
ATOM   769  O  OG  . SER A 1 103 ? -10.474 16.598  -1.959  1.00 36.00 ? 103 SER a OG  1 
ATOM   770  N  N   . LEU A 1 104 ? -12.929 14.567  -2.042  1.00 35.70 ? 104 LEU a N   1 
ATOM   771  C  CA  . LEU A 1 104 ? -13.994 14.436  -3.029  1.00 35.70 ? 104 LEU a CA  1 
ATOM   772  C  C   . LEU A 1 104 ? -13.782 15.346  -4.231  1.00 35.70 ? 104 LEU a C   1 
ATOM   773  O  O   . LEU A 1 104 ? -14.356 15.089  -5.294  1.00 35.70 ? 104 LEU a O   1 
ATOM   774  C  CB  . LEU A 1 104 ? -15.350 14.733  -2.389  1.00 35.70 ? 104 LEU a CB  1 
ATOM   775  C  CG  . LEU A 1 104 ? -15.740 13.899  -1.166  1.00 35.70 ? 104 LEU a CG  1 
ATOM   776  C  CD1 . LEU A 1 104 ? -17.009 14.444  -0.529  1.00 35.70 ? 104 LEU a CD1 1 
ATOM   777  C  CD2 . LEU A 1 104 ? -15.910 12.436  -1.538  1.00 35.70 ? 104 LEU a CD2 1 
ATOM   778  N  N   . ASP A 1 105 ? -12.977 16.398  -4.089  1.00 39.60 ? 105 ASP a N   1 
ATOM   779  C  CA  . ASP A 1 105 ? -12.671 17.293  -5.196  1.00 39.60 ? 105 ASP a CA  1 
ATOM   780  C  C   . ASP A 1 105 ? -11.379 16.934  -5.916  1.00 39.60 ? 105 ASP a C   1 
ATOM   781  O  O   . ASP A 1 105 ? -11.226 17.282  -7.091  1.00 39.60 ? 105 ASP a O   1 
ATOM   782  C  CB  . ASP A 1 105 ? -12.584 18.740  -4.700  1.00 39.60 ? 105 ASP a CB  1 
ATOM   783  C  CG  . ASP A 1 105 ? -13.933 19.299  -4.298  1.00 39.60 ? 105 ASP a CG  1 
ATOM   784  O  OD1 . ASP A 1 105 ? -14.956 18.834  -4.840  1.00 39.60 ? 105 ASP a OD1 1 
ATOM   785  O  OD2 . ASP A 1 105 ? -13.970 20.202  -3.436  1.00 39.60 ? 105 ASP a OD2 1 
ATOM   786  N  N   . ASN A 1 106 ? -10.454 16.254  -5.242  1.00 38.93 ? 106 ASN a N   1 
ATOM   787  C  CA  . ASN A 1 106 ? -9.211  15.772  -5.842  1.00 38.93 ? 106 ASN a CA  1 
ATOM   788  C  C   . ASN A 1 106 ? -9.076  14.299  -5.484  1.00 38.93 ? 106 ASN a C   1 
ATOM   789  O  O   . ASN A 1 106 ? -8.333  13.934  -4.564  1.00 38.93 ? 106 ASN a O   1 
ATOM   790  C  CB  . ASN A 1 106 ? -8.008  16.582  -5.360  1.00 38.93 ? 106 ASN a CB  1 
ATOM   791  C  CG  . ASN A 1 106 ? -8.184  18.071  -5.580  1.00 38.93 ? 106 ASN a CG  1 
ATOM   792  O  OD1 . ASN A 1 106 ? -8.434  18.519  -6.699  1.00 38.93 ? 106 ASN a OD1 1 
ATOM   793  N  ND2 . ASN A 1 106 ? -8.059  18.846  -4.510  1.00 38.93 ? 106 ASN a ND2 1 
ATOM   794  N  N   . PRO A 1 107 ? -9.789  13.420  -6.195  1.00 36.53 ? 107 PRO a N   1 
ATOM   795  C  CA  . PRO A 1 107 ? -9.854  12.013  -5.771  1.00 36.53 ? 107 PRO a CA  1 
ATOM   796  C  C   . PRO A 1 107 ? -8.592  11.209  -6.027  1.00 36.53 ? 107 PRO a C   1 
ATOM   797  O  O   . PRO A 1 107 ? -8.439  10.142  -5.421  1.00 36.53 ? 107 PRO a O   1 
ATOM   798  C  CB  . PRO A 1 107 ? -11.032 11.451  -6.586  1.00 36.53 ? 107 PRO a CB  1 
ATOM   799  C  CG  . PRO A 1 107 ? -11.701 12.642  -7.223  1.00 36.53 ? 107 PRO a CG  1 
ATOM   800  C  CD  . PRO A 1 107 ? -10.646 13.682  -7.361  1.00 36.53 ? 107 PRO a CD  1 
ATOM   801  N  N   . SER A 1 108 ? -7.685  11.674  -6.882  1.00 36.90 ? 108 SER a N   1 
ATOM   802  C  CA  . SER A 1 108 ? -6.530  10.886  -7.291  1.00 36.90 ? 108 SER a CA  1 
ATOM   803  C  C   . SER A 1 108 ? -5.233  11.559  -6.860  1.00 36.90 ? 108 SER a C   1 
ATOM   804  O  O   . SER A 1 108 ? -5.149  12.787  -6.769  1.00 36.90 ? 108 SER a O   1 
ATOM   805  C  CB  . SER A 1 108 ? -6.522  10.670  -8.808  1.00 36.90 ? 108 SER a CB  1 
ATOM   806  O  OG  . SER A 1 108 ? -6.528  11.904  -9.499  1.00 36.90 ? 108 SER a OG  1 
ATOM   807  N  N   . ALA A 1 109 ? -4.223  10.733  -6.592  1.00 34.79 ? 109 ALA a N   1 
ATOM   808  C  CA  . ALA A 1 109 ? -2.902  11.212  -6.213  1.00 34.79 ? 109 ALA a CA  1 
ATOM   809  C  C   . ALA A 1 109 ? -1.865  10.163  -6.587  1.00 34.79 ? 109 ALA a C   1 
ATOM   810  O  O   . ALA A 1 109 ? -2.139  8.961   -6.552  1.00 34.79 ? 109 ALA a O   1 
ATOM   811  C  CB  . ALA A 1 109 ? -2.822  11.528  -4.716  1.00 34.79 ? 109 ALA a CB  1 
ATOM   812  N  N   . VAL A 1 110 ? -0.670  10.629  -6.938  1.00 33.67 ? 110 VAL a N   1 
ATOM   813  C  CA  . VAL A 1 110 ? 0.437   9.765   -7.330  1.00 33.67 ? 110 VAL a CA  1 
ATOM   814  C  C   . VAL A 1 110 ? 1.329   9.537   -6.119  1.00 33.67 ? 110 VAL a C   1 
ATOM   815  O  O   . VAL A 1 110 ? 1.728   10.494  -5.443  1.00 33.67 ? 110 VAL a O   1 
ATOM   816  C  CB  . VAL A 1 110 ? 1.234   10.373  -8.496  1.00 33.67 ? 110 VAL a CB  1 
ATOM   817  C  CG1 . VAL A 1 110 ? 2.433   9.504   -8.831  1.00 33.67 ? 110 VAL a CG1 1 
ATOM   818  C  CG2 . VAL A 1 110 ? 0.342   10.546  -9.714  1.00 33.67 ? 110 VAL a CG2 1 
ATOM   819  N  N   . ILE A 1 111 ? 1.641   8.274   -5.842  1.00 34.51 ? 111 ILE a N   1 
ATOM   820  C  CA  . ILE A 1 111 ? 2.449   7.884   -4.693  1.00 34.51 ? 111 ILE a CA  1 
ATOM   821  C  C   . ILE A 1 111 ? 3.646   7.085   -5.185  1.00 34.51 ? 111 ILE a C   1 
ATOM   822  O  O   . ILE A 1 111 ? 3.510   6.213   -6.050  1.00 34.51 ? 111 ILE a O   1 
ATOM   823  C  CB  . ILE A 1 111 ? 1.623   7.069   -3.675  1.00 34.51 ? 111 ILE a CB  1 
ATOM   824  C  CG1 . ILE A 1 111 ? 0.578   7.962   -3.005  1.00 34.51 ? 111 ILE a CG1 1 
ATOM   825  C  CG2 . ILE A 1 111 ? 2.524   6.422   -2.634  1.00 34.51 ? 111 ILE a CG2 1 
ATOM   826  C  CD1 . ILE A 1 111 ? -0.348  7.223   -2.072  1.00 34.51 ? 111 ILE a CD1 1 
ATOM   827  N  N   . VAL A 1 112 ? 4.820   7.388   -4.636  1.00 35.49 ? 112 VAL a N   1 
ATOM   828  C  CA  . VAL A 1 112 ? 6.064   6.719   -4.994  1.00 35.49 ? 112 VAL a CA  1 
ATOM   829  C  C   . VAL A 1 112 ? 6.592   5.995   -3.764  1.00 35.49 ? 112 VAL a C   1 
ATOM   830  O  O   . VAL A 1 112 ? 6.750   6.604   -2.700  1.00 35.49 ? 112 VAL a O   1 
ATOM   831  C  CB  . VAL A 1 112 ? 7.108   7.716   -5.531  1.00 35.49 ? 112 VAL a CB  1 
ATOM   832  C  CG1 . VAL A 1 112 ? 8.483   7.075   -5.578  1.00 35.49 ? 112 VAL a CG1 1 
ATOM   833  C  CG2 . VAL A 1 112 ? 6.703   8.219   -6.904  1.00 35.49 ? 112 VAL a CG2 1 
ATOM   834  N  N   . LEU A 1 113 ? 6.858   4.700   -3.908  1.00 37.29 ? 113 LEU a N   1 
ATOM   835  C  CA  . LEU A 1 113 ? 7.445   3.890   -2.848  1.00 37.29 ? 113 LEU a CA  1 
ATOM   836  C  C   . LEU A 1 113 ? 8.858   3.499   -3.254  1.00 37.29 ? 113 LEU a C   1 
ATOM   837  O  O   . LEU A 1 113 ? 9.055   2.844   -4.283  1.00 37.29 ? 113 LEU a O   1 
ATOM   838  C  CB  . LEU A 1 113 ? 6.601   2.649   -2.565  1.00 37.29 ? 113 LEU a CB  1 
ATOM   839  C  CG  . LEU A 1 113 ? 5.109   2.867   -2.310  1.00 37.29 ? 113 LEU a CG  1 
ATOM   840  C  CD1 . LEU A 1 113 ? 4.339   1.581   -2.546  1.00 37.29 ? 113 LEU a CD1 1 
ATOM   841  C  CD2 . LEU A 1 113 ? 4.872   3.388   -0.902  1.00 37.29 ? 113 LEU a CD2 1 
ATOM   842  N  N   . ASP A 1 114 ? 9.831   3.897   -2.445  1.00 39.60 ? 114 ASP a N   1 
ATOM   843  C  CA  . ASP A 1 114 ? 11.246  3.658   -2.689  1.00 39.60 ? 114 ASP a CA  1 
ATOM   844  C  C   . ASP A 1 114 ? 11.831  2.834   -1.541  1.00 39.60 ? 114 ASP a C   1 
ATOM   845  O  O   . ASP A 1 114 ? 11.101  2.280   -0.714  1.00 39.60 ? 114 ASP a O   1 
ATOM   846  C  CB  . ASP A 1 114 ? 11.985  4.982   -2.908  1.00 39.60 ? 114 ASP a CB  1 
ATOM   847  C  CG  . ASP A 1 114 ? 11.882  5.913   -1.724  1.00 39.60 ? 114 ASP a CG  1 
ATOM   848  O  OD1 . ASP A 1 114 ? 11.013  6.807   -1.744  1.00 39.60 ? 114 ASP a OD1 1 
ATOM   849  O  OD2 . ASP A 1 114 ? 12.666  5.752   -0.770  1.00 39.60 ? 114 ASP a OD2 1 
ATOM   850  N  N   . LYS A 1 115 ? 13.165  2.746   -1.516  1.00 38.80 ? 115 LYS a N   1 
ATOM   851  C  CA  . LYS A 1 115 ? 13.862  1.791   -0.654  1.00 38.80 ? 115 LYS a CA  1 
ATOM   852  C  C   . LYS A 1 115 ? 13.417  1.870   0.802   1.00 38.80 ? 115 LYS a C   1 
ATOM   853  O  O   . LYS A 1 115 ? 13.266  0.838   1.465   1.00 38.80 ? 115 LYS a O   1 
ATOM   854  C  CB  . LYS A 1 115 ? 15.371  2.018   -0.753  1.00 38.80 ? 115 LYS a CB  1 
ATOM   855  C  CG  . LYS A 1 115 ? 16.195  1.057   0.083   1.00 38.80 ? 115 LYS a CG  1 
ATOM   856  C  CD  . LYS A 1 115 ? 17.678  1.297   -0.107  1.00 38.80 ? 115 LYS a CD  1 
ATOM   857  C  CE  . LYS A 1 115 ? 18.496  0.446   0.844   1.00 38.80 ? 115 LYS a CE  1 
ATOM   858  N  NZ  . LYS A 1 115 ? 18.345  -1.001  0.541   1.00 38.80 ? 115 LYS a NZ  1 
ATOM   859  N  N   . GLU A 1 116 ? 13.204  3.078   1.326   1.00 40.57 ? 116 GLU a N   1 
ATOM   860  C  CA  . GLU A 1 116 ? 12.808  3.192   2.726   1.00 40.57 ? 116 GLU a CA  1 
ATOM   861  C  C   . GLU A 1 116 ? 11.349  2.813   2.952   1.00 40.57 ? 116 GLU a C   1 
ATOM   862  O  O   . GLU A 1 116 ? 10.999  2.353   4.045   1.00 40.57 ? 116 GLU a O   1 
ATOM   863  C  CB  . GLU A 1 116 ? 13.082  4.604   3.251   1.00 40.57 ? 116 GLU a CB  1 
ATOM   864  C  CG  . GLU A 1 116 ? 14.558  4.979   3.267   1.00 40.57 ? 116 GLU a CG  1 
ATOM   865  C  CD  . GLU A 1 116 ? 15.013  5.657   1.992   1.00 40.57 ? 116 GLU a CD  1 
ATOM   866  O  OE1 . GLU A 1 116 ? 14.183  6.324   1.345   1.00 40.57 ? 116 GLU a OE1 1 
ATOM   867  O  OE2 . GLU A 1 116 ? 16.199  5.515   1.634   1.00 40.57 ? 116 GLU a OE2 1 
ATOM   868  N  N   . ASP A 1 117 ? 10.487  2.994   1.950   1.00 40.21 ? 117 ASP a N   1 
ATOM   869  C  CA  . ASP A 1 117 ? 9.089   2.609   2.100   1.00 40.21 ? 117 ASP a CA  1 
ATOM   870  C  C   . ASP A 1 117 ? 8.893   1.100   2.105   1.00 40.21 ? 117 ASP a C   1 
ATOM   871  O  O   . ASP A 1 117 ? 7.859   0.624   2.585   1.00 40.21 ? 117 ASP a O   1 
ATOM   872  C  CB  . ASP A 1 117 ? 8.244   3.228   0.988   1.00 40.21 ? 117 ASP a CB  1 
ATOM   873  C  CG  . ASP A 1 117 ? 8.295   4.736   0.991   1.00 40.21 ? 117 ASP a CG  1 
ATOM   874  O  OD1 . ASP A 1 117 ? 9.353   5.301   0.640   1.00 40.21 ? 117 ASP a OD1 1 
ATOM   875  O  OD2 . ASP A 1 117 ? 7.279   5.360   1.352   1.00 40.21 ? 117 ASP a OD2 1 
ATOM   876  N  N   . ILE A 1 118 ? 9.851   0.340   1.586   1.00 40.51 ? 118 ILE a N   1 
ATOM   877  C  CA  . ILE A 1 118 ? 9.748   -1.111  1.492   1.00 40.51 ? 118 ILE a CA  1 
ATOM   878  C  C   . ILE A 1 118 ? 10.613  -1.712  2.593   1.00 40.51 ? 118 ILE a C   1 
ATOM   879  O  O   . ILE A 1 118 ? 11.832  -1.518  2.616   1.00 40.51 ? 118 ILE a O   1 
ATOM   880  C  CB  . ILE A 1 118 ? 10.171  -1.616  0.107   1.00 40.51 ? 118 ILE a CB  1 
ATOM   881  C  CG1 . ILE A 1 118 ? 9.328   -0.946  -0.980  1.00 40.51 ? 118 ILE a CG1 1 
ATOM   882  C  CG2 . ILE A 1 118 ? 10.045  -3.125  0.029   1.00 40.51 ? 118 ILE a CG2 1 
ATOM   883  C  CD1 . ILE A 1 118 ? 9.900   -1.086  -2.368  1.00 40.51 ? 118 ILE a CD1 1 
ATOM   884  N  N   . ALA A 1 119 ? 9.983   -2.446  3.508   1.00 45.26 ? 119 ALA a N   1 
ATOM   885  C  CA  . ALA A 1 119 ? 10.683  -3.051  4.633   1.00 45.26 ? 119 ALA a CA  1 
ATOM   886  C  C   . ALA A 1 119 ? 11.057  -4.489  4.303   1.00 45.26 ? 119 ALA a C   1 
ATOM   887  O  O   . ALA A 1 119 ? 10.206  -5.278  3.879   1.00 45.26 ? 119 ALA a O   1 
ATOM   888  C  CB  . ALA A 1 119 ? 9.817   -3.005  5.892   1.00 45.26 ? 119 ALA a CB  1 
ATOM   889  N  N   . VAL A 1 120 ? 12.330  -4.826  4.498   1.00 51.38 ? 120 VAL a N   1 
ATOM   890  C  CA  . VAL A 1 120 ? 12.855  -6.157  4.215   1.00 51.38 ? 120 VAL a CA  1 
ATOM   891  C  C   . VAL A 1 120 ? 13.679  -6.617  5.408   1.00 51.38 ? 120 VAL a C   1 
ATOM   892  O  O   . VAL A 1 120 ? 14.465  -5.844  5.965   1.00 51.38 ? 120 VAL a O   1 
ATOM   893  C  CB  . VAL A 1 120 ? 13.712  -6.179  2.930   1.00 51.38 ? 120 VAL a CB  1 
ATOM   894  C  CG1 . VAL A 1 120 ? 14.154  -7.595  2.607   1.00 51.38 ? 120 VAL a CG1 1 
ATOM   895  C  CG2 . VAL A 1 120 ? 12.951  -5.580  1.760   1.00 51.38 ? 120 VAL a CG2 1 
ATOM   896  N  N   . LEU A 1 121 ? 13.499  -7.874  5.800   1.00 57.01 ? 121 LEU a N   1 
ATOM   897  C  CA  . LEU A 1 121 ? 14.288  -8.492  6.853   1.00 57.01 ? 121 LEU a CA  1 
ATOM   898  C  C   . LEU A 1 121 ? 15.197  -9.563  6.265   1.00 57.01 ? 121 LEU a C   1 
ATOM   899  O  O   . LEU A 1 121 ? 14.876  -10.185 5.248   1.00 57.01 ? 121 LEU a O   1 
ATOM   900  C  CB  . LEU A 1 121 ? 13.397  -9.112  7.933   1.00 57.01 ? 121 LEU a CB  1 
ATOM   901  C  CG  . LEU A 1 121 ? 12.296  -8.233  8.526   1.00 57.01 ? 121 LEU a CG  1 
ATOM   902  C  CD1 . LEU A 1 121 ? 11.303  -9.080  9.306   1.00 57.01 ? 121 LEU a CD1 1 
ATOM   903  C  CD2 . LEU A 1 121 ? 12.889  -7.149  9.410   1.00 57.01 ? 121 LEU a CD2 1 
ATOM   904  N  N   . TYR A 1 122 ? 16.341  -9.768  6.915   1.00 61.18 ? 122 TYR a N   1 
ATOM   905  C  CA  . TYR A 1 122 ? 17.329  -10.763 6.500   1.00 61.18 ? 122 TYR a CA  1 
ATOM   906  C  C   . TYR A 1 122 ? 17.644  -11.636 7.705   1.00 61.18 ? 122 TYR a C   1 
ATOM   907  O  O   . TYR A 1 122 ? 18.578  -11.350 8.466   1.00 61.18 ? 122 TYR a O   1 
ATOM   908  C  CB  . TYR A 1 122 ? 18.581  -10.095 5.940   1.00 61.18 ? 122 TYR a CB  1 
ATOM   909  C  CG  . TYR A 1 122 ? 18.302  -9.230  4.733   1.00 61.18 ? 122 TYR a CG  1 
ATOM   910  C  CD1 . TYR A 1 122 ? 18.097  -9.795  3.482   1.00 61.18 ? 122 TYR a CD1 1 
ATOM   911  C  CD2 . TYR A 1 122 ? 18.227  -7.850  4.848   1.00 61.18 ? 122 TYR a CD2 1 
ATOM   912  C  CE1 . TYR A 1 122 ? 17.833  -9.009  2.378   1.00 61.18 ? 122 TYR a CE1 1 
ATOM   913  C  CE2 . TYR A 1 122 ? 17.964  -7.055  3.750   1.00 61.18 ? 122 TYR a CE2 1 
ATOM   914  C  CZ  . TYR A 1 122 ? 17.768  -7.640  2.518   1.00 61.18 ? 122 TYR a CZ  1 
ATOM   915  O  OH  . TYR A 1 122 ? 17.507  -6.853  1.422   1.00 61.18 ? 122 TYR a OH  1 
ATOM   916  N  N   . PRO A 1 123 ? 16.892  -12.723 7.900   1.00 64.46 ? 123 PRO a N   1 
ATOM   917  C  CA  . PRO A 1 123 ? 16.996  -13.482 9.160   1.00 64.46 ? 123 PRO a CA  1 
ATOM   918  C  C   . PRO A 1 123 ? 18.376  -14.049 9.440   1.00 64.46 ? 123 PRO a C   1 
ATOM   919  O  O   . PRO A 1 123 ? 18.665  -14.379 10.598  1.00 64.46 ? 123 PRO a O   1 
ATOM   920  C  CB  . PRO A 1 123 ? 15.964  -14.600 8.969   1.00 64.46 ? 123 PRO a CB  1 
ATOM   921  C  CG  . PRO A 1 123 ? 14.968  -14.014 8.024   1.00 64.46 ? 123 PRO a CG  1 
ATOM   922  C  CD  . PRO A 1 123 ? 15.799  -13.226 7.052   1.00 64.46 ? 123 PRO a CD  1 
ATOM   923  N  N   . ASP A 1 124 ? 19.239  -14.174 8.433   1.00 68.64 ? 124 ASP a N   1 
ATOM   924  C  CA  . ASP A 1 124 ? 20.575  -14.729 8.612   1.00 68.64 ? 124 ASP a CA  1 
ATOM   925  C  C   . ASP A 1 124 ? 21.635  -13.645 8.787   1.00 68.64 ? 124 ASP a C   1 
ATOM   926  O  O   . ASP A 1 124 ? 22.780  -13.819 8.357   1.00 68.64 ? 124 ASP a O   1 
ATOM   927  C  CB  . ASP A 1 124 ? 20.932  -15.637 7.436   1.00 68.64 ? 124 ASP a CB  1 
ATOM   928  C  CG  . ASP A 1 124 ? 20.705  -14.970 6.096   1.00 68.64 ? 124 ASP a CG  1 
ATOM   929  O  OD1 . ASP A 1 124 ? 19.605  -14.419 5.883   1.00 68.64 ? 124 ASP a OD1 1 
ATOM   930  O  OD2 . ASP A 1 124 ? 21.628  -14.995 5.254   1.00 68.64 ? 124 ASP a OD2 1 
ATOM   931  N  N   . LYS A 1 125 ? 21.274  -12.528 9.415   1.00 67.35 ? 125 LYS a N   1 
ATOM   932  C  CA  . LYS A 1 125 ? 22.204  -11.445 9.688   1.00 67.35 ? 125 LYS a CA  1 
ATOM   933  C  C   . LYS A 1 125 ? 22.054  -10.998 11.136  1.00 67.35 ? 125 LYS a C   1 
ATOM   934  O  O   . LYS A 1 125 ? 21.103  -11.371 11.829  1.00 67.35 ? 125 LYS a O   1 
ATOM   935  C  CB  . LYS A 1 125 ? 21.990  -10.257 8.738   1.00 67.35 ? 125 LYS a CB  1 
ATOM   936  C  CG  . LYS A 1 125 ? 22.357  -10.555 7.294   1.00 67.35 ? 125 LYS a CG  1 
ATOM   937  C  CD  . LYS A 1 125 ? 22.157  -9.336  6.409   1.00 67.35 ? 125 LYS a CD  1 
ATOM   938  C  CE  . LYS A 1 125 ? 22.504  -9.645  4.962   1.00 67.35 ? 125 LYS a CE  1 
ATOM   939  N  NZ  . LYS A 1 125 ? 22.303  -8.464  4.079   1.00 67.35 ? 125 LYS a NZ  1 
ATOM   940  N  N   . THR A 1 126 ? 23.022  -10.197 11.588  1.00 68.91 ? 126 THR a N   1 
ATOM   941  C  CA  . THR A 1 126 ? 23.078  -9.806  12.994  1.00 68.91 ? 126 THR a CA  1 
ATOM   942  C  C   . THR A 1 126 ? 21.855  -8.991  13.401  1.00 68.91 ? 126 THR a C   1 
ATOM   943  O  O   . THR A 1 126 ? 21.212  -9.279  14.417  1.00 68.91 ? 126 THR a O   1 
ATOM   944  C  CB  . THR A 1 126 ? 24.361  -9.019  13.264  1.00 68.91 ? 126 THR a CB  1 
ATOM   945  O  OG1 . THR A 1 126 ? 24.367  -7.825  12.472  1.00 68.91 ? 126 THR a OG1 1 
ATOM   946  C  CG2 . THR A 1 126 ? 25.582  -9.856  12.915  1.00 68.91 ? 126 THR a CG2 1 
ATOM   947  N  N   . GLY A 1 127 ? 21.521  -7.963  12.619  1.00 66.44 ? 127 GLY a N   1 
ATOM   948  C  CA  . GLY A 1 127 ? 20.459  -7.049  13.004  1.00 66.44 ? 127 GLY a CA  1 
ATOM   949  C  C   . GLY A 1 127 ? 19.063  -7.628  12.921  1.00 66.44 ? 127 GLY a C   1 
ATOM   950  O  O   . GLY A 1 127 ? 18.142  -7.083  13.537  1.00 66.44 ? 127 GLY a O   1 
ATOM   951  N  N   . TYR A 1 128 ? 18.880  -8.716  12.181  1.00 64.16 ? 128 TYR a N   1 
ATOM   952  C  CA  . TYR A 1 128 ? 17.561  -9.269  11.901  1.00 64.16 ? 128 TYR a CA  1 
ATOM   953  C  C   . TYR A 1 128 ? 17.414  -10.670 12.484  1.00 64.16 ? 128 TYR a C   1 
ATOM   954  O  O   . TYR A 1 128 ? 16.932  -11.589 11.819  1.00 64.16 ? 128 TYR a O   1 
ATOM   955  C  CB  . TYR A 1 128 ? 17.285  -9.291  10.398  1.00 64.16 ? 128 TYR a CB  1 
ATOM   956  C  CG  . TYR A 1 128 ? 17.689  -8.035  9.653   1.00 64.16 ? 128 TYR a CG  1 
ATOM   957  C  CD1 . TYR A 1 128 ? 19.005  -7.833  9.252   1.00 64.16 ? 128 TYR a CD1 1 
ATOM   958  C  CD2 . TYR A 1 128 ? 16.755  -7.059  9.339   1.00 64.16 ? 128 TYR a CD2 1 
ATOM   959  C  CE1 . TYR A 1 128 ? 19.377  -6.694  8.568   1.00 64.16 ? 128 TYR a CE1 1 
ATOM   960  C  CE2 . TYR A 1 128 ? 17.119  -5.915  8.654   1.00 64.16 ? 128 TYR a CE2 1 
ATOM   961  C  CZ  . TYR A 1 128 ? 18.431  -5.739  8.271   1.00 64.16 ? 128 TYR a CZ  1 
ATOM   962  O  OH  . TYR A 1 128 ? 18.797  -4.601  7.590   1.00 64.16 ? 128 TYR a OH  1 
ATOM   963  N  N   . THR A 1 129 ? 17.835  -10.851 13.738  1.00 66.78 ? 129 THR a N   1 
ATOM   964  C  CA  . THR A 1 129 ? 17.861  -12.185 14.334  1.00 66.78 ? 129 THR a CA  1 
ATOM   965  C  C   . THR A 1 129 ? 16.461  -12.784 14.429  1.00 66.78 ? 129 THR a C   1 
ATOM   966  O  O   . THR A 1 129 ? 16.139  -13.759 13.742  1.00 66.78 ? 129 THR a O   1 
ATOM   967  C  CB  . THR A 1 129 ? 18.517  -12.127 15.714  1.00 66.78 ? 129 THR a CB  1 
ATOM   968  O  OG1 . THR A 1 129 ? 19.861  -11.644 15.586  1.00 66.78 ? 129 THR a OG1 1 
ATOM   969  C  CG2 . THR A 1 129 ? 18.542  -13.510 16.349  1.00 66.78 ? 129 THR a CG2 1 
ATOM   970  N  N   . ASN A 1 130 ? 15.613  -12.211 15.278  1.00 64.72 ? 130 ASN a N   1 
ATOM   971  C  CA  . ASN A 1 130 ? 14.268  -12.734 15.516  1.00 64.72 ? 130 ASN a CA  1 
ATOM   972  C  C   . ASN A 1 130 ? 13.271  -11.578 15.510  1.00 64.72 ? 130 ASN a C   1 
ATOM   973  O  O   . ASN A 1 130 ? 12.458  -11.412 16.421  1.00 64.72 ? 130 ASN a O   1 
ATOM   974  C  CB  . ASN A 1 130 ? 14.221  -13.522 16.826  1.00 64.72 ? 130 ASN a CB  1 
ATOM   975  C  CG  . ASN A 1 130 ? 12.911  -14.265 17.020  1.00 64.72 ? 130 ASN a CG  1 
ATOM   976  O  OD1 . ASN A 1 130 ? 12.004  -14.185 16.192  1.00 64.72 ? 130 ASN a OD1 1 
ATOM   977  N  ND2 . ASN A 1 130 ? 12.807  -14.997 18.124  1.00 64.72 ? 130 ASN a ND2 1 
ATOM   978  N  N   . THR A 1 131 ? 13.337  -10.755 14.471  1.00 60.72 ? 131 THR a N   1 
ATOM   979  C  CA  . THR A 1 131 ? 12.647  -9.475  14.434  1.00 60.72 ? 131 THR a CA  1 
ATOM   980  C  C   . THR A 1 131 ? 11.359  -9.556  13.622  1.00 60.72 ? 131 THR a C   1 
ATOM   981  O  O   . THR A 1 131 ? 11.253  -10.320 12.660  1.00 60.72 ? 131 THR a O   1 
ATOM   982  C  CB  . THR A 1 131 ? 13.565  -8.403  13.851  1.00 60.72 ? 131 THR a CB  1 
ATOM   983  O  OG1 . THR A 1 131 ? 13.911  -8.754  12.507  1.00 60.72 ? 131 THR a OG1 1 
ATOM   984  C  CG2 . THR A 1 131 ? 14.838  -8.327  14.673  1.00 60.72 ? 131 THR a CG2 1 
ATOM   985  N  N   . SER A 1 132 ? 10.377  -8.756  14.029  1.00 55.84 ? 132 SER a N   1 
ATOM   986  C  CA  . SER A 1 132 ? 9.065   -8.703  13.401  1.00 55.84 ? 132 SER a CA  1 
ATOM   987  C  C   . SER A 1 132 ? 8.827   -7.337  12.770  1.00 55.84 ? 132 SER a C   1 
ATOM   988  O  O   . SER A 1 132 ? 9.595   -6.392  12.954  1.00 55.84 ? 132 SER a O   1 
ATOM   989  C  CB  . SER A 1 132 ? 7.964   -9.008  14.422  1.00 55.84 ? 132 SER a CB  1 
ATOM   990  O  OG  . SER A 1 132 ? 8.128   -10.296 14.985  1.00 55.84 ? 132 SER a OG  1 
ATOM   991  N  N   . ILE A 1 133 ? 7.736   -7.248  12.010  1.00 52.26 ? 133 ILE a N   1 
ATOM   992  C  CA  . ILE A 1 133 ? 7.252   -5.997  11.436  1.00 52.26 ? 133 ILE a CA  1 
ATOM   993  C  C   . ILE A 1 133 ? 5.753   -5.922  11.690  1.00 52.26 ? 133 ILE a C   1 
ATOM   994  O  O   . ILE A 1 133 ? 5.032   -6.894  11.442  1.00 52.26 ? 133 ILE a O   1 
ATOM   995  C  CB  . ILE A 1 133 ? 7.553   -5.899  9.928   1.00 52.26 ? 133 ILE a CB  1 
ATOM   996  C  CG1 . ILE A 1 133 ? 9.054   -5.737  9.689   1.00 52.26 ? 133 ILE a CG1 1 
ATOM   997  C  CG2 . ILE A 1 133 ? 6.795   -4.741  9.300   1.00 52.26 ? 133 ILE a CG2 1 
ATOM   998  C  CD1 . ILE A 1 133 ? 9.456   -5.911  8.244   1.00 52.26 ? 133 ILE a CD1 1 
ATOM   999  N  N   . TRP A 1 134 ? 5.283   -4.776  12.181  1.00 51.36 ? 134 TRP a N   1 
ATOM   1000 C  CA  . TRP A 1 134 ? 3.882   -4.629  12.550  1.00 51.36 ? 134 TRP a CA  1 
ATOM   1001 C  C   . TRP A 1 134 ? 3.396   -3.223  12.226  1.00 51.36 ? 134 TRP a C   1 
ATOM   1002 O  O   . TRP A 1 134 ? 4.183   -2.305  11.979  1.00 51.36 ? 134 TRP a O   1 
ATOM   1003 C  CB  . TRP A 1 134 ? 3.660   -4.957  14.033  1.00 51.36 ? 134 TRP a CB  1 
ATOM   1004 C  CG  . TRP A 1 134 ? 4.346   -4.035  14.992  1.00 51.36 ? 134 TRP a CG  1 
ATOM   1005 C  CD1 . TRP A 1 134 ? 3.888   -2.834  15.445  1.00 51.36 ? 134 TRP a CD1 1 
ATOM   1006 C  CD2 . TRP A 1 134 ? 5.605   -4.253  15.637  1.00 51.36 ? 134 TRP a CD2 1 
ATOM   1007 N  NE1 . TRP A 1 134 ? 4.788   -2.284  16.324  1.00 51.36 ? 134 TRP a NE1 1 
ATOM   1008 C  CE2 . TRP A 1 134 ? 5.851   -3.138  16.459  1.00 51.36 ? 134 TRP a CE2 1 
ATOM   1009 C  CE3 . TRP A 1 134 ? 6.551   -5.281  15.594  1.00 51.36 ? 134 TRP a CE3 1 
ATOM   1010 C  CZ2 . TRP A 1 134 ? 7.004   -3.020  17.231  1.00 51.36 ? 134 TRP a CZ2 1 
ATOM   1011 C  CZ3 . TRP A 1 134 ? 7.693   -5.162  16.361  1.00 51.36 ? 134 TRP a CZ3 1 
ATOM   1012 C  CH2 . TRP A 1 134 ? 7.910   -4.041  17.169  1.00 51.36 ? 134 TRP a CH2 1 
ATOM   1013 N  N   . VAL A 1 135 ? 2.076   -3.074  12.219  1.00 49.19 ? 135 VAL a N   1 
ATOM   1014 C  CA  . VAL A 1 135 ? 1.429   -1.795  11.897  1.00 49.19 ? 135 VAL a CA  1 
ATOM   1015 C  C   . VAL A 1 135 ? 1.791   -0.767  12.961  1.00 49.19 ? 135 VAL a C   1 
ATOM   1016 O  O   . VAL A 1 135 ? 1.806   -1.104  14.158  1.00 49.19 ? 135 VAL a O   1 
ATOM   1017 C  CB  . VAL A 1 135 ? -0.087  -1.986  11.801  1.00 49.19 ? 135 VAL a CB  1 
ATOM   1018 C  CG1 . VAL A 1 135 ? -0.768  -0.740  11.260  1.00 49.19 ? 135 VAL a CG1 1 
ATOM   1019 C  CG2 . VAL A 1 135 ? -0.408  -3.187  10.928  1.00 49.19 ? 135 VAL a CG2 1 
ATOM   1020 N  N   . PRO A 1 136 ? 2.099   0.477   12.589  1.00 49.49 ? 136 PRO a N   1 
ATOM   1021 C  CA  . PRO A 1 136 ? 2.482   1.478   13.595  1.00 49.49 ? 136 PRO a CA  1 
ATOM   1022 C  C   . PRO A 1 136 ? 1.400   1.677   14.646  1.00 49.49 ? 136 PRO a C   1 
ATOM   1023 O  O   . PRO A 1 136 ? 0.226   1.882   14.326  1.00 49.49 ? 136 PRO a O   1 
ATOM   1024 C  CB  . PRO A 1 136 ? 2.700   2.747   12.765  1.00 49.49 ? 136 PRO a CB  1 
ATOM   1025 C  CG  . PRO A 1 136 ? 3.020   2.256   11.406  1.00 49.49 ? 136 PRO a CG  1 
ATOM   1026 C  CD  . PRO A 1 136 ? 2.240   0.993   11.217  1.00 49.49 ? 136 PRO a CD  1 
ATOM   1027 N  N   . GLY A 1 137 ? 1.808   1.617   15.912  1.00 54.19 ? 137 GLY a N   1 
ATOM   1028 C  CA  . GLY A 1 137 ? 0.914   1.839   17.025  1.00 54.19 ? 137 GLY a CA  1 
ATOM   1029 C  C   . GLY A 1 137 ? 0.066   0.651   17.419  1.00 54.19 ? 137 GLY a C   1 
ATOM   1030 O  O   . GLY A 1 137 ? -0.690  0.749   18.393  1.00 54.19 ? 137 GLY a O   1 
ATOM   1031 N  N   . GLU A 1 138 ? 0.167   -0.466  16.702  1.00 55.01 ? 138 GLU a N   1 
ATOM   1032 C  CA  . GLU A 1 138 ? -0.653  -1.651  16.947  1.00 55.01 ? 138 GLU a CA  1 
ATOM   1033 C  C   . GLU A 1 138 ? 0.260   -2.871  16.940  1.00 55.01 ? 138 GLU a C   1 
ATOM   1034 O  O   . GLU A 1 138 ? 0.353   -3.588  15.936  1.00 55.01 ? 138 GLU a O   1 
ATOM   1035 C  CB  . GLU A 1 138 ? -1.769  -1.760  15.909  1.00 55.01 ? 138 GLU a CB  1 
ATOM   1036 C  CG  . GLU A 1 138 ? -2.800  -0.645  16.032  1.00 55.01 ? 138 GLU a CG  1 
ATOM   1037 C  CD  . GLU A 1 138 ? -3.899  -0.728  14.995  1.00 55.01 ? 138 GLU a CD  1 
ATOM   1038 O  OE1 . GLU A 1 138 ? -3.805  -1.578  14.089  1.00 55.01 ? 138 GLU a OE1 1 
ATOM   1039 O  OE2 . GLU A 1 138 ? -4.862  0.062   15.088  1.00 55.01 ? 138 GLU a OE2 1 
ATOM   1040 N  N   . PRO A 1 139 ? 0.953   -3.133  18.054  1.00 55.33 ? 139 PRO a N   1 
ATOM   1041 C  CA  . PRO A 1 139 ? 1.948   -4.219  18.067  1.00 55.33 ? 139 PRO a CA  1 
ATOM   1042 C  C   . PRO A 1 139 ? 1.362   -5.606  17.871  1.00 55.33 ? 139 PRO a C   1 
ATOM   1043 O  O   . PRO A 1 139 ? 2.111   -6.525  17.521  1.00 55.33 ? 139 PRO a O   1 
ATOM   1044 C  CB  . PRO A 1 139 ? 2.599   -4.085  19.453  1.00 55.33 ? 139 PRO a CB  1 
ATOM   1045 C  CG  . PRO A 1 139 ? 2.223   -2.715  19.935  1.00 55.33 ? 139 PRO a CG  1 
ATOM   1046 C  CD  . PRO A 1 139 ? 0.880   -2.439  19.349  1.00 55.33 ? 139 PRO a CD  1 
ATOM   1047 N  N   . ASP A 1 140 ? 0.062   -5.795  18.089  1.00 56.10 ? 140 ASP a N   1 
ATOM   1048 C  CA  . ASP A 1 140 ? -0.531  -7.122  17.986  1.00 56.10 ? 140 ASP a CA  1 
ATOM   1049 C  C   . ASP A 1 140 ? -0.794  -7.552  16.550  1.00 56.10 ? 140 ASP a C   1 
ATOM   1050 O  O   . ASP A 1 140 ? -1.101  -8.727  16.321  1.00 56.10 ? 140 ASP a O   1 
ATOM   1051 C  CB  . ASP A 1 140 ? -1.836  -7.176  18.784  1.00 56.10 ? 140 ASP a CB  1 
ATOM   1052 C  CG  . ASP A 1 140 ? -2.796  -6.065  18.408  1.00 56.10 ? 140 ASP a CG  1 
ATOM   1053 O  OD1 . ASP A 1 140 ? -2.368  -4.892  18.381  1.00 56.10 ? 140 ASP a OD1 1 
ATOM   1054 O  OD2 . ASP A 1 140 ? -3.980  -6.364  18.143  1.00 56.10 ? 140 ASP a OD2 1 
ATOM   1055 N  N   . LYS A 1 141 ? -0.683  -6.643  15.581  1.00 53.53 ? 141 LYS a N   1 
ATOM   1056 C  CA  . LYS A 1 141 ? -0.913  -6.969  14.174  1.00 53.53 ? 141 LYS a CA  1 
ATOM   1057 C  C   . LYS A 1 141 ? 0.440   -7.090  13.477  1.00 53.53 ? 141 LYS a C   1 
ATOM   1058 O  O   . LYS A 1 141 ? 0.953   -6.148  12.878  1.00 53.53 ? 141 LYS a O   1 
ATOM   1059 C  CB  . LYS A 1 141 ? -1.804  -5.919  13.521  1.00 53.53 ? 141 LYS a CB  1 
ATOM   1060 C  CG  . LYS A 1 141 ? -3.263  -6.030  13.921  1.00 53.53 ? 141 LYS a CG  1 
ATOM   1061 C  CD  . LYS A 1 141 ? -3.953  -4.685  13.866  1.00 53.53 ? 141 LYS a CD  1 
ATOM   1062 C  CE  . LYS A 1 141 ? -5.463  -4.836  13.857  1.00 53.53 ? 141 LYS a CE  1 
ATOM   1063 N  NZ  . LYS A 1 141 ? -6.146  -3.513  13.854  1.00 53.53 ? 141 LYS a NZ  1 
ATOM   1064 N  N   . ILE A 1 142 ? 1.010   -8.288  13.557  1.00 52.44 ? 142 ILE a N   1 
ATOM   1065 C  CA  . ILE A 1 142 ? 2.320   -8.573  12.983  1.00 52.44 ? 142 ILE a CA  1 
ATOM   1066 C  C   . ILE A 1 142 ? 2.149   -8.951  11.518  1.00 52.44 ? 142 ILE a C   1 
ATOM   1067 O  O   . ILE A 1 142 ? 1.312   -9.794  11.177  1.00 52.44 ? 142 ILE a O   1 
ATOM   1068 C  CB  . ILE A 1 142 ? 3.027   -9.692  13.765  1.00 52.44 ? 142 ILE a CB  1 
ATOM   1069 C  CG1 . ILE A 1 142 ? 3.236   -9.268  15.219  1.00 52.44 ? 142 ILE a CG1 1 
ATOM   1070 C  CG2 . ILE A 1 142 ? 4.352   -10.047 13.110  1.00 52.44 ? 142 ILE a CG2 1 
ATOM   1071 C  CD1 . ILE A 1 142 ? 4.090   -10.223 16.018  1.00 52.44 ? 142 ILE a CD1 1 
ATOM   1072 N  N   . ILE A 1 143 ? 2.941   -8.325  10.653  1.00 50.18 ? 143 ILE a N   1 
ATOM   1073 C  CA  . ILE A 1 143 ? 2.851   -8.562  9.215   1.00 50.18 ? 143 ILE a CA  1 
ATOM   1074 C  C   . ILE A 1 143 ? 3.861   -9.605  8.756   1.00 50.18 ? 143 ILE a C   1 
ATOM   1075 O  O   . ILE A 1 143 ? 3.515   -10.547 8.038   1.00 50.18 ? 143 ILE a O   1 
ATOM   1076 C  CB  . ILE A 1 143 ? 3.032   -7.232  8.451   1.00 50.18 ? 143 ILE a CB  1 
ATOM   1077 C  CG1 . ILE A 1 143 ? 2.137   -6.143  9.048   1.00 50.18 ? 143 ILE a CG1 1 
ATOM   1078 C  CG2 . ILE A 1 143 ? 2.729   -7.418  6.974   1.00 50.18 ? 143 ILE a CG2 1 
ATOM   1079 C  CD1 . ILE A 1 143 ? 0.661   -6.449  8.965   1.00 50.18 ? 143 ILE a CD1 1 
ATOM   1080 N  N   . VAL A 1 144 ? 5.123   -9.461  9.160   1.00 52.66 ? 144 VAL a N   1 
ATOM   1081 C  CA  . VAL A 1 144 ? 6.206   -10.326 8.708   1.00 52.66 ? 144 VAL a CA  1 
ATOM   1082 C  C   . VAL A 1 144 ? 6.991   -10.801 9.922   1.00 52.66 ? 144 VAL a C   1 
ATOM   1083 O  O   . VAL A 1 144 ? 7.245   -10.024 10.849  1.00 52.66 ? 144 VAL a O   1 
ATOM   1084 C  CB  . VAL A 1 144 ? 7.130   -9.598  7.706   1.00 52.66 ? 144 VAL a CB  1 
ATOM   1085 C  CG1 . VAL A 1 144 ? 8.332   -10.457 7.353   1.00 52.66 ? 144 VAL a CG1 1 
ATOM   1086 C  CG2 . VAL A 1 144 ? 6.361   -9.218  6.451   1.00 52.66 ? 144 VAL a CG2 1 
ATOM   1087 N  N   . TYR A 1 145 ? 7.372   -12.079 9.920   1.00 60.11 ? 145 TYR a N   1 
ATOM   1088 C  CA  . TYR A 1 145 ? 8.081   -12.683 11.043  1.00 60.11 ? 145 TYR a CA  1 
ATOM   1089 C  C   . TYR A 1 145 ? 9.143   -13.642 10.523  1.00 60.11 ? 145 TYR a C   1 
ATOM   1090 O  O   . TYR A 1 145 ? 8.811   -14.695 9.971   1.00 60.11 ? 145 TYR a O   1 
ATOM   1091 C  CB  . TYR A 1 145 ? 7.102   -13.410 11.971  1.00 60.11 ? 145 TYR a CB  1 
ATOM   1092 C  CG  . TYR A 1 145 ? 7.745   -14.048 13.178  1.00 60.11 ? 145 TYR a CG  1 
ATOM   1093 C  CD1 . TYR A 1 145 ? 8.161   -13.279 14.254  1.00 60.11 ? 145 TYR a CD1 1 
ATOM   1094 C  CD2 . TYR A 1 145 ? 7.914   -15.423 13.253  1.00 60.11 ? 145 TYR a CD2 1 
ATOM   1095 C  CE1 . TYR A 1 145 ? 8.745   -13.857 15.362  1.00 60.11 ? 145 TYR a CE1 1 
ATOM   1096 C  CE2 . TYR A 1 145 ? 8.492   -16.013 14.358  1.00 60.11 ? 145 TYR a CE2 1 
ATOM   1097 C  CZ  . TYR A 1 145 ? 8.907   -15.225 15.410  1.00 60.11 ? 145 TYR a CZ  1 
ATOM   1098 O  OH  . TYR A 1 145 ? 9.486   -15.806 16.513  1.00 60.11 ? 145 TYR a OH  1 
ATOM   1099 N  N   . ASN A 1 146 ? 10.414  -13.273 10.712  1.00 61.66 ? 146 ASN a N   1 
ATOM   1100 C  CA  . ASN A 1 146 ? 11.566  -14.129 10.398  1.00 61.66 ? 146 ASN a CA  1 
ATOM   1101 C  C   . ASN A 1 146 ? 11.543  -14.658 8.968   1.00 61.66 ? 146 ASN a C   1 
ATOM   1102 O  O   . ASN A 1 146 ? 11.869  -15.820 8.719   1.00 61.66 ? 146 ASN a O   1 
ATOM   1103 C  CB  . ASN A 1 146 ? 11.685  -15.291 11.386  1.00 61.66 ? 146 ASN a CB  1 
ATOM   1104 C  CG  . ASN A 1 146 ? 12.117  -14.841 12.760  1.00 61.66 ? 146 ASN a CG  1 
ATOM   1105 O  OD1 . ASN A 1 146 ? 12.992  -13.988 12.893  1.00 61.66 ? 146 ASN a OD1 1 
ATOM   1106 N  ND2 . ASN A 1 146 ? 11.525  -15.425 13.790  1.00 61.66 ? 146 ASN a ND2 1 
ATOM   1107 N  N   . GLU A 1 147 ? 11.165  -13.816 8.011   1.00 58.15 ? 147 GLU a N   1 
ATOM   1108 C  CA  . GLU A 1 147 ? 11.251  -14.205 6.613   1.00 58.15 ? 147 GLU a CA  1 
ATOM   1109 C  C   . GLU A 1 147 ? 11.430  -12.961 5.757   1.00 58.15 ? 147 GLU a C   1 
ATOM   1110 O  O   . GLU A 1 147 ? 11.110  -11.845 6.173   1.00 58.15 ? 147 GLU a O   1 
ATOM   1111 C  CB  . GLU A 1 147 ? 10.021  -15.010 6.176   1.00 58.15 ? 147 GLU a CB  1 
ATOM   1112 C  CG  . GLU A 1 147 ? 8.792   -14.182 5.873   1.00 58.15 ? 147 GLU a CG  1 
ATOM   1113 C  CD  . GLU A 1 147 ? 7.588   -15.044 5.559   1.00 58.15 ? 147 GLU a CD  1 
ATOM   1114 O  OE1 . GLU A 1 147 ? 7.597   -15.721 4.511   1.00 58.15 ? 147 GLU a OE1 1 
ATOM   1115 O  OE2 . GLU A 1 147 ? 6.631   -15.044 6.362   1.00 58.15 ? 147 GLU a OE2 1 
ATOM   1116 N  N   . THR A 1 148 ? 11.955  -13.169 4.553   1.00 54.09 ? 148 THR a N   1 
ATOM   1117 C  CA  . THR A 1 148 ? 12.226  -12.079 3.618   1.00 54.09 ? 148 THR a CA  1 
ATOM   1118 C  C   . THR A 1 148 ? 11.001  -11.890 2.732   1.00 54.09 ? 148 THR a C   1 
ATOM   1119 O  O   . THR A 1 148 ? 10.751  -12.679 1.818   1.00 54.09 ? 148 THR a O   1 
ATOM   1120 C  CB  . THR A 1 148 ? 13.474  -12.373 2.792   1.00 54.09 ? 148 THR a CB  1 
ATOM   1121 O  OG1 . THR A 1 148 ? 14.615  -12.436 3.656   1.00 54.09 ? 148 THR a OG1 1 
ATOM   1122 C  CG2 . THR A 1 148 ? 13.694  -11.282 1.758   1.00 54.09 ? 148 THR a CG2 1 
ATOM   1123 N  N   . LYS A 1 149 ? 10.232  -10.838 3.009   1.00 48.13 ? 149 LYS a N   1 
ATOM   1124 C  CA  . LYS A 1 149 ? 9.062   -10.483 2.211   1.00 48.13 ? 149 LYS a CA  1 
ATOM   1125 C  C   . LYS A 1 149 ? 8.995   -8.964  2.121   1.00 48.13 ? 149 LYS a C   1 
ATOM   1126 O  O   . LYS A 1 149 ? 8.492   -8.306  3.045   1.00 48.13 ? 149 LYS a O   1 
ATOM   1127 C  CB  . LYS A 1 149 ? 7.773   -11.044 2.807   1.00 48.13 ? 149 LYS a CB  1 
ATOM   1128 C  CG  . LYS A 1 149 ? 7.599   -12.540 2.654   1.00 48.13 ? 149 LYS a CG  1 
ATOM   1129 C  CD  . LYS A 1 149 ? 6.259   -12.987 3.208   1.00 48.13 ? 149 LYS a CD  1 
ATOM   1130 C  CE  . LYS A 1 149 ? 5.128   -12.656 2.252   1.00 48.13 ? 149 LYS a CE  1 
ATOM   1131 N  NZ  . LYS A 1 149 ? 3.822   -13.171 2.745   1.00 48.13 ? 149 LYS a NZ  1 
ATOM   1132 N  N   . PRO A 1 150 ? 9.514   -8.375  1.046   1.00 43.68 ? 150 PRO a N   1 
ATOM   1133 C  CA  . PRO A 1 150 ? 9.381   -6.925  0.862   1.00 43.68 ? 150 PRO a CA  1 
ATOM   1134 C  C   . PRO A 1 150 ? 7.922   -6.495  0.929   1.00 43.68 ? 150 PRO a C   1 
ATOM   1135 O  O   . PRO A 1 150 ? 7.073   -6.993  0.186   1.00 43.68 ? 150 PRO a O   1 
ATOM   1136 C  CB  . PRO A 1 150 ? 9.976   -6.698  -0.528  1.00 43.68 ? 150 PRO a CB  1 
ATOM   1137 C  CG  . PRO A 1 150 ? 10.973  -7.787  -0.679  1.00 43.68 ? 150 PRO a CG  1 
ATOM   1138 C  CD  . PRO A 1 150 ? 10.397  -8.981  0.036   1.00 43.68 ? 150 PRO a CD  1 
ATOM   1139 N  N   . VAL A 1 151 ? 7.633   -5.560  1.829   1.00 41.05 ? 151 VAL a N   1 
ATOM   1140 C  CA  . VAL A 1 151 ? 6.263   -5.144  2.108   1.00 41.05 ? 151 VAL a CA  1 
ATOM   1141 C  C   . VAL A 1 151 ? 6.242   -3.646  2.382   1.00 41.05 ? 151 VAL a C   1 
ATOM   1142 O  O   . VAL A 1 151 ? 7.194   -3.090  2.939   1.00 41.05 ? 151 VAL a O   1 
ATOM   1143 C  CB  . VAL A 1 151 ? 5.668   -5.939  3.292   1.00 41.05 ? 151 VAL a CB  1 
ATOM   1144 C  CG1 . VAL A 1 151 ? 6.405   -5.622  4.586   1.00 41.05 ? 151 VAL a CG1 1 
ATOM   1145 C  CG2 . VAL A 1 151 ? 4.181   -5.667  3.434   1.00 41.05 ? 151 VAL a CG2 1 
ATOM   1146 N  N   . ALA A 1 152 ? 5.164   -2.993  1.962   1.00 38.37 ? 152 ALA a N   1 
ATOM   1147 C  CA  . ALA A 1 152 ? 4.891   -1.603  2.290   1.00 38.37 ? 152 ALA a CA  1 
ATOM   1148 C  C   . ALA A 1 152 ? 3.524   -1.512  2.953   1.00 38.37 ? 152 ALA a C   1 
ATOM   1149 O  O   . ALA A 1 152 ? 2.587   -2.214  2.560   1.00 38.37 ? 152 ALA a O   1 
ATOM   1150 C  CB  . ALA A 1 152 ? 4.935   -0.714  1.044   1.00 38.37 ? 152 ALA a CB  1 
ATOM   1151 N  N   . ILE A 1 153 ? 3.412   -0.651  3.961   1.00 38.33 ? 153 ILE a N   1 
ATOM   1152 C  CA  . ILE A 1 153 ? 2.181   -0.486  4.727   1.00 38.33 ? 153 ILE a CA  1 
ATOM   1153 C  C   . ILE A 1 153 ? 1.675   0.932   4.511   1.00 38.33 ? 153 ILE a C   1 
ATOM   1154 O  O   . ILE A 1 153 ? 2.397   1.900   4.775   1.00 38.33 ? 153 ILE a O   1 
ATOM   1155 C  CB  . ILE A 1 153 ? 2.395   -0.771  6.221   1.00 38.33 ? 153 ILE a CB  1 
ATOM   1156 C  CG1 . ILE A 1 153 ? 3.124   -2.102  6.411   1.00 38.33 ? 153 ILE a CG1 1 
ATOM   1157 C  CG2 . ILE A 1 153 ? 1.066   -0.781  6.956   1.00 38.33 ? 153 ILE a CG2 1 
ATOM   1158 C  CD1 . ILE A 1 153 ? 3.206   -2.555  7.849   1.00 38.33 ? 153 ILE a CD1 1 
ATOM   1159 N  N   . LEU A 1 154 ? 0.441   1.053   4.031   1.00 36.26 ? 154 LEU a N   1 
ATOM   1160 C  CA  . LEU A 1 154 ? -0.214  2.338   3.827   1.00 36.26 ? 154 LEU a CA  1 
ATOM   1161 C  C   . LEU A 1 154 ? -1.303  2.501   4.878   1.00 36.26 ? 154 LEU a C   1 
ATOM   1162 O  O   . LEU A 1 154 ? -2.232  1.691   4.940   1.00 36.26 ? 154 LEU a O   1 
ATOM   1163 C  CB  . LEU A 1 154 ? -0.810  2.434   2.422   1.00 36.26 ? 154 LEU a CB  1 
ATOM   1164 C  CG  . LEU A 1 154 ? 0.126   2.192   1.237   1.00 36.26 ? 154 LEU a CG  1 
ATOM   1165 C  CD1 . LEU A 1 154 ? -0.552  2.591   -0.063  1.00 36.26 ? 154 LEU a CD1 1 
ATOM   1166 C  CD2 . LEU A 1 154 ? 1.427   2.957   1.415   1.00 36.26 ? 154 LEU a CD2 1 
ATOM   1167 N  N   . ASN A 1 155 ? -1.196  3.548   5.690   1.00 35.12 ? 155 ASN a N   1 
ATOM   1168 C  CA  . ASN A 1 155 ? -2.135  3.810   6.770   1.00 35.12 ? 155 ASN a CA  1 
ATOM   1169 C  C   . ASN A 1 155 ? -3.071  4.946   6.385   1.00 35.12 ? 155 ASN a C   1 
ATOM   1170 O  O   . ASN A 1 155 ? -2.631  5.980   5.874   1.00 35.12 ? 155 ASN a O   1 
ATOM   1171 C  CB  . ASN A 1 155 ? -1.399  4.149   8.069   1.00 35.12 ? 155 ASN a CB  1 
ATOM   1172 C  CG  . ASN A 1 155 ? -0.245  3.208   8.346   1.00 35.12 ? 155 ASN a CG  1 
ATOM   1173 O  OD1 . ASN A 1 155 ? -0.412  2.182   9.004   1.00 35.12 ? 155 ASN a OD1 1 
ATOM   1174 N  ND2 . ASN A 1 155 ? 0.934   3.552   7.846   1.00 35.12 ? 155 ASN a ND2 1 
ATOM   1175 N  N   . PHE A 1 156 ? -4.361  4.750   6.640   1.00 34.89 ? 156 PHE a N   1 
ATOM   1176 C  CA  . PHE A 1 156 ? -5.411  5.653   6.192   1.00 34.89 ? 156 PHE a CA  1 
ATOM   1177 C  C   . PHE A 1 156 ? -6.011  6.393   7.380   1.00 34.89 ? 156 PHE a C   1 
ATOM   1178 O  O   . PHE A 1 156 ? -6.318  5.781   8.408   1.00 34.89 ? 156 PHE a O   1 
ATOM   1179 C  CB  . PHE A 1 156 ? -6.501  4.877   5.449   1.00 34.89 ? 156 PHE a CB  1 
ATOM   1180 C  CG  . PHE A 1 156 ? -6.070  4.358   4.107   1.00 34.89 ? 156 PHE a CG  1 
ATOM   1181 C  CD1 . PHE A 1 156 ? -5.422  3.141   3.997   1.00 34.89 ? 156 PHE a CD1 1 
ATOM   1182 C  CD2 . PHE A 1 156 ? -6.345  5.069   2.952   1.00 34.89 ? 156 PHE a CD2 1 
ATOM   1183 C  CE1 . PHE A 1 156 ? -5.030  2.658   2.766   1.00 34.89 ? 156 PHE a CE1 1 
ATOM   1184 C  CE2 . PHE A 1 156 ? -5.960  4.586   1.718   1.00 34.89 ? 156 PHE a CE2 1 
ATOM   1185 C  CZ  . PHE A 1 156 ? -5.301  3.379   1.625   1.00 34.89 ? 156 PHE a CZ  1 
ATOM   1186 N  N   . LYS A 1 157 ? -6.170  7.707   7.237   1.00 34.54 ? 157 LYS a N   1 
ATOM   1187 C  CA  . LYS A 1 157 ? -6.841  8.535   8.227   1.00 34.54 ? 157 LYS a CA  1 
ATOM   1188 C  C   . LYS A 1 157 ? -7.782  9.487   7.505   1.00 34.54 ? 157 LYS a C   1 
ATOM   1189 O  O   . LYS A 1 157 ? -7.436  10.028  6.451   1.00 34.54 ? 157 LYS a O   1 
ATOM   1190 C  CB  . LYS A 1 157 ? -5.839  9.320   9.082   1.00 34.54 ? 157 LYS a CB  1 
ATOM   1191 C  CG  . LYS A 1 157 ? -6.475  10.111  10.209  1.00 34.54 ? 157 LYS a CG  1 
ATOM   1192 C  CD  . LYS A 1 157 ? -5.426  10.734  11.110  1.00 34.54 ? 157 LYS a CD  1 
ATOM   1193 C  CE  . LYS A 1 157 ? -6.069  11.508  12.247  1.00 34.54 ? 157 LYS a CE  1 
ATOM   1194 N  NZ  . LYS A 1 157 ? -5.053  12.095  13.162  1.00 34.54 ? 157 LYS a NZ  1 
ATOM   1195 N  N   . ALA A 1 158 ? -8.967  9.690   8.072   1.00 34.69 ? 158 ALA a N   1 
ATOM   1196 C  CA  . ALA A 1 158 ? -10.025 10.447  7.420   1.00 34.69 ? 158 ALA a CA  1 
ATOM   1197 C  C   . ALA A 1 158 ? -10.343 11.719  8.193   1.00 34.69 ? 158 ALA a C   1 
ATOM   1198 O  O   . ALA A 1 158 ? -10.363 11.721  9.427   1.00 34.69 ? 158 ALA a O   1 
ATOM   1199 C  CB  . ALA A 1 158 ? -11.294 9.603   7.274   1.00 34.69 ? 158 ALA a CB  1 
ATOM   1200 N  N   . PHE A 1 159 ? -10.584 12.797  7.453   1.00 34.10 ? 159 PHE a N   1 
ATOM   1201 C  CA  . PHE A 1 159 ? -11.113 14.046  7.987   1.00 34.10 ? 159 PHE a CA  1 
ATOM   1202 C  C   . PHE A 1 159 ? -12.407 14.339  7.246   1.00 34.10 ? 159 PHE a C   1 
ATOM   1203 O  O   . PHE A 1 159 ? -12.399 14.484  6.020   1.00 34.10 ? 159 PHE a O   1 
ATOM   1204 C  CB  . PHE A 1 159 ? -10.114 15.193  7.813   1.00 34.10 ? 159 PHE a CB  1 
ATOM   1205 C  CG  . PHE A 1 159 ? -8.804  14.969  8.511   1.00 34.10 ? 159 PHE a CG  1 
ATOM   1206 C  CD1 . PHE A 1 159 ? -8.619  15.388  9.816   1.00 34.10 ? 159 PHE a CD1 1 
ATOM   1207 C  CD2 . PHE A 1 159 ? -7.756  14.342  7.860   1.00 34.10 ? 159 PHE a CD2 1 
ATOM   1208 C  CE1 . PHE A 1 159 ? -7.415  15.182  10.461  1.00 34.10 ? 159 PHE a CE1 1 
ATOM   1209 C  CE2 . PHE A 1 159 ? -6.550  14.132  8.499   1.00 34.10 ? 159 PHE a CE2 1 
ATOM   1210 C  CZ  . PHE A 1 159 ? -6.380  14.553  9.801   1.00 34.10 ? 159 PHE a CZ  1 
ATOM   1211 N  N   . TYR A 1 160 ? -13.515 14.427  7.979   1.00 33.14 ? 160 TYR a N   1 
ATOM   1212 C  CA  . TYR A 1 160 ? -14.827 14.415  7.348   1.00 33.14 ? 160 TYR a CA  1 
ATOM   1213 C  C   . TYR A 1 160 ? -15.759 15.435  7.983   1.00 33.14 ? 160 TYR a C   1 
ATOM   1214 O  O   . TYR A 1 160 ? -15.605 15.814  9.147   1.00 33.14 ? 160 TYR a O   1 
ATOM   1215 C  CB  . TYR A 1 160 ? -15.466 13.023  7.429   1.00 33.14 ? 160 TYR a CB  1 
ATOM   1216 C  CG  . TYR A 1 160 ? -15.395 12.395  8.802   1.00 33.14 ? 160 TYR a CG  1 
ATOM   1217 C  CD1 . TYR A 1 160 ? -16.399 12.606  9.735   1.00 33.14 ? 160 TYR a CD1 1 
ATOM   1218 C  CD2 . TYR A 1 160 ? -14.327 11.585  9.161   1.00 33.14 ? 160 TYR a CD2 1 
ATOM   1219 C  CE1 . TYR A 1 160 ? -16.338 12.036  10.989  1.00 33.14 ? 160 TYR a CE1 1 
ATOM   1220 C  CE2 . TYR A 1 160 ? -14.258 11.012  10.412  1.00 33.14 ? 160 TYR a CE2 1 
ATOM   1221 C  CZ  . TYR A 1 160 ? -15.266 11.238  11.321  1.00 33.14 ? 160 TYR a CZ  1 
ATOM   1222 O  OH  . TYR A 1 160 ? -15.203 10.666  12.568  1.00 33.14 ? 160 TYR a OH  1 
ATOM   1223 N  N   . GLU A 1 161 ? -16.736 15.870  7.188   1.00 34.30 ? 161 GLU a N   1 
ATOM   1224 C  CA  . GLU A 1 161 ? -17.858 16.688  7.639   1.00 34.30 ? 161 GLU a CA  1 
ATOM   1225 C  C   . GLU A 1 161 ? -19.133 16.044  7.116   1.00 34.30 ? 161 GLU a C   1 
ATOM   1226 O  O   . GLU A 1 161 ? -19.421 16.124  5.918   1.00 34.30 ? 161 GLU a O   1 
ATOM   1227 C  CB  . GLU A 1 161 ? -17.742 18.122  7.130   1.00 34.30 ? 161 GLU a CB  1 
ATOM   1228 C  CG  . GLU A 1 161 ? -18.852 19.065  7.575   1.00 34.30 ? 161 GLU a CG  1 
ATOM   1229 C  CD  . GLU A 1 161 ? -18.860 19.321  9.058   1.00 34.30 ? 161 GLU a CD  1 
ATOM   1230 O  OE1 . GLU A 1 161 ? -17.788 19.200  9.673   1.00 34.30 ? 161 GLU a OE1 1 
ATOM   1231 O  OE2 . GLU A 1 161 ? -19.930 19.653  9.606   1.00 34.30 ? 161 GLU a OE2 1 
ATOM   1232 N  N   . ALA A 1 162 ? -19.895 15.415  8.003   1.00 33.98 ? 162 ALA a N   1 
ATOM   1233 C  CA  . ALA A 1 162 ? -21.167 14.841  7.600   1.00 33.98 ? 162 ALA a CA  1 
ATOM   1234 C  C   . ALA A 1 162 ? -22.148 15.945  7.224   1.00 33.98 ? 162 ALA a C   1 
ATOM   1235 O  O   . ALA A 1 162 ? -22.119 17.048  7.776   1.00 33.98 ? 162 ALA a O   1 
ATOM   1236 C  CB  . ALA A 1 162 ? -21.746 13.978  8.720   1.00 33.98 ? 162 ALA a CB  1 
ATOM   1237 N  N   . LYS A 1 163 ? -23.014 15.648  6.262   1.00 35.04 ? 163 LYS a N   1 
ATOM   1238 C  CA  . LYS A 1 163 ? -24.014 16.612  5.836   1.00 35.04 ? 163 LYS a CA  1 
ATOM   1239 C  C   . LYS A 1 163 ? -25.133 16.705  6.867   1.00 35.04 ? 163 LYS a C   1 
ATOM   1240 O  O   . LYS A 1 163 ? -25.497 15.719  7.512   1.00 35.04 ? 163 LYS a O   1 
ATOM   1241 C  CB  . LYS A 1 163 ? -24.577 16.236  4.466   1.00 35.04 ? 163 LYS a CB  1 
ATOM   1242 C  CG  . LYS A 1 163 ? -25.322 17.364  3.780   1.00 35.04 ? 163 LYS a CG  1 
ATOM   1243 C  CD  . LYS A 1 163 ? -25.610 17.031  2.330   1.00 35.04 ? 163 LYS a CD  1 
ATOM   1244 C  CE  . LYS A 1 163 ? -24.342 17.081  1.496   1.00 35.04 ? 163 LYS a CE  1 
ATOM   1245 N  NZ  . LYS A 1 163 ? -23.804 18.464  1.385   1.00 35.04 ? 163 LYS a NZ  1 
ATOM   1246 N  N   . GLU A 1 164 ? -25.676 17.911  7.017   1.00 35.63 ? 164 GLU a N   1 
ATOM   1247 C  CA  . GLU A 1 164 ? -26.641 18.190  8.074   1.00 35.63 ? 164 GLU a CA  1 
ATOM   1248 C  C   . GLU A 1 164 ? -27.944 17.440  7.822   1.00 35.63 ? 164 GLU a C   1 
ATOM   1249 O  O   . GLU A 1 164 ? -28.588 17.630  6.784   1.00 35.63 ? 164 GLU a O   1 
ATOM   1250 C  CB  . GLU A 1 164 ? -26.899 19.692  8.162   1.00 35.63 ? 164 GLU a CB  1 
ATOM   1251 C  CG  . GLU A 1 164 ? -25.830 20.472  8.910   1.00 35.63 ? 164 GLU a CG  1 
ATOM   1252 C  CD  . GLU A 1 164 ? -25.882 20.256  10.408  1.00 35.63 ? 164 GLU a CD  1 
ATOM   1253 O  OE1 . GLU A 1 164 ? -24.811 20.082  11.022  1.00 35.63 ? 164 GLU a OE1 1 
ATOM   1254 O  OE2 . GLU A 1 164 ? -26.995 20.264  10.974  1.00 35.63 ? 164 GLU a OE2 1 
ATOM   1255 N  N   . GLY A 1 165 ? -28.333 16.593  8.774   1.00 36.49 ? 165 GLY a N   1 
ATOM   1256 C  CA  . GLY A 1 165 ? -29.606 15.909  8.730   1.00 36.49 ? 165 GLY a CA  1 
ATOM   1257 C  C   . GLY A 1 165 ? -29.653 14.652  7.891   1.00 36.49 ? 165 GLY a C   1 
ATOM   1258 O  O   . GLY A 1 165 ? -30.718 14.028  7.809   1.00 36.49 ? 165 GLY a O   1 
ATOM   1259 N  N   . MET A 1 166 ? -28.548 14.254  7.269   1.00 36.77 ? 166 MET a N   1 
ATOM   1260 C  CA  . MET A 1 166 ? -28.534 13.092  6.389   1.00 36.77 ? 166 MET a CA  1 
ATOM   1261 C  C   . MET A 1 166 ? -28.281 11.829  7.204   1.00 36.77 ? 166 MET a C   1 
ATOM   1262 O  O   . MET A 1 166 ? -27.295 11.746  7.944   1.00 36.77 ? 166 MET a O   1 
ATOM   1263 C  CB  . MET A 1 166 ? -27.474 13.255  5.300   1.00 36.77 ? 166 MET a CB  1 
ATOM   1264 C  CG  . MET A 1 166 ? -27.410 12.093  4.322   1.00 36.77 ? 166 MET a CG  1 
ATOM   1265 S  SD  . MET A 1 166 ? -28.961 11.822  3.442   1.00 36.77 ? 166 MET a SD  1 
ATOM   1266 C  CE  . MET A 1 166 ? -28.982 13.231  2.339   1.00 36.77 ? 166 MET a CE  1 
ATOM   1267 N  N   . LEU A 1 167 ? -29.173 10.852  7.068   1.00 35.96 ? 167 LEU a N   1 
ATOM   1268 C  CA  . LEU A 1 167 ? -29.075 9.573   7.760   1.00 35.96 ? 167 LEU a CA  1 
ATOM   1269 C  C   . LEU A 1 167 ? -28.758 8.498   6.727   1.00 35.96 ? 167 LEU a C   1 
ATOM   1270 O  O   . LEU A 1 167 ? -29.502 8.335   5.754   1.00 35.96 ? 167 LEU a O   1 
ATOM   1271 C  CB  . LEU A 1 167 ? -30.378 9.247   8.495   1.00 35.96 ? 167 LEU a CB  1 
ATOM   1272 C  CG  . LEU A 1 167 ? -30.697 9.859   9.867   1.00 35.96 ? 167 LEU a CG  1 
ATOM   1273 C  CD1 . LEU A 1 167 ? -29.674 9.483   10.924  1.00 35.96 ? 167 LEU a CD1 1 
ATOM   1274 C  CD2 . LEU A 1 167 ? -30.856 11.371  9.788   1.00 35.96 ? 167 LEU a CD2 1 
ATOM   1275 N  N   . PHE A 1 168 ? -27.657 7.777   6.930   1.00 36.02 ? 168 PHE a N   1 
ATOM   1276 C  CA  . PHE A 1 168 ? -27.245 6.719   6.016   1.00 36.02 ? 168 PHE a CA  1 
ATOM   1277 C  C   . PHE A 1 168 ? -26.652 5.564   6.809   1.00 36.02 ? 168 PHE a C   1 
ATOM   1278 O  O   . PHE A 1 168 ? -26.211 5.728   7.949   1.00 36.02 ? 168 PHE a O   1 
ATOM   1279 C  CB  . PHE A 1 168 ? -26.248 7.226   4.961   1.00 36.02 ? 168 PHE a CB  1 
ATOM   1280 C  CG  . PHE A 1 168 ? -25.154 8.094   5.514   1.00 36.02 ? 168 PHE a CG  1 
ATOM   1281 C  CD1 . PHE A 1 168 ? -25.337 9.458   5.653   1.00 36.02 ? 168 PHE a CD1 1 
ATOM   1282 C  CD2 . PHE A 1 168 ? -23.937 7.549   5.883   1.00 36.02 ? 168 PHE a CD2 1 
ATOM   1283 C  CE1 . PHE A 1 168 ? -24.334 10.257  6.152   1.00 36.02 ? 168 PHE a CE1 1 
ATOM   1284 C  CE2 . PHE A 1 168 ? -22.927 8.345   6.379   1.00 36.02 ? 168 PHE a CE2 1 
ATOM   1285 C  CZ  . PHE A 1 168 ? -23.126 9.700   6.515   1.00 36.02 ? 168 PHE a CZ  1 
ATOM   1286 N  N   . ASP A 1 169 ? -26.645 4.381   6.189   1.00 37.28 ? 169 ASP a N   1 
ATOM   1287 C  CA  . ASP A 1 169 ? -26.387 3.138   6.910   1.00 37.28 ? 169 ASP a CA  1 
ATOM   1288 C  C   . ASP A 1 169 ? -25.106 2.431   6.487   1.00 37.28 ? 169 ASP a C   1 
ATOM   1289 O  O   . ASP A 1 169 ? -24.254 2.165   7.338   1.00 37.28 ? 169 ASP a O   1 
ATOM   1290 C  CB  . ASP A 1 169 ? -27.579 2.191   6.737   1.00 37.28 ? 169 ASP a CB  1 
ATOM   1291 C  CG  . ASP A 1 169 ? -27.491 0.978   7.635   1.00 37.28 ? 169 ASP a CG  1 
ATOM   1292 O  OD1 . ASP A 1 169 ? -26.683 0.999   8.588   1.00 37.28 ? 169 ASP a OD1 1 
ATOM   1293 O  OD2 . ASP A 1 169 ? -28.208 -0.007  7.370   1.00 37.28 ? 169 ASP a OD2 1 
ATOM   1294 N  N   . SER A 1 170 ? -24.947 2.084   5.207   1.00 36.42 ? 170 SER a N   1 
ATOM   1295 C  CA  . SER A 1 170 ? -23.901 1.131   4.851   1.00 36.42 ? 170 SER a CA  1 
ATOM   1296 C  C   . SER A 1 170 ? -23.259 1.431   3.502   1.00 36.42 ? 170 SER a C   1 
ATOM   1297 O  O   . SER A 1 170 ? -22.878 0.503   2.782   1.00 36.42 ? 170 SER a O   1 
ATOM   1298 C  CB  . SER A 1 170 ? -24.446 -0.300  4.839   1.00 36.42 ? 170 SER a CB  1 
ATOM   1299 O  OG  . SER A 1 170 ? -24.922 -0.681  6.116   1.00 36.42 ? 170 SER a OG  1 
ATOM   1300 N  N   . LEU A 1 171 ? -23.132 2.698   3.135   1.00 35.71 ? 171 LEU a N   1 
ATOM   1301 C  CA  . LEU A 1 171 ? -22.516 2.930   1.840   1.00 35.71 ? 171 LEU a CA  1 
ATOM   1302 C  C   . LEU A 1 171 ? -21.007 2.703   1.927   1.00 35.71 ? 171 LEU a C   1 
ATOM   1303 O  O   . LEU A 1 171 ? -20.387 2.981   2.956   1.00 35.71 ? 171 LEU a O   1 
ATOM   1304 C  CB  . LEU A 1 171 ? -22.802 4.343   1.342   1.00 35.71 ? 171 LEU a CB  1 
ATOM   1305 C  CG  . LEU A 1 171 ? -22.075 5.525   1.982   1.00 35.71 ? 171 LEU a CG  1 
ATOM   1306 C  CD1 . LEU A 1 171 ? -22.227 6.753   1.108   1.00 35.71 ? 171 LEU a CD1 1 
ATOM   1307 C  CD2 . LEU A 1 171 ? -22.585 5.800   3.371   1.00 35.71 ? 171 LEU a CD2 1 
ATOM   1308 N  N   . PRO A 1 172 ? -20.397 2.185   0.866   1.00 35.35 ? 172 PRO a N   1 
ATOM   1309 C  CA  . PRO A 1 172 ? -18.970 1.865   0.908   1.00 35.35 ? 172 PRO a CA  1 
ATOM   1310 C  C   . PRO A 1 172 ? -18.087 3.027   0.470   1.00 35.35 ? 172 PRO a C   1 
ATOM   1311 O  O   . PRO A 1 172 ? -18.495 3.923   -0.271  1.00 35.35 ? 172 PRO a O   1 
ATOM   1312 C  CB  . PRO A 1 172 ? -18.854 0.697   -0.081  1.00 35.35 ? 172 PRO a CB  1 
ATOM   1313 C  CG  . PRO A 1 172 ? -19.940 0.945   -1.071  1.00 35.35 ? 172 PRO a CG  1 
ATOM   1314 C  CD  . PRO A 1 172 ? -21.036 1.718   -0.378  1.00 35.35 ? 172 PRO a CD  1 
ATOM   1315 N  N   . VAL A 1 173 ? -16.848 2.988   0.954   1.00 35.35 ? 173 VAL a N   1 
ATOM   1316 C  CA  . VAL A 1 173 ? -15.794 3.908   0.540   1.00 35.35 ? 173 VAL a CA  1 
ATOM   1317 C  C   . VAL A 1 173 ? -14.750 3.085   -0.202  1.00 35.35 ? 173 VAL a C   1 
ATOM   1318 O  O   . VAL A 1 173 ? -14.123 2.196   0.384   1.00 35.35 ? 173 VAL a O   1 
ATOM   1319 C  CB  . VAL A 1 173 ? -15.176 4.642   1.740   1.00 35.35 ? 173 VAL a CB  1 
ATOM   1320 C  CG1 . VAL A 1 173 ? -14.201 5.707   1.268   1.00 35.35 ? 173 VAL a CG1 1 
ATOM   1321 C  CG2 . VAL A 1 173 ? -16.267 5.252   2.607   1.00 35.35 ? 173 VAL a CG2 1 
ATOM   1322 N  N   . ILE A 1 174 ? -14.560 3.382   -1.485  1.00 35.24 ? 174 ILE a N   1 
ATOM   1323 C  CA  . ILE A 1 174 ? -13.798 2.528   -2.389  1.00 35.24 ? 174 ILE a CA  1 
ATOM   1324 C  C   . ILE A 1 174 ? -12.546 3.264   -2.843  1.00 35.24 ? 174 ILE a C   1 
ATOM   1325 O  O   . ILE A 1 174 ? -12.628 4.396   -3.333  1.00 35.24 ? 174 ILE a O   1 
ATOM   1326 C  CB  . ILE A 1 174 ? -14.648 2.094   -3.598  1.00 35.24 ? 174 ILE a CB  1 
ATOM   1327 C  CG1 . ILE A 1 174 ? -15.945 1.435   -3.125  1.00 35.24 ? 174 ILE a CG1 1 
ATOM   1328 C  CG2 . ILE A 1 174 ? -13.870 1.146   -4.486  1.00 35.24 ? 174 ILE a CG2 1 
ATOM   1329 C  CD1 . ILE A 1 174 ? -17.081 1.542   -4.112  1.00 35.24 ? 174 ILE a CD1 1 
ATOM   1330 N  N   . PHE A 1 175 ? -11.393 2.618   -2.680  1.00 34.77 ? 175 PHE a N   1 
ATOM   1331 C  CA  . PHE A 1 175 ? -10.109 3.129   -3.143  1.00 34.77 ? 175 PHE a CA  1 
ATOM   1332 C  C   . PHE A 1 175 ? -9.546  2.188   -4.198  1.00 34.77 ? 175 PHE a C   1 
ATOM   1333 O  O   . PHE A 1 175 ? -9.509  0.971   -3.994  1.00 34.77 ? 175 PHE a O   1 
ATOM   1334 C  CB  . PHE A 1 175 ? -9.115  3.273   -1.986  1.00 34.77 ? 175 PHE a CB  1 
ATOM   1335 C  CG  . PHE A 1 175 ? -9.581  4.187   -0.890  1.00 34.77 ? 175 PHE a CG  1 
ATOM   1336 C  CD1 . PHE A 1 175 ? -9.425  5.558   -1.003  1.00 34.77 ? 175 PHE a CD1 1 
ATOM   1337 C  CD2 . PHE A 1 175 ? -10.169 3.677   0.253   1.00 34.77 ? 175 PHE a CD2 1 
ATOM   1338 C  CE1 . PHE A 1 175 ? -9.849  6.401   0.002   1.00 34.77 ? 175 PHE a CE1 1 
ATOM   1339 C  CE2 . PHE A 1 175 ? -10.596 4.517   1.261   1.00 34.77 ? 175 PHE a CE2 1 
ATOM   1340 C  CZ  . PHE A 1 175 ? -10.436 5.880   1.135   1.00 34.77 ? 175 PHE a CZ  1 
ATOM   1341 N  N   . ASN A 1 176 ? -9.107  2.751   -5.320  1.00 35.04 ? 176 ASN a N   1 
ATOM   1342 C  CA  . ASN A 1 176 ? -8.525  1.987   -6.417  1.00 35.04 ? 176 ASN a CA  1 
ATOM   1343 C  C   . ASN A 1 176 ? -7.047  2.326   -6.557  1.00 35.04 ? 176 ASN a C   1 
ATOM   1344 O  O   . ASN A 1 176 ? -6.667  3.499   -6.495  1.00 35.04 ? 176 ASN a O   1 
ATOM   1345 C  CB  . ASN A 1 176 ? -9.260  2.272   -7.728  1.00 35.04 ? 176 ASN a CB  1 
ATOM   1346 C  CG  . ASN A 1 176 ? -8.622  1.580   -8.914  1.00 35.04 ? 176 ASN a CG  1 
ATOM   1347 O  OD1 . ASN A 1 176 ? -8.520  2.152   -9.997  1.00 35.04 ? 176 ASN a OD1 1 
ATOM   1348 N  ND2 . ASN A 1 176 ? -8.187  0.344   -8.714  1.00 35.04 ? 176 ASN a ND2 1 
ATOM   1349 N  N   . PHE A 1 177 ? -6.219  1.301   -6.749  1.00 35.73 ? 177 PHE a N   1 
ATOM   1350 C  CA  . PHE A 1 177 ? -4.784  1.462   -6.942  1.00 35.73 ? 177 PHE a CA  1 
ATOM   1351 C  C   . PHE A 1 177 ? -4.415  1.072   -8.366  1.00 35.73 ? 177 PHE a C   1 
ATOM   1352 O  O   . PHE A 1 177 ? -4.826  0.011   -8.849  1.00 35.73 ? 177 PHE a O   1 
ATOM   1353 C  CB  . PHE A 1 177 ? -3.983  0.611   -5.950  1.00 35.73 ? 177 PHE a CB  1 
ATOM   1354 C  CG  . PHE A 1 177 ? -4.374  0.808   -4.512  1.00 35.73 ? 177 PHE a CG  1 
ATOM   1355 C  CD1 . PHE A 1 177 ? -5.528  0.234   -4.002  1.00 35.73 ? 177 PHE a CD1 1 
ATOM   1356 C  CD2 . PHE A 1 177 ? -3.584  1.568   -3.668  1.00 35.73 ? 177 PHE a CD2 1 
ATOM   1357 C  CE1 . PHE A 1 177 ? -5.883  0.416   -2.681  1.00 35.73 ? 177 PHE a CE1 1 
ATOM   1358 C  CE2 . PHE A 1 177 ? -3.935  1.754   -2.346  1.00 35.73 ? 177 PHE a CE2 1 
ATOM   1359 C  CZ  . PHE A 1 177 ? -5.086  1.177   -1.853  1.00 35.73 ? 177 PHE a CZ  1 
ATOM   1360 N  N   . GLN A 1 178 ? -3.639  1.923   -9.033  1.00 36.01 ? 178 GLN a N   1 
ATOM   1361 C  CA  . GLN A 1 178 ? -3.184  1.667   -10.395 1.00 36.01 ? 178 GLN a CA  1 
ATOM   1362 C  C   . GLN A 1 178 ? -1.669  1.789   -10.450 1.00 36.01 ? 178 GLN a C   1 
ATOM   1363 O  O   . GLN A 1 178 ? -1.118  2.843   -10.117 1.00 36.01 ? 178 GLN a O   1 
ATOM   1364 C  CB  . GLN A 1 178 ? -3.830  2.633   -11.390 1.00 36.01 ? 178 GLN a CB  1 
ATOM   1365 C  CG  . GLN A 1 178 ? -3.456  2.350   -12.834 1.00 36.01 ? 178 GLN a CG  1 
ATOM   1366 C  CD  . GLN A 1 178 ? -4.148  3.277   -13.808 1.00 36.01 ? 178 GLN a CD  1 
ATOM   1367 O  OE1 . GLN A 1 178 ? -4.892  4.172   -13.408 1.00 36.01 ? 178 GLN a OE1 1 
ATOM   1368 N  NE2 . GLN A 1 178 ? -3.908  3.068   -15.095 1.00 36.01 ? 178 GLN a NE2 1 
ATOM   1369 N  N   . VAL A 1 179 ? -1.002  0.715   -10.870 1.00 34.73 ? 179 VAL a N   1 
ATOM   1370 C  CA  . VAL A 1 179 ? 0.446   0.742   -11.034 1.00 34.73 ? 179 VAL a CA  1 
ATOM   1371 C  C   . VAL A 1 179 ? 0.800   1.531   -12.286 1.00 34.73 ? 179 VAL a C   1 
ATOM   1372 O  O   . VAL A 1 179 ? 0.230   1.307   -13.362 1.00 34.73 ? 179 VAL a O   1 
ATOM   1373 C  CB  . VAL A 1 179 ? 1.004   -0.686  -11.099 1.00 34.73 ? 179 VAL a CB  1 
ATOM   1374 C  CG1 . VAL A 1 179 ? 2.488   -0.658  -11.390 1.00 34.73 ? 179 VAL a CG1 1 
ATOM   1375 C  CG2 . VAL A 1 179 ? 0.730   -1.422  -9.802  1.00 34.73 ? 179 VAL a CG2 1 
ATOM   1376 N  N   . LEU A 1 180 ? 1.747   2.459   -12.154 1.00 34.34 ? 180 LEU a N   1 
ATOM   1377 C  CA  . LEU A 1 180 ? 2.207   3.271   -13.274 1.00 34.34 ? 180 LEU a CA  1 
ATOM   1378 C  C   . LEU A 1 180 ? 3.582   2.858   -13.779 1.00 34.34 ? 180 LEU a C   1 
ATOM   1379 O  O   . LEU A 1 180 ? 3.760   2.657   -14.984 1.00 34.34 ? 180 LEU a O   1 
ATOM   1380 C  CB  . LEU A 1 180 ? 2.222   4.755   -12.881 1.00 34.34 ? 180 LEU a CB  1 
ATOM   1381 C  CG  . LEU A 1 180 ? 0.896   5.364   -12.423 1.00 34.34 ? 180 LEU a CG  1 
ATOM   1382 C  CD1 . LEU A 1 180 ? 1.131   6.701   -11.742 1.00 34.34 ? 180 LEU a CD1 1 
ATOM   1383 C  CD2 . LEU A 1 180 ? -0.059  5.517   -13.592 1.00 34.34 ? 180 LEU a CD2 1 
ATOM   1384 N  N   . GLN A 1 181 ? 4.563   2.724   -12.889 1.00 36.38 ? 181 GLN a N   1 
ATOM   1385 C  CA  . GLN A 1 181 ? 5.906   2.324   -13.284 1.00 36.38 ? 181 GLN a CA  1 
ATOM   1386 C  C   . GLN A 1 181 ? 6.507   1.433   -12.208 1.00 36.38 ? 181 GLN a C   1 
ATOM   1387 O  O   . GLN A 1 181 ? 6.207   1.578   -11.021 1.00 36.38 ? 181 GLN a O   1 
ATOM   1388 C  CB  . GLN A 1 181 ? 6.811   3.537   -13.532 1.00 36.38 ? 181 GLN a CB  1 
ATOM   1389 C  CG  . GLN A 1 181 ? 6.603   4.203   -14.880 1.00 36.38 ? 181 GLN a CG  1 
ATOM   1390 C  CD  . GLN A 1 181 ? 7.441   5.451   -15.045 1.00 36.38 ? 181 GLN a CD  1 
ATOM   1391 O  OE1 . GLN A 1 181 ? 7.695   6.173   -14.083 1.00 36.38 ? 181 GLN a OE1 1 
ATOM   1392 N  NE2 . GLN A 1 181 ? 7.877   5.714   -16.271 1.00 36.38 ? 181 GLN a NE2 1 
ATOM   1393 N  N   . VAL A 1 182 ? 7.366   0.512   -12.640 1.00 37.39 ? 182 VAL a N   1 
ATOM   1394 C  CA  . VAL A 1 182 ? 8.003   -0.463  -11.763 1.00 37.39 ? 182 VAL a CA  1 
ATOM   1395 C  C   . VAL A 1 182 ? 9.456   -0.627  -12.188 1.00 37.39 ? 182 VAL a C   1 
ATOM   1396 O  O   . VAL A 1 182 ? 9.781   -0.612  -13.378 1.00 37.39 ? 182 VAL a O   1 
ATOM   1397 C  CB  . VAL A 1 182 ? 7.272   -1.828  -11.789 1.00 37.39 ? 182 VAL a CB  1 
ATOM   1398 C  CG1 . VAL A 1 182 ? 8.019   -2.861  -10.971 1.00 37.39 ? 182 VAL a CG1 1 
ATOM   1399 C  CG2 . VAL A 1 182 ? 5.867   -1.685  -11.252 1.00 37.39 ? 182 VAL a CG2 1 
ATOM   1400 N  N   . GLY A 1 183 ? 10.331  -0.778  -11.199 1.00 37.11 ? 183 GLY a N   1 
ATOM   1401 C  CA  . GLY A 1 183 ? 11.727  -1.076  -11.454 1.00 37.11 ? 183 GLY a CA  1 
ATOM   1402 C  C   . GLY A 1 183 ? 12.306  -2.025  -10.426 1.00 37.11 ? 183 GLY a C   1 
ATOM   1403 O  O   . GLY A 1 183 ? 13.179  -2.840  -10.721 1.00 37.11 ? 183 GLY a O   1 
ATOM   1404 O  OXT . GLY A 1 183 ? 11.910  -2.006  -9.263  1.00 37.11 ? 183 GLY a OXT 1 
HETATM 1405 CA CA  . CA  B 2 .   ? -22.322 20.615  10.233  1.00 30.48 ? 201 CA  a CA  1 
HETATM 1406 CA CA  . CA  C 2 .   ? -17.131 17.223  16.579  1.00 36.50 ? 202 CA  a CA  1 
HETATM 1407 O  O   . HOH D 3 .   ? -23.837 20.522  5.557   1.00 33.18 ? 301 HOH a O   1 
HETATM 1408 O  O   . HOH D 3 .   ? -14.769 15.192  17.934  1.00 37.25 ? 302 HOH a O   1 
# 
